data_7TU7
#
_entry.id   7TU7
#
_cell.length_a   1.00
_cell.length_b   1.00
_cell.length_c   1.00
_cell.angle_alpha   90.00
_cell.angle_beta   90.00
_cell.angle_gamma   90.00
#
_symmetry.space_group_name_H-M   'P 1'
#
loop_
_entity.id
_entity.type
_entity.pdbx_description
1 polymer 'dGTP triphosphohydrolase'
2 non-polymer "2'-DEOXYGUANOSINE-5'-TRIPHOSPHATE"
3 non-polymer 'MAGNESIUM ION'
#
_entity_poly.entity_id   1
_entity_poly.type   'polypeptide(L)'
_entity_poly.pdbx_seq_one_letter_code
;MHHHHHHSSGVDLGTENLYFQSNANWEHLLSLKRQGDTAKRLRIEQDDTRLGFEVDYDRIIFSAPFRSLQDKTQVIPLSK
TDFVHTRLTHSLEVSVVGRSLGRMVGKKLLEKYPHLEQVYGYKFNDFGAIVAAAALAHDIGNPPFGASGEKAIGEFFKNG
YGKRYKDSLTAKEYQDLIKFEGNANGFKVLSQSKPGAQGGLRLSYATLGAFMKYPKESLPHKPSDHIADKKYGFFQSERA
LFEDVAQELGLLKRSTTDDVSWSRHPLAYLVEAADDICYTIIDFEDGINLGLIPEEYALEYMVKLVGQTIDRNKYNALQE
TSDRVSYLRALAIGTLINESVDTFMKYEEEILAGTFDQSLIDKSNYQAQITDIINLSIERIYNSREVIEKEIAGYEILST
LLEARCRALDNNDTHYNQLIQQLLAPNDHSEKSLYENLIQICAEVSTMTDGKALRNYKKIKGLD
;
_entity_poly.pdbx_strand_id   A,B,C,D,E,F
#
# COMPACT_ATOMS: atom_id res chain seq x y z
N ASN A 25 37.25 -1.72 -50.20
CA ASN A 25 36.39 -1.98 -51.35
C ASN A 25 34.93 -2.10 -50.94
N TRP A 26 34.08 -1.31 -51.60
CA TRP A 26 32.67 -1.25 -51.23
C TRP A 26 31.90 -2.50 -51.66
N GLU A 27 32.41 -3.25 -52.64
CA GLU A 27 31.71 -4.45 -53.07
C GLU A 27 31.71 -5.53 -52.00
N HIS A 28 32.69 -5.49 -51.09
CA HIS A 28 32.76 -6.46 -50.01
C HIS A 28 32.12 -5.97 -48.72
N LEU A 29 31.92 -4.66 -48.58
CA LEU A 29 31.29 -4.13 -47.38
C LEU A 29 29.78 -4.34 -47.39
N LEU A 30 29.17 -4.40 -48.56
CA LEU A 30 27.73 -4.60 -48.69
C LEU A 30 27.40 -6.06 -48.96
N SER A 31 27.73 -6.91 -47.99
CA SER A 31 27.60 -8.34 -48.14
C SER A 31 26.22 -8.82 -47.72
N LEU A 32 25.72 -9.84 -48.40
CA LEU A 32 24.40 -10.40 -48.14
C LEU A 32 24.47 -11.78 -47.52
N LYS A 33 25.62 -12.16 -46.97
CA LYS A 33 25.77 -13.49 -46.41
C LYS A 33 25.01 -13.64 -45.11
N ARG A 34 24.60 -14.87 -44.81
CA ARG A 34 23.95 -15.20 -43.57
C ARG A 34 24.64 -16.40 -42.95
N GLN A 35 24.50 -16.54 -41.64
CA GLN A 35 25.23 -17.57 -40.91
C GLN A 35 24.82 -18.96 -41.39
N GLY A 36 25.81 -19.78 -41.72
CA GLY A 36 25.59 -21.12 -42.21
C GLY A 36 25.19 -21.17 -43.67
N ASP A 37 25.95 -20.49 -44.52
CA ASP A 37 25.68 -20.45 -45.95
C ASP A 37 26.91 -20.88 -46.72
N THR A 38 26.70 -21.60 -47.82
CA THR A 38 27.79 -22.09 -48.65
C THR A 38 27.78 -21.54 -50.07
N ALA A 39 26.65 -21.05 -50.56
CA ALA A 39 26.55 -20.46 -51.89
C ALA A 39 26.43 -18.95 -51.75
N LYS A 40 27.28 -18.23 -52.48
CA LYS A 40 27.35 -16.78 -52.33
C LYS A 40 26.13 -16.13 -52.95
N ARG A 41 25.38 -15.39 -52.14
CA ARG A 41 24.22 -14.63 -52.62
C ARG A 41 24.69 -13.39 -53.39
N LEU A 42 23.99 -13.09 -54.48
CA LEU A 42 24.34 -11.97 -55.33
C LEU A 42 23.20 -10.97 -55.37
N ARG A 43 23.54 -9.70 -55.56
CA ARG A 43 22.55 -8.64 -55.57
C ARG A 43 21.66 -8.71 -56.81
N ILE A 44 22.21 -9.14 -57.95
CA ILE A 44 21.43 -9.23 -59.18
C ILE A 44 20.34 -10.29 -59.03
N GLU A 45 20.61 -11.36 -58.32
CA GLU A 45 19.69 -12.48 -58.18
C GLU A 45 18.70 -12.31 -57.03
N GLN A 46 18.43 -11.08 -56.62
CA GLN A 46 17.49 -10.82 -55.54
C GLN A 46 16.15 -10.32 -56.07
N LEU A 51 13.87 -8.50 -50.58
CA LEU A 51 15.24 -8.02 -50.50
C LEU A 51 15.85 -8.36 -49.14
N GLY A 52 17.17 -8.60 -49.14
CA GLY A 52 17.81 -9.10 -47.93
C GLY A 52 17.83 -8.11 -46.78
N PHE A 53 18.00 -6.82 -47.09
CA PHE A 53 18.18 -5.82 -46.05
C PHE A 53 16.87 -5.34 -45.42
N GLU A 54 15.72 -5.75 -45.94
CA GLU A 54 14.44 -5.41 -45.34
C GLU A 54 13.90 -6.51 -44.43
N VAL A 55 14.24 -7.76 -44.74
CA VAL A 55 13.90 -8.87 -43.88
C VAL A 55 14.54 -8.69 -42.50
N ASP A 56 15.69 -8.02 -42.46
CA ASP A 56 16.32 -7.74 -41.17
C ASP A 56 15.44 -6.85 -40.30
N TYR A 57 14.91 -5.79 -40.91
CA TYR A 57 13.98 -4.90 -40.22
C TYR A 57 12.76 -5.67 -39.72
N ASP A 58 12.17 -6.49 -40.60
CA ASP A 58 10.98 -7.23 -40.20
C ASP A 58 11.29 -8.22 -39.08
N ARG A 59 12.42 -8.91 -39.16
CA ARG A 59 12.76 -9.91 -38.15
C ARG A 59 13.03 -9.26 -36.80
N ILE A 60 13.67 -8.09 -36.79
CA ILE A 60 13.88 -7.40 -35.53
C ILE A 60 12.56 -6.91 -34.95
N ILE A 61 11.62 -6.49 -35.80
CA ILE A 61 10.35 -5.95 -35.30
C ILE A 61 9.57 -7.01 -34.55
N PHE A 62 9.60 -8.26 -35.04
CA PHE A 62 8.75 -9.32 -34.52
C PHE A 62 9.38 -10.12 -33.38
N SER A 63 10.55 -9.75 -32.90
CA SER A 63 11.27 -10.55 -31.92
C SER A 63 10.99 -10.07 -30.49
N ALA A 64 11.05 -11.00 -29.55
CA ALA A 64 10.84 -10.67 -28.14
C ALA A 64 11.86 -9.70 -27.56
N PRO A 65 13.17 -9.82 -27.84
CA PRO A 65 14.12 -8.81 -27.30
C PRO A 65 13.78 -7.39 -27.69
N PHE A 66 13.30 -7.16 -28.91
CA PHE A 66 12.89 -5.82 -29.31
C PHE A 66 11.66 -5.38 -28.52
N ARG A 67 10.73 -6.30 -28.27
CA ARG A 67 9.52 -5.96 -27.53
C ARG A 67 9.81 -5.66 -26.07
N SER A 68 10.88 -6.21 -25.51
CA SER A 68 11.21 -5.91 -24.13
C SER A 68 11.72 -4.49 -23.93
N LEU A 69 11.97 -3.75 -25.00
CA LEU A 69 12.50 -2.39 -24.91
C LEU A 69 11.46 -1.35 -24.51
N GLN A 70 10.18 -1.72 -24.43
CA GLN A 70 9.15 -0.73 -24.14
C GLN A 70 9.21 -0.24 -22.70
N ASP A 71 9.76 -1.02 -21.79
CA ASP A 71 9.83 -0.64 -20.38
C ASP A 71 11.27 -0.73 -19.88
N LYS A 72 12.19 -0.14 -20.63
CA LYS A 72 13.58 -0.03 -20.22
C LYS A 72 13.98 1.44 -20.21
N THR A 73 14.85 1.78 -19.25
CA THR A 73 15.19 3.17 -19.00
C THR A 73 16.00 3.77 -20.14
N GLN A 74 15.64 4.99 -20.56
CA GLN A 74 16.43 5.80 -21.47
C GLN A 74 17.22 6.81 -20.57
N VAL A 75 16.53 7.70 -19.85
CA VAL A 75 17.17 8.63 -18.93
C VAL A 75 16.53 8.52 -17.55
N ILE A 76 15.20 8.59 -17.49
CA ILE A 76 14.46 8.60 -16.24
C ILE A 76 13.94 7.20 -15.99
N PRO A 77 14.41 6.50 -14.95
CA PRO A 77 13.88 5.16 -14.68
C PRO A 77 12.45 5.21 -14.17
N LEU A 78 11.72 4.13 -14.42
CA LEU A 78 10.33 3.98 -14.00
C LEU A 78 9.50 5.18 -14.46
N SER A 79 9.37 5.27 -15.79
CA SER A 79 8.87 6.46 -16.46
C SER A 79 7.50 6.92 -15.98
N LYS A 80 6.76 6.08 -15.26
CA LYS A 80 5.44 6.42 -14.74
C LYS A 80 4.45 6.75 -15.85
N THR A 81 4.63 6.11 -17.01
CA THR A 81 3.71 6.26 -18.15
C THR A 81 3.52 7.72 -18.54
N ASP A 82 4.60 8.49 -18.52
CA ASP A 82 4.56 9.90 -18.85
C ASP A 82 4.86 10.10 -20.34
N PHE A 83 5.09 11.35 -20.74
CA PHE A 83 5.43 11.67 -22.12
C PHE A 83 6.90 11.49 -22.44
N VAL A 84 7.73 11.15 -21.45
CA VAL A 84 9.16 10.99 -21.65
C VAL A 84 9.45 9.73 -22.45
N HIS A 85 10.67 9.61 -22.96
CA HIS A 85 11.03 8.54 -23.86
C HIS A 85 11.43 7.27 -23.12
N THR A 86 11.28 6.15 -23.79
CA THR A 86 11.84 4.87 -23.39
C THR A 86 12.87 4.44 -24.41
N ARG A 87 13.43 3.25 -24.23
CA ARG A 87 14.41 2.74 -25.19
C ARG A 87 13.77 2.50 -26.55
N LEU A 88 12.52 2.02 -26.57
CA LEU A 88 11.86 1.66 -27.83
C LEU A 88 11.63 2.88 -28.71
N THR A 89 11.04 3.93 -28.15
CA THR A 89 10.77 5.14 -28.94
C THR A 89 12.05 5.82 -29.38
N HIS A 90 13.07 5.82 -28.51
CA HIS A 90 14.38 6.33 -28.89
C HIS A 90 14.96 5.56 -30.07
N SER A 91 14.83 4.23 -30.05
CA SER A 91 15.34 3.43 -31.15
C SER A 91 14.59 3.72 -32.44
N LEU A 92 13.27 3.93 -32.35
CA LEU A 92 12.49 4.25 -33.54
C LEU A 92 12.94 5.58 -34.17
N GLU A 93 13.13 6.61 -33.33
CA GLU A 93 13.59 7.89 -33.87
C GLU A 93 14.98 7.78 -34.47
N VAL A 94 15.87 7.04 -33.81
CA VAL A 94 17.21 6.84 -34.36
C VAL A 94 17.12 6.12 -35.70
N SER A 95 16.18 5.19 -35.85
CA SER A 95 16.00 4.48 -37.10
C SER A 95 15.55 5.40 -38.23
N VAL A 96 14.61 6.31 -37.94
CA VAL A 96 14.16 7.25 -38.97
C VAL A 96 15.31 8.16 -39.43
N VAL A 97 16.04 8.72 -38.46
CA VAL A 97 17.16 9.60 -38.80
C VAL A 97 18.23 8.83 -39.55
N GLY A 98 18.47 7.58 -39.17
CA GLY A 98 19.45 6.77 -39.87
C GLY A 98 19.05 6.45 -41.29
N ARG A 99 17.76 6.18 -41.52
CA ARG A 99 17.30 5.96 -42.88
C ARG A 99 17.56 7.19 -43.75
N SER A 100 17.27 8.37 -43.22
CA SER A 100 17.52 9.60 -43.99
C SER A 100 19.01 9.76 -44.31
N LEU A 101 19.87 9.60 -43.29
CA LEU A 101 21.30 9.75 -43.51
C LEU A 101 21.82 8.74 -44.54
N GLY A 102 21.38 7.48 -44.41
CA GLY A 102 21.84 6.46 -45.32
C GLY A 102 21.39 6.70 -46.76
N ARG A 103 20.16 7.17 -46.93
CA ARG A 103 19.68 7.47 -48.28
C ARG A 103 20.53 8.56 -48.93
N MET A 104 20.79 9.65 -48.21
CA MET A 104 21.58 10.74 -48.78
C MET A 104 23.00 10.28 -49.11
N VAL A 105 23.64 9.58 -48.18
CA VAL A 105 25.02 9.12 -48.40
C VAL A 105 25.07 8.13 -49.54
N GLY A 106 24.06 7.27 -49.66
CA GLY A 106 24.05 6.30 -50.76
C GLY A 106 23.88 6.97 -52.11
N LYS A 107 23.05 8.02 -52.17
CA LYS A 107 22.94 8.79 -53.41
C LYS A 107 24.31 9.35 -53.82
N LYS A 108 25.00 9.98 -52.87
CA LYS A 108 26.29 10.58 -53.21
C LYS A 108 27.33 9.52 -53.57
N LEU A 109 27.32 8.39 -52.86
CA LEU A 109 28.28 7.32 -53.15
C LEU A 109 28.04 6.74 -54.54
N LEU A 110 26.78 6.47 -54.88
CA LEU A 110 26.48 5.96 -56.21
C LEU A 110 26.84 6.98 -57.28
N GLU A 111 26.75 8.27 -56.97
CA GLU A 111 27.27 9.27 -57.90
C GLU A 111 28.78 9.15 -58.06
N LYS A 112 29.50 8.88 -56.97
CA LYS A 112 30.96 8.87 -57.04
C LYS A 112 31.49 7.63 -57.76
N TYR A 113 30.94 6.44 -57.45
CA TYR A 113 31.39 5.19 -58.04
C TYR A 113 30.29 4.63 -58.92
N PRO A 114 30.25 4.95 -60.21
CA PRO A 114 29.15 4.45 -61.07
C PRO A 114 29.08 2.94 -61.15
N HIS A 115 30.22 2.25 -61.15
CA HIS A 115 30.23 0.81 -61.35
C HIS A 115 29.52 0.06 -60.23
N LEU A 116 29.28 0.71 -59.09
CA LEU A 116 28.52 0.09 -58.02
C LEU A 116 27.09 -0.20 -58.43
N GLU A 117 26.57 0.52 -59.43
CA GLU A 117 25.20 0.34 -59.90
C GLU A 117 25.10 -0.32 -61.26
N GLN A 118 26.02 0.00 -62.18
CA GLN A 118 25.93 -0.49 -63.54
C GLN A 118 26.42 -1.93 -63.71
N VAL A 119 27.09 -2.49 -62.71
CA VAL A 119 27.62 -3.84 -62.81
C VAL A 119 27.05 -4.70 -61.68
N TYR A 120 27.31 -4.30 -60.44
CA TYR A 120 26.84 -5.07 -59.30
C TYR A 120 25.34 -4.94 -59.09
N GLY A 121 24.80 -3.73 -59.20
CA GLY A 121 23.37 -3.53 -59.10
C GLY A 121 22.86 -3.05 -57.75
N TYR A 122 23.53 -2.07 -57.16
CA TYR A 122 23.15 -1.53 -55.87
C TYR A 122 22.42 -0.20 -56.07
N LYS A 123 21.30 -0.03 -55.38
CA LYS A 123 20.50 1.18 -55.41
C LYS A 123 20.65 1.93 -54.11
N PHE A 124 20.22 3.19 -54.11
CA PHE A 124 20.42 4.04 -52.94
C PHE A 124 19.51 3.68 -51.78
N ASN A 125 18.54 2.79 -51.97
CA ASN A 125 17.70 2.34 -50.87
C ASN A 125 18.38 1.28 -50.00
N ASP A 126 19.35 0.55 -50.55
CA ASP A 126 20.03 -0.49 -49.77
C ASP A 126 20.81 0.10 -48.61
N PHE A 127 21.49 1.23 -48.83
CA PHE A 127 22.21 1.90 -47.75
C PHE A 127 21.25 2.33 -46.64
N GLY A 128 20.11 2.90 -47.03
CA GLY A 128 19.11 3.29 -46.05
C GLY A 128 18.60 2.10 -45.26
N ALA A 129 18.36 0.98 -45.95
CA ALA A 129 17.90 -0.21 -45.26
C ALA A 129 18.93 -0.72 -44.26
N ILE A 130 20.21 -0.74 -44.66
CA ILE A 130 21.26 -1.23 -43.76
C ILE A 130 21.36 -0.34 -42.53
N VAL A 131 21.38 0.98 -42.74
CA VAL A 131 21.55 1.89 -41.62
C VAL A 131 20.31 1.88 -40.71
N ALA A 132 19.12 1.77 -41.30
CA ALA A 132 17.90 1.69 -40.51
C ALA A 132 17.85 0.42 -39.67
N ALA A 133 18.20 -0.72 -40.26
CA ALA A 133 18.21 -1.97 -39.50
C ALA A 133 19.24 -1.95 -38.39
N ALA A 134 20.43 -1.42 -38.67
CA ALA A 134 21.45 -1.34 -37.63
C ALA A 134 21.06 -0.39 -36.52
N ALA A 135 20.42 0.73 -36.87
CA ALA A 135 20.03 1.72 -35.86
C ALA A 135 18.84 1.25 -35.03
N LEU A 136 17.97 0.42 -35.61
CA LEU A 136 16.86 -0.12 -34.84
C LEU A 136 17.33 -1.03 -33.72
N ALA A 137 18.39 -1.81 -33.97
CA ALA A 137 18.90 -2.79 -33.01
C ALA A 137 20.12 -2.30 -32.24
N HIS A 138 20.48 -1.02 -32.38
CA HIS A 138 21.75 -0.52 -31.83
C HIS A 138 21.80 -0.57 -30.31
N ASP A 139 20.67 -0.79 -29.64
CA ASP A 139 20.58 -0.50 -28.21
C ASP A 139 19.86 -1.64 -27.49
N ILE A 140 19.79 -2.80 -28.13
CA ILE A 140 18.96 -3.93 -27.69
C ILE A 140 19.55 -4.73 -26.54
N GLY A 141 20.85 -4.65 -26.30
CA GLY A 141 21.47 -5.38 -25.22
C GLY A 141 21.51 -4.67 -23.89
N ASN A 142 20.90 -3.50 -23.79
CA ASN A 142 21.00 -2.70 -22.57
C ASN A 142 20.21 -3.36 -21.44
N PRO A 143 20.72 -3.32 -20.21
CA PRO A 143 20.01 -3.88 -19.08
C PRO A 143 18.97 -2.90 -18.54
N PRO A 144 18.12 -3.33 -17.62
CA PRO A 144 17.25 -2.38 -16.93
C PRO A 144 18.05 -1.34 -16.14
N PHE A 145 17.46 -0.15 -16.00
CA PHE A 145 17.97 1.00 -15.27
C PHE A 145 19.14 1.68 -15.97
N GLY A 146 19.42 1.33 -17.22
CA GLY A 146 20.33 2.13 -18.03
C GLY A 146 21.78 1.98 -17.64
N ALA A 147 22.50 3.11 -17.64
CA ALA A 147 23.92 3.10 -17.35
C ALA A 147 24.20 2.63 -15.92
N SER A 148 23.39 3.08 -14.97
CA SER A 148 23.54 2.63 -13.59
C SER A 148 23.42 1.12 -13.48
N GLY A 149 22.59 0.50 -14.32
CA GLY A 149 22.50 -0.96 -14.30
C GLY A 149 23.78 -1.64 -14.72
N GLU A 150 24.42 -1.15 -15.78
CA GLU A 150 25.70 -1.71 -16.20
C GLU A 150 26.75 -1.51 -15.11
N LYS A 151 26.77 -0.34 -14.49
CA LYS A 151 27.73 -0.10 -13.41
C LYS A 151 27.49 -1.05 -12.24
N ALA A 152 26.22 -1.31 -11.91
CA ALA A 152 25.93 -2.22 -10.82
C ALA A 152 26.35 -3.65 -11.14
N ILE A 153 26.10 -4.11 -12.36
CA ILE A 153 26.50 -5.46 -12.75
C ILE A 153 28.01 -5.60 -12.67
N GLY A 154 28.74 -4.56 -13.10
CA GLY A 154 30.19 -4.61 -12.97
C GLY A 154 30.68 -4.58 -11.53
N GLU A 155 30.09 -3.72 -10.71
CA GLU A 155 30.53 -3.60 -9.32
C GLU A 155 30.24 -4.88 -8.53
N PHE A 156 29.22 -5.64 -8.94
CA PHE A 156 28.93 -6.90 -8.27
C PHE A 156 30.12 -7.86 -8.36
N PHE A 157 30.72 -7.98 -9.55
CA PHE A 157 31.89 -8.83 -9.70
C PHE A 157 33.15 -8.16 -9.16
N LYS A 158 33.21 -6.83 -9.18
CA LYS A 158 34.42 -6.15 -8.75
C LYS A 158 34.58 -6.18 -7.24
N ASN A 159 33.63 -5.58 -6.51
CA ASN A 159 33.73 -5.45 -5.05
C ASN A 159 32.53 -6.08 -4.34
N GLY A 160 32.03 -7.20 -4.84
CA GLY A 160 30.89 -7.86 -4.26
C GLY A 160 31.12 -9.34 -4.14
N TYR A 161 30.02 -10.09 -4.23
CA TYR A 161 30.08 -11.54 -4.12
C TYR A 161 30.92 -12.15 -5.24
N GLY A 162 30.60 -11.81 -6.49
CA GLY A 162 31.24 -12.40 -7.65
C GLY A 162 32.75 -12.35 -7.66
N LYS A 163 33.32 -11.50 -6.79
CA LYS A 163 34.77 -11.41 -6.66
C LYS A 163 35.39 -12.77 -6.40
N ARG A 164 34.66 -13.68 -5.74
CA ARG A 164 35.23 -14.98 -5.41
C ARG A 164 35.65 -15.75 -6.65
N TYR A 165 35.12 -15.42 -7.83
CA TYR A 165 35.44 -16.16 -9.03
C TYR A 165 36.71 -15.68 -9.72
N LYS A 166 37.37 -14.64 -9.20
CA LYS A 166 38.49 -14.03 -9.90
C LYS A 166 39.59 -15.05 -10.19
N ASP A 167 39.88 -15.92 -9.22
CA ASP A 167 40.96 -16.89 -9.39
C ASP A 167 40.63 -18.00 -10.38
N SER A 168 39.37 -18.16 -10.78
CA SER A 168 38.97 -19.29 -11.60
C SER A 168 38.78 -18.94 -13.07
N LEU A 169 39.12 -17.72 -13.48
CA LEU A 169 38.85 -17.26 -14.83
C LEU A 169 40.09 -16.60 -15.43
N THR A 170 40.17 -16.67 -16.76
CA THR A 170 41.22 -15.97 -17.49
C THR A 170 41.02 -14.45 -17.37
N ALA A 171 42.10 -13.66 -17.40
CA ALA A 171 42.07 -12.20 -17.34
C ALA A 171 41.19 -11.53 -18.38
N LYS A 172 41.00 -12.17 -19.50
CA LYS A 172 40.14 -11.63 -20.53
C LYS A 172 38.70 -11.92 -20.17
N GLU A 173 38.47 -13.01 -19.46
CA GLU A 173 37.13 -13.39 -19.06
C GLU A 173 36.66 -12.59 -17.87
N TYR A 174 37.57 -12.23 -16.98
CA TYR A 174 37.31 -11.39 -15.82
C TYR A 174 37.09 -9.93 -16.23
N GLN A 175 37.85 -9.44 -17.20
CA GLN A 175 37.62 -8.09 -17.70
C GLN A 175 36.31 -7.98 -18.46
N ASP A 176 35.85 -9.07 -19.08
CA ASP A 176 34.50 -9.09 -19.60
C ASP A 176 33.48 -8.92 -18.49
N LEU A 177 33.70 -9.60 -17.37
CA LEU A 177 32.71 -9.60 -16.29
C LEU A 177 32.66 -8.26 -15.57
N ILE A 178 33.80 -7.62 -15.33
CA ILE A 178 33.83 -6.42 -14.51
C ILE A 178 33.65 -5.13 -15.29
N LYS A 179 33.58 -5.20 -16.61
CA LYS A 179 33.33 -4.03 -17.45
C LYS A 179 32.23 -4.33 -18.44
N PHE A 180 31.15 -4.89 -17.92
CA PHE A 180 30.00 -5.29 -18.73
C PHE A 180 29.40 -4.09 -19.44
N GLU A 181 29.31 -4.16 -20.77
CA GLU A 181 28.56 -3.18 -21.52
C GLU A 181 27.49 -3.85 -22.38
N GLY A 182 26.52 -3.04 -22.78
CA GLY A 182 25.39 -3.49 -23.55
C GLY A 182 25.67 -3.71 -25.02
N ASN A 183 26.81 -3.21 -25.46
CA ASN A 183 27.26 -3.37 -26.80
C ASN A 183 27.62 -4.82 -27.15
N ALA A 184 28.34 -5.53 -26.30
CA ALA A 184 28.65 -6.95 -26.39
C ALA A 184 27.43 -7.81 -26.16
N ASN A 185 26.59 -7.43 -25.19
CA ASN A 185 25.36 -8.16 -24.93
C ASN A 185 24.42 -8.09 -26.12
N GLY A 186 24.37 -6.93 -26.80
CA GLY A 186 23.54 -6.82 -27.98
C GLY A 186 24.01 -7.72 -29.12
N PHE A 187 25.32 -7.79 -29.34
CA PHE A 187 25.82 -8.70 -30.36
C PHE A 187 25.48 -10.15 -30.00
N LYS A 188 25.64 -10.54 -28.77
CA LYS A 188 25.31 -11.87 -28.35
C LYS A 188 23.84 -12.15 -28.53
N VAL A 189 22.98 -11.23 -28.17
CA VAL A 189 21.53 -11.43 -28.34
C VAL A 189 21.19 -11.60 -29.81
N LEU A 190 21.84 -10.83 -30.68
CA LEU A 190 21.55 -10.91 -32.11
C LEU A 190 22.04 -12.22 -32.72
N SER A 191 23.11 -12.81 -32.19
CA SER A 191 23.74 -13.95 -32.85
C SER A 191 23.82 -15.18 -31.94
N GLN A 192 22.74 -15.50 -31.25
CA GLN A 192 22.75 -16.57 -30.25
C GLN A 192 22.22 -17.87 -30.84
N SER A 193 23.00 -18.93 -30.72
CA SER A 193 22.63 -20.25 -31.22
C SER A 193 21.91 -21.04 -30.14
N LYS A 194 20.79 -21.65 -30.51
CA LYS A 194 19.98 -22.49 -29.64
C LYS A 194 19.66 -23.78 -30.38
N PRO A 195 19.33 -24.85 -29.66
CA PRO A 195 19.00 -26.12 -30.34
C PRO A 195 17.81 -25.95 -31.28
N GLY A 196 18.06 -26.24 -32.55
CA GLY A 196 17.04 -26.11 -33.58
C GLY A 196 17.02 -24.78 -34.28
N ALA A 197 17.79 -23.79 -33.82
CA ALA A 197 17.81 -22.47 -34.43
C ALA A 197 19.23 -21.93 -34.33
N GLN A 198 20.02 -22.15 -35.37
CA GLN A 198 21.39 -21.67 -35.42
C GLN A 198 21.44 -20.26 -35.97
N GLY A 199 22.28 -19.42 -35.38
CA GLY A 199 22.48 -18.06 -35.84
C GLY A 199 21.57 -17.03 -35.23
N GLY A 200 20.65 -17.43 -34.37
CA GLY A 200 19.75 -16.46 -33.76
C GLY A 200 18.82 -15.86 -34.80
N LEU A 201 18.85 -14.54 -34.91
CA LEU A 201 18.00 -13.84 -35.87
C LEU A 201 18.52 -13.94 -37.30
N ARG A 202 19.78 -14.32 -37.48
CA ARG A 202 20.37 -14.58 -38.79
C ARG A 202 20.29 -13.36 -39.70
N LEU A 203 20.81 -12.24 -39.21
CA LEU A 203 20.85 -11.01 -39.98
C LEU A 203 22.03 -11.03 -40.95
N SER A 204 21.99 -10.12 -41.91
CA SER A 204 23.02 -10.07 -42.93
C SER A 204 24.31 -9.52 -42.35
N TYR A 205 25.42 -9.85 -43.01
CA TYR A 205 26.73 -9.48 -42.47
C TYR A 205 26.96 -7.98 -42.53
N ALA A 206 26.40 -7.30 -43.54
CA ALA A 206 26.51 -5.85 -43.61
C ALA A 206 25.84 -5.19 -42.40
N THR A 207 24.67 -5.70 -42.01
CA THR A 207 23.97 -5.15 -40.85
C THR A 207 24.79 -5.35 -39.58
N LEU A 208 25.40 -6.53 -39.43
CA LEU A 208 26.23 -6.79 -38.25
C LEU A 208 27.46 -5.89 -38.23
N GLY A 209 28.06 -5.63 -39.39
CA GLY A 209 29.19 -4.72 -39.45
C GLY A 209 28.82 -3.29 -39.11
N ALA A 210 27.68 -2.83 -39.62
CA ALA A 210 27.22 -1.48 -39.30
C ALA A 210 26.75 -1.35 -37.86
N PHE A 211 26.36 -2.46 -37.23
CA PHE A 211 25.94 -2.42 -35.83
C PHE A 211 27.13 -2.28 -34.88
N MET A 212 28.28 -2.82 -35.23
CA MET A 212 29.45 -2.84 -34.35
C MET A 212 30.23 -1.53 -34.47
N LYS A 213 30.51 -0.92 -33.32
CA LYS A 213 31.26 0.32 -33.26
C LYS A 213 32.61 0.19 -32.55
N TYR A 214 32.80 -0.88 -31.79
CA TYR A 214 34.07 -1.13 -31.10
C TYR A 214 34.52 -2.53 -31.44
N PRO A 215 35.14 -2.73 -32.59
CA PRO A 215 35.55 -4.10 -32.99
C PRO A 215 36.84 -4.55 -32.31
N LYS A 216 36.75 -4.80 -31.01
CA LYS A 216 37.91 -5.23 -30.24
C LYS A 216 37.45 -5.97 -29.00
N GLU A 217 38.38 -6.67 -28.36
CA GLU A 217 38.11 -7.41 -27.13
C GLU A 217 38.27 -6.50 -25.91
N SER A 218 38.12 -7.09 -24.73
CA SER A 218 38.13 -6.32 -23.49
C SER A 218 39.54 -6.03 -22.96
N LEU A 219 40.58 -6.63 -23.55
CA LEU A 219 41.95 -6.32 -23.17
C LEU A 219 42.79 -6.12 -24.42
N PRO A 220 43.68 -5.12 -24.45
CA PRO A 220 43.95 -4.14 -23.39
C PRO A 220 42.89 -3.08 -23.24
N HIS A 221 42.85 -2.46 -22.07
CA HIS A 221 41.85 -1.45 -21.75
C HIS A 221 42.34 -0.08 -22.18
N LYS A 222 41.62 0.54 -23.12
CA LYS A 222 41.90 1.87 -23.65
C LYS A 222 43.35 2.00 -24.12
N PRO A 223 43.73 1.29 -25.19
CA PRO A 223 45.11 1.39 -25.65
C PRO A 223 45.51 2.74 -26.21
N SER A 224 44.55 3.59 -26.58
CA SER A 224 44.88 4.84 -27.26
C SER A 224 43.73 5.82 -27.06
N ASP A 225 43.77 6.92 -27.83
CA ASP A 225 42.74 7.95 -27.81
C ASP A 225 41.82 7.87 -29.02
N HIS A 226 41.86 6.77 -29.75
CA HIS A 226 40.96 6.57 -30.89
C HIS A 226 39.51 6.47 -30.41
N ILE A 227 38.58 6.86 -31.29
CA ILE A 227 37.17 6.79 -30.95
C ILE A 227 36.71 5.34 -30.87
N ALA A 228 37.33 4.46 -31.65
CA ALA A 228 36.94 3.05 -31.72
C ALA A 228 37.62 2.20 -30.66
N ASP A 229 38.17 2.82 -29.61
CA ASP A 229 38.91 2.10 -28.58
C ASP A 229 38.40 2.40 -27.18
N LYS A 230 37.25 3.07 -27.05
CA LYS A 230 36.76 3.43 -25.72
C LYS A 230 36.28 2.21 -24.95
N LYS A 231 35.63 1.27 -25.64
CA LYS A 231 35.08 0.09 -25.00
C LYS A 231 35.36 -1.11 -25.91
N TYR A 232 34.66 -2.21 -25.67
CA TYR A 232 34.78 -3.40 -26.51
C TYR A 232 33.40 -3.80 -27.03
N GLY A 233 33.41 -4.67 -28.04
CA GLY A 233 32.19 -4.96 -28.77
C GLY A 233 31.69 -6.39 -28.74
N PHE A 234 32.54 -7.34 -28.34
CA PHE A 234 32.11 -8.72 -28.27
C PHE A 234 32.78 -9.42 -27.10
N PHE A 235 32.10 -10.44 -26.57
CA PHE A 235 32.63 -11.28 -25.51
C PHE A 235 33.55 -12.34 -26.08
N GLN A 236 34.18 -13.10 -25.18
CA GLN A 236 35.06 -14.18 -25.62
C GLN A 236 34.27 -15.30 -26.27
N SER A 237 33.13 -15.67 -25.69
CA SER A 237 32.33 -16.77 -26.23
C SER A 237 31.84 -16.48 -27.64
N GLU A 238 31.64 -15.21 -27.98
CA GLU A 238 31.23 -14.83 -29.32
C GLU A 238 32.40 -14.46 -30.22
N ARG A 239 33.63 -14.44 -29.68
CA ARG A 239 34.76 -13.89 -30.42
C ARG A 239 34.91 -14.54 -31.79
N ALA A 240 34.96 -15.87 -31.82
CA ALA A 240 35.13 -16.58 -33.08
C ALA A 240 34.12 -16.14 -34.12
N LEU A 241 32.85 -15.98 -33.70
CA LEU A 241 31.82 -15.56 -34.63
C LEU A 241 32.22 -14.28 -35.34
N PHE A 242 32.63 -13.27 -34.58
CA PHE A 242 32.93 -11.99 -35.22
C PHE A 242 34.06 -12.12 -36.21
N GLU A 243 35.05 -12.98 -35.92
CA GLU A 243 36.14 -13.17 -36.85
C GLU A 243 35.60 -13.50 -38.24
N ASP A 244 34.65 -14.45 -38.29
CA ASP A 244 34.03 -14.80 -39.56
C ASP A 244 33.49 -13.57 -40.27
N VAL A 245 32.70 -12.77 -39.54
CA VAL A 245 32.14 -11.56 -40.12
C VAL A 245 33.26 -10.65 -40.61
N ALA A 246 34.27 -10.45 -39.77
CA ALA A 246 35.37 -9.56 -40.12
C ALA A 246 36.17 -10.10 -41.29
N GLN A 247 36.12 -11.41 -41.53
CA GLN A 247 36.79 -11.95 -42.71
C GLN A 247 35.98 -11.68 -43.96
N GLU A 248 34.65 -11.71 -43.87
CA GLU A 248 33.80 -11.59 -45.04
C GLU A 248 33.73 -10.16 -45.55
N LEU A 249 33.68 -9.19 -44.63
CA LEU A 249 33.54 -7.80 -45.03
C LEU A 249 34.86 -7.16 -45.46
N GLY A 250 35.97 -7.84 -45.25
CA GLY A 250 37.26 -7.24 -45.55
C GLY A 250 37.62 -6.06 -44.67
N LEU A 251 37.36 -6.16 -43.38
CA LEU A 251 37.78 -5.12 -42.45
C LEU A 251 39.31 -5.18 -42.27
N LEU A 252 39.87 -4.05 -41.87
CA LEU A 252 41.32 -3.90 -41.79
C LEU A 252 41.80 -4.16 -40.37
N LYS A 253 42.80 -5.02 -40.25
CA LYS A 253 43.31 -5.39 -38.93
C LYS A 253 44.08 -4.25 -38.29
N ARG A 254 44.10 -4.27 -36.96
CA ARG A 254 44.86 -3.29 -36.20
C ARG A 254 45.58 -3.91 -35.01
N SER A 255 45.63 -5.24 -34.93
CA SER A 255 46.13 -5.92 -33.74
C SER A 255 47.60 -5.63 -33.46
N THR A 256 48.48 -6.08 -34.36
CA THR A 256 49.93 -6.02 -34.15
C THR A 256 50.33 -6.67 -32.83
N THR A 257 49.51 -7.59 -32.36
CA THR A 257 49.72 -8.27 -31.08
C THR A 257 48.92 -9.57 -31.10
N ASP A 258 48.78 -10.19 -29.93
CA ASP A 258 48.00 -11.41 -29.79
C ASP A 258 46.52 -11.15 -29.52
N ASP A 259 46.13 -9.89 -29.32
CA ASP A 259 44.74 -9.50 -29.10
C ASP A 259 44.20 -8.86 -30.37
N VAL A 260 43.06 -9.36 -30.84
CA VAL A 260 42.54 -8.98 -32.15
C VAL A 260 41.77 -7.68 -32.05
N SER A 261 41.90 -6.84 -33.08
CA SER A 261 41.11 -5.63 -33.23
C SER A 261 41.11 -5.22 -34.69
N TRP A 262 39.98 -4.68 -35.15
CA TRP A 262 39.79 -4.33 -36.55
C TRP A 262 39.37 -2.87 -36.65
N SER A 263 39.31 -2.38 -37.89
CA SER A 263 38.81 -1.04 -38.14
C SER A 263 37.29 -1.04 -38.25
N ARG A 264 36.70 0.14 -38.11
CA ARG A 264 35.26 0.28 -38.12
C ARG A 264 34.68 0.13 -39.53
N HIS A 265 33.46 -0.39 -39.59
CA HIS A 265 32.67 -0.31 -40.81
C HIS A 265 32.26 1.14 -41.05
N PRO A 266 32.35 1.62 -42.29
CA PRO A 266 32.04 3.04 -42.54
C PRO A 266 30.64 3.47 -42.14
N LEU A 267 29.63 2.60 -42.29
CA LEU A 267 28.26 2.99 -41.94
C LEU A 267 28.04 3.02 -40.44
N ALA A 268 28.94 2.43 -39.65
CA ALA A 268 28.85 2.55 -38.21
C ALA A 268 29.00 4.00 -37.77
N TYR A 269 29.76 4.80 -38.52
CA TYR A 269 29.85 6.23 -38.25
C TYR A 269 28.49 6.90 -38.38
N LEU A 270 27.73 6.55 -39.43
CA LEU A 270 26.40 7.12 -39.62
C LEU A 270 25.46 6.69 -38.51
N VAL A 271 25.54 5.43 -38.09
CA VAL A 271 24.72 4.95 -36.98
C VAL A 271 25.00 5.76 -35.72
N GLU A 272 26.28 5.95 -35.41
CA GLU A 272 26.67 6.71 -34.23
C GLU A 272 26.23 8.17 -34.33
N ALA A 273 26.34 8.77 -35.51
CA ALA A 273 25.92 10.16 -35.69
C ALA A 273 24.42 10.32 -35.43
N ALA A 274 23.61 9.39 -35.96
CA ALA A 274 22.17 9.45 -35.75
C ALA A 274 21.82 9.29 -34.27
N ASP A 275 22.46 8.32 -33.60
CA ASP A 275 22.21 8.12 -32.17
C ASP A 275 22.50 9.40 -31.39
N ASP A 276 23.65 10.01 -31.66
CA ASP A 276 24.08 11.20 -30.93
C ASP A 276 23.14 12.37 -31.16
N ILE A 277 22.79 12.64 -32.43
CA ILE A 277 21.89 13.74 -32.74
C ILE A 277 20.58 13.57 -31.99
N CYS A 278 20.00 12.38 -32.10
CA CYS A 278 18.67 12.17 -31.52
C CYS A 278 18.69 12.37 -30.02
N TYR A 279 19.60 11.69 -29.31
CA TYR A 279 19.52 11.79 -27.86
C TYR A 279 19.90 13.17 -27.37
N THR A 280 20.88 13.83 -28.02
CA THR A 280 21.28 15.17 -27.60
C THR A 280 20.12 16.16 -27.70
N ILE A 281 19.36 16.15 -28.80
CA ILE A 281 18.28 17.12 -28.91
C ILE A 281 17.06 16.72 -28.05
N ILE A 282 16.68 15.43 -28.08
CA ILE A 282 15.43 15.04 -27.44
C ILE A 282 15.55 15.09 -25.92
N ASP A 283 16.74 14.91 -25.37
CA ASP A 283 16.91 14.99 -23.92
C ASP A 283 16.60 16.41 -23.48
N PHE A 284 17.16 17.39 -24.20
CA PHE A 284 16.91 18.79 -23.93
C PHE A 284 15.42 19.12 -24.00
N GLU A 285 14.77 18.67 -25.07
CA GLU A 285 13.34 18.97 -25.23
C GLU A 285 12.52 18.35 -24.11
N ASP A 286 12.83 17.11 -23.72
CA ASP A 286 12.08 16.45 -22.66
C ASP A 286 12.31 17.12 -21.32
N GLY A 287 13.54 17.57 -21.06
CA GLY A 287 13.78 18.32 -19.84
C GLY A 287 13.02 19.63 -19.79
N ILE A 288 12.91 20.30 -20.93
CA ILE A 288 12.12 21.54 -20.98
C ILE A 288 10.66 21.24 -20.71
N ASN A 289 10.11 20.20 -21.33
CA ASN A 289 8.69 19.89 -21.15
C ASN A 289 8.38 19.41 -19.73
N LEU A 290 9.35 18.87 -19.00
CA LEU A 290 9.10 18.37 -17.66
C LEU A 290 9.11 19.46 -16.60
N GLY A 291 9.64 20.64 -16.91
CA GLY A 291 9.78 21.70 -15.95
C GLY A 291 11.14 21.82 -15.29
N LEU A 292 12.11 21.01 -15.70
CA LEU A 292 13.44 21.08 -15.13
C LEU A 292 14.34 22.11 -15.80
N ILE A 293 13.97 22.60 -16.99
CA ILE A 293 14.75 23.61 -17.69
C ILE A 293 13.83 24.76 -18.09
N PRO A 294 14.19 26.01 -17.82
CA PRO A 294 13.39 27.14 -18.29
C PRO A 294 13.34 27.20 -19.81
N GLU A 295 12.20 27.71 -20.32
CA GLU A 295 11.98 27.76 -21.76
C GLU A 295 12.92 28.73 -22.45
N GLU A 296 13.42 29.75 -21.73
CA GLU A 296 14.28 30.74 -22.37
C GLU A 296 15.52 30.11 -22.99
N TYR A 297 16.13 29.17 -22.27
CA TYR A 297 17.30 28.48 -22.79
C TYR A 297 17.02 27.84 -24.14
N ALA A 298 15.78 27.44 -24.37
CA ALA A 298 15.41 26.80 -25.64
C ALA A 298 15.78 27.67 -26.82
N LEU A 299 15.70 28.99 -26.66
CA LEU A 299 16.11 29.90 -27.73
C LEU A 299 17.50 30.47 -27.52
N GLU A 300 18.06 30.35 -26.32
CA GLU A 300 19.40 30.86 -26.09
C GLU A 300 20.46 29.97 -26.73
N TYR A 301 20.21 28.66 -26.79
CA TYR A 301 21.19 27.70 -27.28
C TYR A 301 20.88 27.14 -28.65
N MET A 302 19.68 27.33 -29.17
CA MET A 302 19.23 26.64 -30.36
C MET A 302 19.15 27.55 -31.57
N VAL A 303 19.20 28.87 -31.38
CA VAL A 303 18.89 29.81 -32.45
C VAL A 303 19.88 29.66 -33.60
N LYS A 304 21.17 29.55 -33.29
CA LYS A 304 22.18 29.42 -34.33
C LYS A 304 21.95 28.16 -35.16
N LEU A 305 21.35 27.13 -34.56
CA LEU A 305 21.02 25.92 -35.31
C LEU A 305 19.80 26.09 -36.19
N VAL A 306 18.85 26.92 -35.76
CA VAL A 306 17.57 27.06 -36.45
C VAL A 306 17.40 28.42 -37.10
N GLY A 307 18.35 29.32 -36.94
CA GLY A 307 18.18 30.69 -37.41
C GLY A 307 18.09 30.83 -38.91
N GLN A 308 18.60 29.85 -39.66
CA GLN A 308 18.64 29.96 -41.12
C GLN A 308 17.39 29.44 -41.80
N THR A 309 16.45 28.84 -41.06
CA THR A 309 15.24 28.30 -41.67
C THR A 309 13.98 28.55 -40.85
N ILE A 310 14.07 29.27 -39.74
CA ILE A 310 12.91 29.47 -38.88
C ILE A 310 11.98 30.52 -39.50
N ASP A 311 10.69 30.22 -39.47
CA ASP A 311 9.66 31.17 -39.88
C ASP A 311 9.15 31.89 -38.62
N ARG A 312 9.38 33.20 -38.56
CA ARG A 312 9.10 33.95 -37.33
C ARG A 312 7.61 34.07 -37.08
N ASN A 313 6.81 34.24 -38.13
CA ASN A 313 5.37 34.36 -37.95
C ASN A 313 4.77 33.08 -37.37
N LYS A 314 5.18 31.93 -37.91
CA LYS A 314 4.69 30.65 -37.38
C LYS A 314 5.13 30.44 -35.95
N TYR A 315 6.38 30.81 -35.63
CA TYR A 315 6.87 30.66 -34.27
C TYR A 315 6.08 31.54 -33.30
N ASN A 316 5.77 32.77 -33.70
CA ASN A 316 5.04 33.68 -32.84
C ASN A 316 3.55 33.36 -32.73
N ALA A 317 2.98 32.67 -33.73
CA ALA A 317 1.57 32.33 -33.68
C ALA A 317 1.25 31.19 -32.72
N LEU A 318 2.25 30.40 -32.33
CA LEU A 318 2.01 29.29 -31.41
C LEU A 318 1.80 29.82 -30.00
N GLN A 319 1.08 29.03 -29.19
CA GLN A 319 0.62 29.51 -27.89
C GLN A 319 0.95 28.56 -26.73
N GLU A 320 1.76 27.53 -26.96
CA GLU A 320 2.16 26.62 -25.90
C GLU A 320 3.63 26.28 -26.06
N THR A 321 4.25 25.92 -24.93
CA THR A 321 5.68 25.58 -24.94
C THR A 321 5.93 24.35 -25.80
N SER A 322 5.02 23.38 -25.77
CA SER A 322 5.21 22.13 -26.49
C SER A 322 5.35 22.36 -27.98
N ASP A 323 4.47 23.20 -28.56
CA ASP A 323 4.54 23.47 -29.99
C ASP A 323 5.86 24.12 -30.38
N ARG A 324 6.30 25.11 -29.59
CA ARG A 324 7.53 25.83 -29.91
C ARG A 324 8.73 24.89 -29.84
N VAL A 325 8.83 24.09 -28.78
CA VAL A 325 9.97 23.20 -28.66
C VAL A 325 9.95 22.13 -29.75
N SER A 326 8.76 21.65 -30.14
CA SER A 326 8.70 20.67 -31.22
C SER A 326 9.17 21.27 -32.54
N TYR A 327 8.75 22.50 -32.84
CA TYR A 327 9.21 23.19 -34.04
C TYR A 327 10.74 23.33 -34.05
N LEU A 328 11.30 23.79 -32.93
CA LEU A 328 12.74 23.96 -32.85
C LEU A 328 13.46 22.62 -33.01
N ARG A 329 12.92 21.56 -32.41
CA ARG A 329 13.53 20.24 -32.52
C ARG A 329 13.58 19.77 -33.96
N ALA A 330 12.47 19.94 -34.69
CA ALA A 330 12.45 19.51 -36.09
C ALA A 330 13.49 20.26 -36.92
N LEU A 331 13.54 21.58 -36.77
CA LEU A 331 14.50 22.36 -37.54
C LEU A 331 15.94 21.97 -37.22
N ALA A 332 16.25 21.79 -35.93
CA ALA A 332 17.60 21.42 -35.53
C ALA A 332 18.00 20.07 -36.09
N ILE A 333 17.09 19.10 -36.05
CA ILE A 333 17.42 17.77 -36.57
C ILE A 333 17.73 17.84 -38.05
N GLY A 334 16.93 18.61 -38.81
CA GLY A 334 17.22 18.74 -40.24
C GLY A 334 18.59 19.34 -40.50
N THR A 335 18.92 20.43 -39.79
CA THR A 335 20.21 21.08 -40.00
C THR A 335 21.37 20.13 -39.69
N LEU A 336 21.28 19.44 -38.55
CA LEU A 336 22.38 18.54 -38.15
C LEU A 336 22.52 17.39 -39.12
N ILE A 337 21.42 16.86 -39.64
CA ILE A 337 21.49 15.77 -40.62
C ILE A 337 22.26 16.22 -41.86
N ASN A 338 21.92 17.41 -42.37
CA ASN A 338 22.60 17.90 -43.56
C ASN A 338 24.10 18.10 -43.31
N GLU A 339 24.44 18.68 -42.16
CA GLU A 339 25.85 18.91 -41.84
C GLU A 339 26.60 17.60 -41.71
N SER A 340 25.98 16.58 -41.10
CA SER A 340 26.63 15.29 -40.96
C SER A 340 26.89 14.63 -42.31
N VAL A 341 25.93 14.74 -43.24
CA VAL A 341 26.15 14.19 -44.58
C VAL A 341 27.34 14.87 -45.24
N ASP A 342 27.40 16.20 -45.15
CA ASP A 342 28.52 16.92 -45.76
C ASP A 342 29.86 16.50 -45.15
N THR A 343 29.92 16.38 -43.82
CA THR A 343 31.16 15.98 -43.16
C THR A 343 31.58 14.59 -43.58
N PHE A 344 30.64 13.65 -43.65
CA PHE A 344 30.98 12.30 -44.07
C PHE A 344 31.55 12.30 -45.48
N MET A 345 30.89 13.01 -46.40
CA MET A 345 31.38 13.01 -47.77
C MET A 345 32.73 13.70 -47.89
N LYS A 346 33.07 14.61 -46.98
CA LYS A 346 34.38 15.26 -47.03
C LYS A 346 35.51 14.27 -46.73
N TYR A 347 35.42 13.51 -45.65
CA TYR A 347 36.49 12.65 -45.17
C TYR A 347 36.32 11.20 -45.57
N GLU A 348 35.75 10.93 -46.74
CA GLU A 348 35.41 9.57 -47.11
C GLU A 348 36.65 8.69 -47.25
N GLU A 349 37.69 9.20 -47.91
CA GLU A 349 38.87 8.38 -48.17
C GLU A 349 39.56 7.97 -46.89
N GLU A 350 39.65 8.89 -45.91
CA GLU A 350 40.28 8.56 -44.64
C GLU A 350 39.48 7.50 -43.88
N ILE A 351 38.14 7.59 -43.93
CA ILE A 351 37.32 6.58 -43.27
C ILE A 351 37.50 5.23 -43.93
N LEU A 352 37.54 5.19 -45.26
CA LEU A 352 37.77 3.93 -45.96
C LEU A 352 39.14 3.36 -45.64
N ALA A 353 40.15 4.23 -45.52
CA ALA A 353 41.50 3.77 -45.20
C ALA A 353 41.64 3.35 -43.75
N GLY A 354 40.84 3.91 -42.85
CA GLY A 354 40.90 3.57 -41.44
C GLY A 354 41.62 4.58 -40.56
N THR A 355 42.05 5.71 -41.11
CA THR A 355 42.83 6.68 -40.36
C THR A 355 41.99 7.71 -39.62
N PHE A 356 40.68 7.75 -39.85
CA PHE A 356 39.82 8.70 -39.14
C PHE A 356 39.75 8.33 -37.67
N ASP A 357 39.88 9.34 -36.81
CA ASP A 357 40.01 9.11 -35.37
C ASP A 357 38.91 9.74 -34.52
N GLN A 358 38.07 10.58 -35.10
CA GLN A 358 37.00 11.23 -34.37
C GLN A 358 35.64 10.79 -34.93
N SER A 359 34.58 11.26 -34.29
CA SER A 359 33.24 11.07 -34.82
C SER A 359 32.88 12.22 -35.76
N LEU A 360 31.85 12.00 -36.57
CA LEU A 360 31.40 13.03 -37.50
C LEU A 360 30.86 14.25 -36.78
N ILE A 361 30.45 14.10 -35.52
CA ILE A 361 29.87 15.23 -34.80
C ILE A 361 30.92 16.17 -34.23
N ASP A 362 32.16 15.70 -34.06
CA ASP A 362 33.22 16.55 -33.55
C ASP A 362 33.84 17.43 -34.63
N LYS A 363 33.58 17.13 -35.90
CA LYS A 363 34.00 17.97 -37.01
C LYS A 363 32.91 18.93 -37.46
N SER A 364 32.09 19.38 -36.53
CA SER A 364 30.94 20.22 -36.82
C SER A 364 31.18 21.67 -36.39
N ASN A 365 30.40 22.57 -36.97
CA ASN A 365 30.49 24.00 -36.69
C ASN A 365 29.70 24.43 -35.46
N TYR A 366 28.86 23.55 -34.92
CA TYR A 366 28.01 23.86 -33.78
C TYR A 366 28.41 23.04 -32.57
N GLN A 367 29.71 22.78 -32.43
CA GLN A 367 30.18 21.98 -31.30
C GLN A 367 29.98 22.69 -29.97
N ALA A 368 30.15 24.02 -29.94
CA ALA A 368 29.95 24.76 -28.70
C ALA A 368 28.51 24.68 -28.22
N GLN A 369 27.56 24.81 -29.13
CA GLN A 369 26.15 24.71 -28.76
C GLN A 369 25.79 23.32 -28.24
N ILE A 370 26.28 22.27 -28.91
CA ILE A 370 26.05 20.91 -28.45
C ILE A 370 26.65 20.71 -27.07
N THR A 371 27.87 21.20 -26.86
CA THR A 371 28.51 21.06 -25.56
C THR A 371 27.72 21.77 -24.47
N ASP A 372 27.22 22.97 -24.75
CA ASP A 372 26.41 23.69 -23.77
C ASP A 372 25.13 22.94 -23.45
N ILE A 373 24.46 22.40 -24.47
CA ILE A 373 23.23 21.64 -24.25
C ILE A 373 23.51 20.42 -23.38
N ILE A 374 24.59 19.70 -23.68
CA ILE A 374 24.92 18.49 -22.92
C ILE A 374 25.25 18.85 -21.47
N ASN A 375 26.02 19.92 -21.26
CA ASN A 375 26.37 20.30 -19.89
C ASN A 375 25.14 20.70 -19.10
N LEU A 376 24.23 21.44 -19.73
CA LEU A 376 22.99 21.81 -19.04
C LEU A 376 22.16 20.56 -18.70
N SER A 377 22.11 19.60 -19.62
CA SER A 377 21.38 18.36 -19.35
C SER A 377 21.99 17.60 -18.19
N ILE A 378 23.32 17.54 -18.11
CA ILE A 378 23.98 16.88 -17.00
C ILE A 378 23.67 17.58 -15.69
N GLU A 379 23.74 18.90 -15.68
CA GLU A 379 23.50 19.65 -14.45
C GLU A 379 22.05 19.52 -13.97
N ARG A 380 21.10 19.52 -14.90
CA ARG A 380 19.69 19.64 -14.53
C ARG A 380 18.94 18.31 -14.49
N ILE A 381 19.20 17.41 -15.42
CA ILE A 381 18.39 16.19 -15.56
C ILE A 381 19.07 14.99 -14.91
N TYR A 382 20.34 14.75 -15.22
CA TYR A 382 21.00 13.54 -14.73
C TYR A 382 21.17 13.58 -13.22
N ASN A 383 21.30 14.78 -12.64
CA ASN A 383 21.57 14.93 -11.23
C ASN A 383 20.35 15.41 -10.44
N SER A 384 19.16 15.31 -11.02
CA SER A 384 17.95 15.65 -10.29
C SER A 384 17.66 14.60 -9.22
N ARG A 385 16.90 15.01 -8.20
CA ARG A 385 16.73 14.16 -7.03
C ARG A 385 16.03 12.85 -7.36
N GLU A 386 14.96 12.92 -8.16
CA GLU A 386 14.19 11.71 -8.47
C GLU A 386 15.04 10.69 -9.22
N VAL A 387 15.84 11.15 -10.19
CA VAL A 387 16.70 10.27 -10.96
C VAL A 387 17.69 9.56 -10.04
N ILE A 388 18.29 10.30 -9.12
CA ILE A 388 19.25 9.71 -8.19
C ILE A 388 18.57 8.65 -7.32
N GLU A 389 17.35 8.94 -6.86
CA GLU A 389 16.62 7.98 -6.04
C GLU A 389 16.40 6.68 -6.79
N LYS A 390 15.93 6.77 -8.04
CA LYS A 390 15.70 5.56 -8.82
C LYS A 390 17.00 4.79 -9.07
N GLU A 391 18.09 5.49 -9.36
CA GLU A 391 19.35 4.77 -9.57
C GLU A 391 19.81 4.04 -8.31
N ILE A 392 19.68 4.69 -7.15
CA ILE A 392 20.07 4.06 -5.90
C ILE A 392 19.25 2.80 -5.66
N ALA A 393 17.94 2.85 -5.93
CA ALA A 393 17.12 1.66 -5.78
C ALA A 393 17.54 0.55 -6.75
N GLY A 394 17.85 0.92 -7.99
CA GLY A 394 18.24 -0.07 -8.97
C GLY A 394 19.50 -0.82 -8.61
N TYR A 395 20.45 -0.12 -7.98
CA TYR A 395 21.67 -0.79 -7.51
C TYR A 395 21.33 -1.98 -6.61
N GLU A 396 20.49 -1.75 -5.60
CA GLU A 396 20.11 -2.80 -4.66
C GLU A 396 19.35 -3.92 -5.35
N ILE A 397 18.43 -3.59 -6.25
CA ILE A 397 17.64 -4.61 -6.93
C ILE A 397 18.55 -5.55 -7.72
N LEU A 398 19.44 -4.97 -8.53
CA LEU A 398 20.31 -5.79 -9.38
C LEU A 398 21.26 -6.63 -8.54
N SER A 399 21.81 -6.05 -7.47
CA SER A 399 22.73 -6.82 -6.63
C SER A 399 22.03 -8.02 -6.00
N THR A 400 20.80 -7.83 -5.50
CA THR A 400 20.08 -8.94 -4.88
C THR A 400 19.82 -10.06 -5.88
N LEU A 401 19.32 -9.71 -7.07
CA LEU A 401 19.01 -10.74 -8.06
C LEU A 401 20.26 -11.49 -8.50
N LEU A 402 21.36 -10.77 -8.75
CA LEU A 402 22.59 -11.43 -9.17
C LEU A 402 23.12 -12.37 -8.09
N GLU A 403 23.09 -11.93 -6.83
CA GLU A 403 23.60 -12.77 -5.75
C GLU A 403 22.77 -14.04 -5.61
N ALA A 404 21.44 -13.94 -5.74
CA ALA A 404 20.61 -15.14 -5.67
C ALA A 404 20.97 -16.12 -6.79
N ARG A 405 21.11 -15.60 -8.02
CA ARG A 405 21.43 -16.49 -9.13
C ARG A 405 22.79 -17.16 -8.92
N CYS A 406 23.79 -16.39 -8.49
CA CYS A 406 25.13 -16.96 -8.32
C CYS A 406 25.17 -18.00 -7.22
N ARG A 407 24.49 -17.73 -6.09
CA ARG A 407 24.47 -18.72 -5.01
C ARG A 407 23.75 -19.99 -5.42
N ALA A 408 22.66 -19.86 -6.18
CA ALA A 408 22.02 -21.06 -6.71
C ALA A 408 22.95 -21.81 -7.65
N LEU A 409 23.80 -21.09 -8.38
CA LEU A 409 24.77 -21.75 -9.27
C LEU A 409 25.80 -22.53 -8.47
N ASP A 410 26.31 -21.96 -7.38
CA ASP A 410 27.39 -22.62 -6.63
C ASP A 410 26.93 -23.95 -6.06
N ASN A 411 25.82 -23.96 -5.33
CA ASN A 411 25.28 -25.16 -4.73
C ASN A 411 23.91 -25.45 -5.35
N ASN A 412 23.73 -26.65 -5.87
CA ASN A 412 22.50 -27.01 -6.56
C ASN A 412 21.77 -28.18 -5.89
N ASP A 413 22.16 -28.54 -4.66
CA ASP A 413 21.53 -29.66 -3.96
C ASP A 413 20.49 -29.22 -2.93
N THR A 414 20.55 -27.97 -2.47
CA THR A 414 19.61 -27.50 -1.46
C THR A 414 18.23 -27.29 -2.05
N HIS A 415 17.22 -27.33 -1.17
CA HIS A 415 15.84 -27.10 -1.57
C HIS A 415 15.63 -25.66 -2.02
N TYR A 416 16.27 -24.71 -1.33
CA TYR A 416 16.11 -23.30 -1.66
C TYR A 416 16.67 -22.99 -3.04
N ASN A 417 17.82 -23.56 -3.38
CA ASN A 417 18.41 -23.31 -4.69
C ASN A 417 17.58 -23.92 -5.80
N GLN A 418 16.95 -25.07 -5.55
CA GLN A 418 16.01 -25.63 -6.53
C GLN A 418 14.82 -24.70 -6.72
N LEU A 419 14.29 -24.13 -5.63
CA LEU A 419 13.20 -23.16 -5.78
C LEU A 419 13.64 -21.94 -6.58
N ILE A 420 14.85 -21.44 -6.32
CA ILE A 420 15.35 -20.27 -7.04
C ILE A 420 15.49 -20.58 -8.52
N GLN A 421 16.00 -21.77 -8.85
CA GLN A 421 16.12 -22.15 -10.25
C GLN A 421 14.76 -22.27 -10.91
N GLN A 422 13.77 -22.82 -10.19
CA GLN A 422 12.44 -22.95 -10.77
C GLN A 422 11.79 -21.58 -11.02
N LEU A 423 12.02 -20.62 -10.12
CA LEU A 423 11.41 -19.31 -10.29
C LEU A 423 12.09 -18.50 -11.38
N LEU A 424 13.42 -18.36 -11.29
CA LEU A 424 14.11 -17.38 -12.12
C LEU A 424 14.57 -17.93 -13.47
N ALA A 425 15.17 -19.11 -13.48
CA ALA A 425 15.75 -19.68 -14.71
C ALA A 425 15.27 -21.10 -14.92
N PRO A 426 14.06 -21.28 -15.48
CA PRO A 426 13.59 -22.63 -15.85
C PRO A 426 14.09 -23.05 -17.24
N GLU A 431 25.40 -28.66 -18.76
CA GLU A 431 26.73 -28.87 -19.35
C GLU A 431 27.26 -27.56 -19.91
N LYS A 432 28.07 -26.87 -19.11
CA LYS A 432 28.71 -25.62 -19.53
C LYS A 432 29.85 -25.32 -18.58
N SER A 433 30.75 -24.45 -19.01
CA SER A 433 31.85 -24.02 -18.17
C SER A 433 31.39 -22.94 -17.21
N LEU A 434 32.28 -22.56 -16.29
CA LEU A 434 31.96 -21.52 -15.33
C LEU A 434 31.74 -20.17 -16.02
N TYR A 435 32.60 -19.83 -16.98
CA TYR A 435 32.46 -18.56 -17.68
C TYR A 435 31.16 -18.48 -18.46
N GLU A 436 30.79 -19.58 -19.11
CA GLU A 436 29.55 -19.62 -19.86
C GLU A 436 28.35 -19.46 -18.93
N ASN A 437 28.38 -20.09 -17.76
CA ASN A 437 27.28 -19.95 -16.81
C ASN A 437 27.17 -18.52 -16.28
N LEU A 438 28.31 -17.89 -15.96
CA LEU A 438 28.27 -16.52 -15.48
C LEU A 438 27.75 -15.56 -16.54
N ILE A 439 28.17 -15.75 -17.79
CA ILE A 439 27.67 -14.93 -18.89
C ILE A 439 26.18 -15.14 -19.07
N GLN A 440 25.71 -16.39 -18.95
CA GLN A 440 24.29 -16.65 -19.08
C GLN A 440 23.49 -15.96 -17.98
N ILE A 441 24.02 -15.95 -16.75
CA ILE A 441 23.34 -15.27 -15.65
C ILE A 441 23.23 -13.77 -15.94
N CYS A 442 24.35 -13.16 -16.37
CA CYS A 442 24.33 -11.74 -16.70
C CYS A 442 23.33 -11.45 -17.81
N ALA A 443 23.26 -12.32 -18.81
CA ALA A 443 22.32 -12.11 -19.91
C ALA A 443 20.87 -12.25 -19.45
N GLU A 444 20.59 -13.23 -18.59
CA GLU A 444 19.21 -13.43 -18.14
C GLU A 444 18.73 -12.31 -17.24
N VAL A 445 19.62 -11.71 -16.46
CA VAL A 445 19.22 -10.55 -15.67
C VAL A 445 18.92 -9.35 -16.56
N SER A 446 19.66 -9.19 -17.67
CA SER A 446 19.53 -8.01 -18.51
C SER A 446 18.35 -8.07 -19.49
N THR A 447 17.64 -9.19 -19.58
CA THR A 447 16.45 -9.25 -20.42
C THR A 447 15.20 -8.75 -19.71
N MET A 448 15.28 -8.48 -18.42
CA MET A 448 14.11 -8.07 -17.65
C MET A 448 13.85 -6.58 -17.84
N THR A 449 12.58 -6.21 -17.75
CA THR A 449 12.20 -4.81 -17.68
C THR A 449 12.39 -4.30 -16.26
N ASP A 450 12.22 -2.98 -16.09
CA ASP A 450 12.32 -2.40 -14.76
C ASP A 450 11.21 -2.93 -13.85
N GLY A 451 9.99 -3.01 -14.37
CA GLY A 451 8.89 -3.50 -13.57
C GLY A 451 9.03 -4.95 -13.19
N LYS A 452 9.44 -5.79 -14.13
CA LYS A 452 9.65 -7.21 -13.82
C LYS A 452 10.75 -7.40 -12.79
N ALA A 453 11.84 -6.64 -12.93
CA ALA A 453 12.93 -6.74 -11.96
C ALA A 453 12.46 -6.31 -10.58
N LEU A 454 11.71 -5.22 -10.49
CA LEU A 454 11.21 -4.76 -9.19
C LEU A 454 10.24 -5.77 -8.57
N ARG A 455 9.34 -6.33 -9.39
CA ARG A 455 8.39 -7.31 -8.88
C ARG A 455 9.09 -8.57 -8.38
N ASN A 456 10.10 -9.05 -9.12
CA ASN A 456 10.85 -10.21 -8.68
C ASN A 456 11.63 -9.91 -7.40
N TYR A 457 12.20 -8.72 -7.29
CA TYR A 457 12.91 -8.35 -6.08
C TYR A 457 11.98 -8.33 -4.88
N LYS A 458 10.76 -7.80 -5.04
CA LYS A 458 9.81 -7.81 -3.94
C LYS A 458 9.39 -9.23 -3.59
N LYS A 459 9.22 -10.08 -4.60
CA LYS A 459 8.83 -11.47 -4.35
C LYS A 459 9.91 -12.23 -3.59
N ILE A 460 11.17 -11.98 -3.92
CA ILE A 460 12.27 -12.65 -3.22
C ILE A 460 12.25 -12.29 -1.74
N LYS A 461 11.97 -11.02 -1.42
CA LYS A 461 11.94 -10.56 -0.05
C LYS A 461 10.56 -10.68 0.60
N GLY A 462 9.57 -11.19 -0.11
CA GLY A 462 8.26 -11.41 0.46
C GLY A 462 7.49 -10.15 0.84
N LEU A 463 7.51 -9.14 -0.02
CA LEU A 463 6.77 -7.90 0.24
C LEU A 463 5.81 -7.59 -0.90
N ASN B 25 -10.13 5.93 -61.41
CA ASN B 25 -8.85 6.26 -62.02
C ASN B 25 -7.74 6.32 -60.97
N TRP B 26 -6.66 5.56 -61.22
CA TRP B 26 -5.59 5.47 -60.25
C TRP B 26 -4.72 6.72 -60.20
N GLU B 27 -4.74 7.55 -61.24
CA GLU B 27 -3.95 8.77 -61.23
C GLU B 27 -4.46 9.76 -60.19
N HIS B 28 -5.74 9.68 -59.84
CA HIS B 28 -6.32 10.56 -58.84
C HIS B 28 -6.34 9.97 -57.46
N LEU B 29 -6.19 8.65 -57.33
CA LEU B 29 -6.17 8.03 -56.01
C LEU B 29 -4.83 8.21 -55.31
N LEU B 30 -3.75 8.35 -56.07
CA LEU B 30 -2.42 8.53 -55.51
C LEU B 30 -2.02 10.00 -55.49
N SER B 31 -2.78 10.78 -54.73
CA SER B 31 -2.62 12.23 -54.69
C SER B 31 -1.59 12.65 -53.65
N LEU B 32 -0.85 13.70 -53.96
CA LEU B 32 0.19 14.22 -53.08
C LEU B 32 -0.19 15.56 -52.46
N LYS B 33 -1.47 15.90 -52.47
CA LYS B 33 -1.88 17.20 -51.96
C LYS B 33 -1.79 17.24 -50.44
N ARG B 34 -1.60 18.44 -49.91
CA ARG B 34 -1.58 18.67 -48.48
C ARG B 34 -2.52 19.83 -48.18
N GLN B 35 -2.99 19.88 -46.93
CA GLN B 35 -3.99 20.87 -46.55
C GLN B 35 -3.44 22.28 -46.69
N GLY B 36 -4.18 23.14 -47.37
CA GLY B 36 -3.77 24.50 -47.60
C GLY B 36 -2.76 24.66 -48.71
N ASP B 37 -3.03 24.05 -49.87
CA ASP B 37 -2.13 24.11 -51.01
C ASP B 37 -2.89 24.61 -52.23
N THR B 38 -2.20 25.41 -53.05
CA THR B 38 -2.79 25.98 -54.25
C THR B 38 -2.13 25.53 -55.54
N ALA B 39 -0.89 25.06 -55.49
CA ALA B 39 -0.19 24.56 -56.67
C ALA B 39 -0.12 23.04 -56.60
N LYS B 40 -0.52 22.38 -57.68
CA LYS B 40 -0.63 20.93 -57.69
C LYS B 40 0.76 20.30 -57.73
N ARG B 41 1.07 19.49 -56.72
CA ARG B 41 2.32 18.76 -56.68
C ARG B 41 2.28 17.59 -57.64
N LEU B 42 3.41 17.34 -58.31
CA LEU B 42 3.51 16.30 -59.31
C LEU B 42 4.56 15.28 -58.89
N ARG B 43 4.35 14.03 -59.31
CA ARG B 43 5.28 12.97 -58.94
C ARG B 43 6.62 13.11 -59.64
N ILE B 44 6.65 13.63 -60.86
CA ILE B 44 7.91 13.80 -61.58
C ILE B 44 8.79 14.81 -60.88
N GLU B 45 8.19 15.85 -60.29
CA GLU B 45 8.94 16.93 -59.67
C GLU B 45 9.28 16.66 -58.21
N GLN B 46 9.37 15.39 -57.81
CA GLN B 46 9.71 15.05 -56.44
C GLN B 46 11.15 14.56 -56.33
N LEU B 51 10.71 12.32 -50.55
CA LEU B 51 9.46 11.86 -51.14
C LEU B 51 8.28 12.11 -50.19
N GLY B 52 7.10 12.37 -50.77
CA GLY B 52 5.97 12.80 -49.97
C GLY B 52 5.45 11.73 -49.03
N PHE B 53 5.46 10.46 -49.47
CA PHE B 53 4.83 9.40 -48.70
C PHE B 53 5.71 8.86 -47.58
N GLU B 54 6.97 9.28 -47.49
CA GLU B 54 7.84 8.87 -46.39
C GLU B 54 7.88 9.90 -45.26
N VAL B 55 7.72 11.18 -45.61
CA VAL B 55 7.60 12.21 -44.60
C VAL B 55 6.40 11.95 -43.69
N ASP B 56 5.36 11.30 -44.22
CA ASP B 56 4.21 10.94 -43.39
C ASP B 56 4.62 9.97 -42.28
N TYR B 57 5.39 8.94 -42.65
CA TYR B 57 5.90 7.99 -41.67
C TYR B 57 6.75 8.71 -40.62
N ASP B 58 7.67 9.56 -41.07
CA ASP B 58 8.54 10.27 -40.12
C ASP B 58 7.74 11.18 -39.20
N ARG B 59 6.74 11.89 -39.74
CA ARG B 59 5.95 12.82 -38.93
C ARG B 59 5.12 12.09 -37.90
N ILE B 60 4.56 10.92 -38.27
CA ILE B 60 3.80 10.14 -37.30
C ILE B 60 4.73 9.60 -36.21
N ILE B 61 5.95 9.22 -36.57
CA ILE B 61 6.86 8.63 -35.59
C ILE B 61 7.20 9.63 -34.48
N PHE B 62 7.38 10.90 -34.83
CA PHE B 62 7.87 11.91 -33.92
C PHE B 62 6.78 12.63 -33.14
N SER B 63 5.52 12.25 -33.29
CA SER B 63 4.42 12.99 -32.67
C SER B 63 4.02 12.40 -31.32
N ALA B 64 3.52 13.27 -30.45
CA ALA B 64 3.06 12.84 -29.13
C ALA B 64 1.91 11.84 -29.15
N PRO B 65 0.87 12.00 -29.99
CA PRO B 65 -0.20 10.98 -30.01
C PRO B 65 0.31 9.57 -30.31
N PHE B 66 1.29 9.43 -31.20
CA PHE B 66 1.86 8.11 -31.44
C PHE B 66 2.60 7.59 -30.21
N ARG B 67 3.29 8.48 -29.50
CA ARG B 67 4.04 8.08 -28.32
C ARG B 67 3.12 7.67 -27.18
N SER B 68 1.91 8.20 -27.14
CA SER B 68 0.98 7.80 -26.08
C SER B 68 0.47 6.38 -26.23
N LEU B 69 0.75 5.72 -27.35
CA LEU B 69 0.25 4.38 -27.62
C LEU B 69 1.02 3.30 -26.86
N GLN B 70 2.11 3.63 -26.18
CA GLN B 70 2.91 2.61 -25.51
C GLN B 70 2.21 2.01 -24.30
N ASP B 71 1.29 2.75 -23.69
CA ASP B 71 0.58 2.26 -22.51
C ASP B 71 -0.92 2.33 -22.71
N LYS B 72 -1.39 1.81 -23.84
CA LYS B 72 -2.81 1.70 -24.13
C LYS B 72 -3.15 0.24 -24.40
N THR B 73 -4.34 -0.15 -23.99
CA THR B 73 -4.73 -1.55 -24.01
C THR B 73 -4.92 -2.05 -25.43
N GLN B 74 -4.41 -3.24 -25.72
CA GLN B 74 -4.66 -3.97 -26.95
C GLN B 74 -5.75 -5.03 -26.59
N VAL B 75 -5.46 -5.98 -25.70
CA VAL B 75 -6.43 -6.98 -25.24
C VAL B 75 -6.50 -6.96 -23.72
N ILE B 76 -5.35 -7.07 -23.07
CA ILE B 76 -5.26 -7.18 -21.61
C ILE B 76 -4.94 -5.80 -21.05
N PRO B 77 -5.84 -5.17 -20.30
CA PRO B 77 -5.53 -3.86 -19.72
C PRO B 77 -4.49 -3.97 -18.61
N LEU B 78 -3.74 -2.89 -18.43
CA LEU B 78 -2.70 -2.80 -17.40
C LEU B 78 -1.72 -3.98 -17.52
N SER B 79 -1.01 -3.97 -18.64
CA SER B 79 -0.24 -5.13 -19.10
C SER B 79 0.78 -5.63 -18.08
N LYS B 80 1.08 -4.86 -17.04
CA LYS B 80 2.02 -5.27 -15.99
C LYS B 80 3.43 -5.53 -16.55
N THR B 81 3.79 -4.81 -17.62
CA THR B 81 5.12 -4.88 -18.22
C THR B 81 5.51 -6.32 -18.58
N ASP B 82 4.54 -7.07 -19.11
CA ASP B 82 4.76 -8.46 -19.49
C ASP B 82 5.19 -8.54 -20.95
N PHE B 83 5.18 -9.75 -21.51
CA PHE B 83 5.52 -9.97 -22.91
C PHE B 83 4.35 -9.74 -23.85
N VAL B 84 3.16 -9.45 -23.33
CA VAL B 84 1.96 -9.26 -24.15
C VAL B 84 2.06 -7.94 -24.90
N HIS B 85 1.21 -7.76 -25.90
CA HIS B 85 1.28 -6.63 -26.79
C HIS B 85 0.55 -5.41 -26.23
N THR B 86 0.98 -4.25 -26.67
CA THR B 86 0.28 -2.99 -26.48
C THR B 86 -0.18 -2.47 -27.83
N ARG B 87 -0.78 -1.29 -27.84
CA ARG B 87 -1.21 -0.69 -29.11
C ARG B 87 -0.03 -0.37 -30.00
N LEU B 88 1.08 0.09 -29.41
CA LEU B 88 2.23 0.53 -30.20
C LEU B 88 2.86 -0.63 -30.96
N THR B 89 3.15 -1.73 -30.27
CA THR B 89 3.78 -2.88 -30.92
C THR B 89 2.84 -3.50 -31.96
N HIS B 90 1.54 -3.55 -31.66
CA HIS B 90 0.56 -4.01 -32.62
C HIS B 90 0.58 -3.15 -33.88
N SER B 91 0.66 -1.82 -33.71
CA SER B 91 0.70 -0.93 -34.86
C SER B 91 1.97 -1.15 -35.68
N LEU B 92 3.09 -1.39 -35.01
CA LEU B 92 4.34 -1.64 -35.73
C LEU B 92 4.25 -2.91 -36.58
N GLU B 93 3.72 -3.99 -36.01
CA GLU B 93 3.58 -5.22 -36.78
C GLU B 93 2.62 -5.05 -37.95
N VAL B 94 1.51 -4.34 -37.72
CA VAL B 94 0.57 -4.07 -38.80
C VAL B 94 1.25 -3.27 -39.91
N SER B 95 2.14 -2.34 -39.52
CA SER B 95 2.86 -1.55 -40.52
C SER B 95 3.79 -2.40 -41.36
N VAL B 96 4.51 -3.34 -40.75
CA VAL B 96 5.40 -4.21 -41.53
C VAL B 96 4.61 -5.06 -42.51
N VAL B 97 3.52 -5.68 -42.03
CA VAL B 97 2.70 -6.51 -42.91
C VAL B 97 2.07 -5.68 -44.02
N GLY B 98 1.66 -4.45 -43.69
CA GLY B 98 1.10 -3.57 -44.70
C GLY B 98 2.10 -3.16 -45.76
N ARG B 99 3.34 -2.91 -45.35
CA ARG B 99 4.38 -2.59 -46.34
C ARG B 99 4.56 -3.75 -47.30
N SER B 100 4.60 -4.99 -46.78
CA SER B 100 4.75 -6.14 -47.67
C SER B 100 3.58 -6.24 -48.65
N LEU B 101 2.35 -6.15 -48.14
CA LEU B 101 1.17 -6.26 -49.00
C LEU B 101 1.17 -5.17 -50.07
N GLY B 102 1.48 -3.94 -49.67
CA GLY B 102 1.47 -2.84 -50.62
C GLY B 102 2.53 -2.99 -51.68
N ARG B 103 3.72 -3.47 -51.32
CA ARG B 103 4.77 -3.68 -52.31
C ARG B 103 4.34 -4.70 -53.36
N MET B 104 3.78 -5.83 -52.91
CA MET B 104 3.36 -6.86 -53.86
C MET B 104 2.25 -6.36 -54.77
N VAL B 105 1.23 -5.71 -54.19
CA VAL B 105 0.11 -5.22 -54.98
C VAL B 105 0.56 -4.15 -55.95
N GLY B 106 1.49 -3.29 -55.53
CA GLY B 106 2.00 -2.26 -56.42
C GLY B 106 2.77 -2.83 -57.59
N LYS B 107 3.56 -3.88 -57.35
CA LYS B 107 4.23 -4.56 -58.45
C LYS B 107 3.21 -5.07 -59.47
N LYS B 108 2.18 -5.76 -58.99
CA LYS B 108 1.20 -6.31 -59.93
C LYS B 108 0.43 -5.21 -60.65
N LEU B 109 0.08 -4.13 -59.94
CA LEU B 109 -0.64 -3.02 -60.56
C LEU B 109 0.18 -2.36 -61.64
N LEU B 110 1.45 -2.08 -61.35
CA LEU B 110 2.32 -1.48 -62.35
C LEU B 110 2.51 -2.42 -63.54
N GLU B 111 2.47 -3.73 -63.31
CA GLU B 111 2.46 -4.66 -64.44
C GLU B 111 1.19 -4.51 -65.26
N LYS B 112 0.04 -4.30 -64.61
CA LYS B 112 -1.22 -4.25 -65.35
C LYS B 112 -1.39 -2.95 -66.13
N TYR B 113 -1.06 -1.81 -65.53
CA TYR B 113 -1.22 -0.50 -66.17
C TYR B 113 0.16 0.10 -66.40
N PRO B 114 0.80 -0.14 -67.55
CA PRO B 114 2.15 0.41 -67.77
C PRO B 114 2.22 1.93 -67.70
N HIS B 115 1.19 2.63 -68.18
CA HIS B 115 1.25 4.09 -68.25
C HIS B 115 1.37 4.74 -66.88
N LEU B 116 1.06 4.00 -65.81
CA LEU B 116 1.24 4.54 -64.47
C LEU B 116 2.70 4.82 -64.15
N GLU B 117 3.62 4.18 -64.85
CA GLU B 117 5.05 4.36 -64.63
C GLU B 117 5.75 5.11 -65.74
N GLN B 118 5.36 4.88 -67.00
CA GLN B 118 6.06 5.46 -68.13
C GLN B 118 5.68 6.90 -68.40
N VAL B 119 4.61 7.41 -67.78
CA VAL B 119 4.17 8.79 -68.02
C VAL B 119 4.14 9.55 -66.70
N TYR B 120 3.35 9.06 -65.75
CA TYR B 120 3.22 9.75 -64.46
C TYR B 120 4.47 9.57 -63.59
N GLY B 121 5.01 8.36 -63.54
CA GLY B 121 6.24 8.13 -62.80
C GLY B 121 6.09 7.55 -61.41
N TYR B 122 5.24 6.54 -61.27
CA TYR B 122 5.00 5.90 -59.99
C TYR B 122 5.76 4.57 -59.92
N LYS B 123 6.45 4.35 -58.81
CA LYS B 123 7.19 3.13 -58.57
C LYS B 123 6.47 2.28 -57.53
N PHE B 124 6.88 1.02 -57.42
CA PHE B 124 6.18 0.10 -56.54
C PHE B 124 6.45 0.35 -55.06
N ASN B 125 7.38 1.25 -54.73
CA ASN B 125 7.61 1.60 -53.34
C ASN B 125 6.60 2.61 -52.80
N ASP B 126 5.97 3.38 -53.68
CA ASP B 126 4.99 4.37 -53.23
C ASP B 126 3.77 3.72 -52.59
N PHE B 127 3.30 2.62 -53.19
CA PHE B 127 2.17 1.89 -52.60
C PHE B 127 2.53 1.37 -51.22
N GLY B 128 3.73 0.80 -51.08
CA GLY B 128 4.17 0.32 -49.78
C GLY B 128 4.25 1.44 -48.76
N ALA B 129 4.75 2.61 -49.19
CA ALA B 129 4.82 3.74 -48.27
C ALA B 129 3.44 4.20 -47.83
N ILE B 130 2.49 4.26 -48.76
CA ILE B 130 1.13 4.70 -48.42
C ILE B 130 0.50 3.73 -47.43
N VAL B 131 0.60 2.44 -47.72
CA VAL B 131 -0.05 1.45 -46.86
C VAL B 131 0.63 1.37 -45.50
N ALA B 132 1.97 1.50 -45.47
CA ALA B 132 2.68 1.50 -44.20
C ALA B 132 2.32 2.71 -43.34
N ALA B 133 2.26 3.90 -43.95
CA ALA B 133 1.89 5.10 -43.19
C ALA B 133 0.45 5.00 -42.68
N ALA B 134 -0.47 4.52 -43.51
CA ALA B 134 -1.85 4.38 -43.07
C ALA B 134 -1.99 3.34 -41.96
N ALA B 135 -1.25 2.24 -42.06
CA ALA B 135 -1.35 1.18 -41.06
C ALA B 135 -0.67 1.57 -39.75
N LEU B 136 0.34 2.43 -39.80
CA LEU B 136 0.97 2.89 -38.57
C LEU B 136 0.02 3.73 -37.73
N ALA B 137 -0.82 4.54 -38.38
CA ALA B 137 -1.72 5.45 -37.69
C ALA B 137 -3.15 4.93 -37.61
N HIS B 138 -3.39 3.68 -37.99
CA HIS B 138 -4.75 3.16 -38.11
C HIS B 138 -5.49 3.10 -36.79
N ASP B 139 -4.81 3.26 -35.67
CA ASP B 139 -5.37 2.86 -34.38
C ASP B 139 -5.08 3.92 -33.33
N ILE B 140 -4.75 5.14 -33.77
CA ILE B 140 -4.24 6.21 -32.94
C ILE B 140 -5.30 6.94 -32.11
N GLY B 141 -6.57 6.86 -32.51
CA GLY B 141 -7.63 7.52 -31.80
C GLY B 141 -8.26 6.72 -30.68
N ASN B 142 -7.73 5.54 -30.38
CA ASN B 142 -8.37 4.67 -29.42
C ASN B 142 -8.19 5.21 -28.00
N PRO B 143 -9.21 5.10 -27.16
CA PRO B 143 -9.11 5.57 -25.78
C PRO B 143 -8.43 4.53 -24.91
N PRO B 144 -8.09 4.89 -23.67
CA PRO B 144 -7.62 3.87 -22.72
C PRO B 144 -8.67 2.80 -22.47
N PHE B 145 -8.19 1.60 -22.15
CA PHE B 145 -8.97 0.40 -21.83
C PHE B 145 -9.66 -0.22 -23.04
N GLY B 146 -9.34 0.23 -24.25
CA GLY B 146 -9.77 -0.49 -25.43
C GLY B 146 -11.25 -0.35 -25.74
N ALA B 147 -11.86 -1.46 -26.15
CA ALA B 147 -13.27 -1.44 -26.54
C ALA B 147 -14.17 -1.08 -25.38
N SER B 148 -13.87 -1.61 -24.19
CA SER B 148 -14.65 -1.25 -23.01
C SER B 148 -14.62 0.24 -22.74
N GLY B 149 -13.52 0.91 -23.06
CA GLY B 149 -13.46 2.36 -22.90
C GLY B 149 -14.43 3.09 -23.81
N GLU B 150 -14.50 2.68 -25.08
CA GLU B 150 -15.45 3.29 -26.00
C GLU B 150 -16.88 3.05 -25.52
N LYS B 151 -17.16 1.82 -25.07
CA LYS B 151 -18.50 1.52 -24.57
C LYS B 151 -18.84 2.38 -23.35
N ALA B 152 -17.87 2.60 -22.47
CA ALA B 152 -18.12 3.42 -21.29
C ALA B 152 -18.39 4.88 -21.67
N ILE B 153 -17.61 5.42 -22.61
CA ILE B 153 -17.81 6.80 -23.04
C ILE B 153 -19.19 6.96 -23.66
N GLY B 154 -19.63 5.97 -24.44
CA GLY B 154 -20.97 6.03 -24.99
C GLY B 154 -22.05 5.92 -23.94
N GLU B 155 -21.90 4.98 -23.00
CA GLU B 155 -22.92 4.78 -21.97
C GLU B 155 -23.05 5.98 -21.06
N PHE B 156 -21.98 6.75 -20.90
CA PHE B 156 -22.05 7.97 -20.09
C PHE B 156 -23.08 8.94 -20.64
N PHE B 157 -23.07 9.16 -21.95
CA PHE B 157 -24.06 10.04 -22.55
C PHE B 157 -25.41 9.36 -22.72
N LYS B 158 -25.43 8.03 -22.84
CA LYS B 158 -26.70 7.34 -23.07
C LYS B 158 -27.53 7.26 -21.81
N ASN B 159 -27.01 6.60 -20.77
CA ASN B 159 -27.76 6.37 -19.54
C ASN B 159 -27.03 6.91 -18.31
N GLY B 160 -26.38 8.06 -18.45
CA GLY B 160 -25.64 8.66 -17.36
C GLY B 160 -25.93 10.14 -17.25
N TYR B 161 -24.93 10.87 -16.77
CA TYR B 161 -25.06 12.31 -16.60
C TYR B 161 -25.30 13.01 -17.93
N GLY B 162 -24.43 12.76 -18.92
CA GLY B 162 -24.48 13.44 -20.20
C GLY B 162 -25.82 13.40 -20.90
N LYS B 163 -26.70 12.52 -20.45
CA LYS B 163 -28.05 12.44 -21.00
C LYS B 163 -28.75 13.79 -20.97
N ARG B 164 -28.41 14.64 -19.98
CA ARG B 164 -29.10 15.92 -19.86
C ARG B 164 -28.91 16.78 -21.10
N TYR B 165 -27.91 16.53 -21.91
CA TYR B 165 -27.65 17.37 -23.08
C TYR B 165 -28.45 16.95 -24.31
N LYS B 166 -29.26 15.89 -24.21
CA LYS B 166 -29.92 15.35 -25.41
C LYS B 166 -30.79 16.40 -26.09
N ASP B 167 -31.50 17.21 -25.30
CA ASP B 167 -32.40 18.21 -25.88
C ASP B 167 -31.67 19.38 -26.52
N SER B 168 -30.37 19.54 -26.29
CA SER B 168 -29.66 20.73 -26.74
C SER B 168 -28.81 20.48 -27.99
N LEU B 169 -28.91 19.29 -28.59
CA LEU B 169 -28.04 18.93 -29.70
C LEU B 169 -28.85 18.34 -30.85
N THR B 170 -28.32 18.50 -32.06
CA THR B 170 -28.91 17.88 -33.24
C THR B 170 -28.76 16.35 -33.14
N ALA B 171 -29.68 15.57 -33.72
CA ALA B 171 -29.66 14.12 -33.76
C ALA B 171 -28.39 13.51 -34.33
N LYS B 172 -27.71 14.22 -35.19
CA LYS B 172 -26.48 13.74 -35.75
C LYS B 172 -25.37 13.98 -34.74
N GLU B 173 -25.51 15.01 -33.93
CA GLU B 173 -24.51 15.34 -32.93
C GLU B 173 -24.62 14.45 -31.72
N TYR B 174 -25.83 14.04 -31.37
CA TYR B 174 -26.11 13.11 -30.29
C TYR B 174 -25.69 11.69 -30.65
N GLN B 175 -25.92 11.28 -31.91
CA GLN B 175 -25.48 9.97 -32.33
C GLN B 175 -23.96 9.89 -32.41
N ASP B 176 -23.29 11.01 -32.67
CA ASP B 176 -21.85 11.05 -32.52
C ASP B 176 -21.45 10.78 -31.08
N LEU B 177 -22.17 11.39 -30.13
CA LEU B 177 -21.77 11.29 -28.73
C LEU B 177 -22.03 9.90 -28.16
N ILE B 178 -23.16 9.27 -28.52
CA ILE B 178 -23.55 8.01 -27.88
C ILE B 178 -22.99 6.78 -28.59
N LYS B 179 -22.33 6.94 -29.72
CA LYS B 179 -21.71 5.82 -30.43
C LYS B 179 -20.27 6.18 -30.79
N PHE B 180 -19.55 6.68 -29.79
CA PHE B 180 -18.17 7.12 -29.95
C PHE B 180 -17.29 5.96 -30.39
N GLU B 181 -16.61 6.14 -31.52
CA GLU B 181 -15.58 5.19 -31.92
C GLU B 181 -14.26 5.90 -32.14
N GLY B 182 -13.18 5.10 -32.11
CA GLY B 182 -11.83 5.59 -32.25
C GLY B 182 -11.42 5.92 -33.66
N ASN B 183 -12.21 5.48 -34.60
CA ASN B 183 -12.01 5.75 -35.98
C ASN B 183 -12.20 7.22 -36.35
N ALA B 184 -13.24 7.87 -35.87
CA ALA B 184 -13.50 9.30 -36.01
C ALA B 184 -12.52 10.12 -35.17
N ASN B 185 -12.23 9.66 -33.97
CA ASN B 185 -11.26 10.34 -33.11
C ASN B 185 -9.87 10.34 -33.74
N GLY B 186 -9.50 9.24 -34.41
CA GLY B 186 -8.22 9.20 -35.09
C GLY B 186 -8.14 10.19 -36.23
N PHE B 187 -9.19 10.29 -37.03
CA PHE B 187 -9.20 11.29 -38.10
C PHE B 187 -9.08 12.70 -37.53
N LYS B 188 -9.80 12.99 -36.48
CA LYS B 188 -9.72 14.29 -35.85
C LYS B 188 -8.33 14.56 -35.32
N VAL B 189 -7.72 13.60 -34.67
CA VAL B 189 -6.36 13.78 -34.15
C VAL B 189 -5.38 14.05 -35.29
N LEU B 190 -5.54 13.36 -36.41
CA LEU B 190 -4.64 13.54 -37.53
C LEU B 190 -4.82 14.90 -38.21
N SER B 191 -6.02 15.46 -38.19
CA SER B 191 -6.30 16.67 -38.98
C SER B 191 -6.80 17.83 -38.12
N GLN B 192 -6.17 18.09 -36.99
CA GLN B 192 -6.64 19.06 -36.03
C GLN B 192 -5.93 20.40 -36.22
N SER B 193 -6.71 21.46 -36.40
CA SER B 193 -6.16 22.80 -36.58
C SER B 193 -6.04 23.50 -35.23
N LYS B 194 -4.88 24.12 -35.01
CA LYS B 194 -4.58 24.88 -33.81
C LYS B 194 -3.97 26.21 -34.22
N PRO B 195 -4.04 27.23 -33.35
CA PRO B 195 -3.45 28.53 -33.70
C PRO B 195 -1.96 28.40 -34.01
N GLY B 196 -1.60 28.80 -35.24
CA GLY B 196 -0.23 28.73 -35.69
C GLY B 196 0.15 27.44 -36.40
N ALA B 197 -0.74 26.44 -36.42
CA ALA B 197 -0.45 25.17 -37.06
C ALA B 197 -1.75 24.64 -37.65
N GLN B 198 -1.98 24.95 -38.93
CA GLN B 198 -3.17 24.50 -39.63
C GLN B 198 -2.93 23.13 -40.24
N GLY B 199 -3.94 22.27 -40.16
CA GLY B 199 -3.88 20.96 -40.76
C GLY B 199 -3.33 19.87 -39.87
N GLY B 200 -2.91 20.18 -38.66
CA GLY B 200 -2.37 19.16 -37.78
C GLY B 200 -1.07 18.62 -38.30
N LEU B 201 -1.02 17.31 -38.52
CA LEU B 201 0.19 16.67 -39.03
C LEU B 201 0.38 16.88 -40.53
N ARG B 202 -0.67 17.29 -41.24
CA ARG B 202 -0.59 17.65 -42.66
C ARG B 202 -0.08 16.49 -43.50
N LEU B 203 -0.76 15.36 -43.40
CA LEU B 203 -0.41 14.19 -44.19
C LEU B 203 -1.02 14.29 -45.58
N SER B 204 -0.51 13.46 -46.48
CA SER B 204 -0.97 13.50 -47.85
C SER B 204 -2.38 12.93 -47.97
N TYR B 205 -3.07 13.32 -49.04
CA TYR B 205 -4.47 12.94 -49.19
C TYR B 205 -4.62 11.45 -49.45
N ALA B 206 -3.65 10.84 -50.14
CA ALA B 206 -3.69 9.40 -50.35
C ALA B 206 -3.63 8.65 -49.03
N THR B 207 -2.78 9.10 -48.11
CA THR B 207 -2.69 8.46 -46.80
C THR B 207 -3.99 8.59 -46.03
N LEU B 208 -4.62 9.76 -46.09
CA LEU B 208 -5.91 9.95 -45.42
C LEU B 208 -6.99 9.06 -46.02
N GLY B 209 -6.99 8.90 -47.35
CA GLY B 209 -7.95 8.02 -47.97
C GLY B 209 -7.75 6.57 -47.61
N ALA B 210 -6.50 6.11 -47.57
CA ALA B 210 -6.20 4.74 -47.17
C ALA B 210 -6.45 4.50 -45.69
N PHE B 211 -6.42 5.55 -44.88
CA PHE B 211 -6.68 5.41 -43.46
C PHE B 211 -8.17 5.22 -43.15
N MET B 212 -9.04 5.80 -43.97
CA MET B 212 -10.48 5.78 -43.72
C MET B 212 -11.10 4.50 -44.27
N LYS B 213 -11.87 3.81 -43.43
CA LYS B 213 -12.54 2.58 -43.81
C LYS B 213 -14.07 2.68 -43.79
N TYR B 214 -14.60 3.69 -43.12
CA TYR B 214 -16.05 3.92 -43.07
C TYR B 214 -16.32 5.36 -43.48
N PRO B 215 -16.34 5.65 -44.77
CA PRO B 215 -16.56 7.04 -45.22
C PRO B 215 -18.02 7.46 -45.17
N LYS B 216 -18.55 7.62 -43.96
CA LYS B 216 -19.94 8.01 -43.79
C LYS B 216 -20.10 8.66 -42.41
N GLU B 217 -21.24 9.32 -42.23
CA GLU B 217 -21.58 9.97 -40.97
C GLU B 217 -22.25 8.98 -40.02
N SER B 218 -22.68 9.48 -38.87
CA SER B 218 -23.25 8.62 -37.82
C SER B 218 -24.73 8.32 -38.02
N LEU B 219 -25.39 8.97 -38.97
CA LEU B 219 -26.78 8.66 -39.29
C LEU B 219 -26.94 8.57 -40.80
N PRO B 220 -27.70 7.59 -41.30
CA PRO B 220 -28.43 6.55 -40.56
C PRO B 220 -27.52 5.45 -40.01
N HIS B 221 -28.02 4.75 -39.00
CA HIS B 221 -27.25 3.71 -38.33
C HIS B 221 -27.47 2.38 -39.03
N LYS B 222 -26.39 1.81 -39.58
CA LYS B 222 -26.37 0.53 -40.28
C LYS B 222 -27.43 0.46 -41.36
N PRO B 223 -27.30 1.25 -42.43
CA PRO B 223 -28.31 1.22 -43.49
C PRO B 223 -28.39 -0.09 -44.25
N SER B 224 -27.35 -0.93 -44.21
CA SER B 224 -27.31 -2.12 -45.05
C SER B 224 -26.36 -3.13 -44.42
N ASP B 225 -26.03 -4.17 -45.20
CA ASP B 225 -25.11 -5.22 -44.78
C ASP B 225 -23.73 -5.07 -45.43
N HIS B 226 -23.44 -3.92 -46.01
CA HIS B 226 -22.14 -3.66 -46.59
C HIS B 226 -21.07 -3.61 -45.50
N ILE B 227 -19.84 -3.96 -45.88
CA ILE B 227 -18.73 -3.93 -44.92
C ILE B 227 -18.39 -2.51 -44.54
N ALA B 228 -18.59 -1.55 -45.45
CA ALA B 228 -18.24 -0.16 -45.24
C ALA B 228 -19.35 0.63 -44.56
N ASP B 229 -20.31 -0.06 -43.92
CA ASP B 229 -21.45 0.61 -43.29
C ASP B 229 -21.63 0.19 -41.83
N LYS B 230 -20.66 -0.51 -41.24
CA LYS B 230 -20.82 -0.97 -39.87
C LYS B 230 -20.77 0.19 -38.88
N LYS B 231 -19.90 1.16 -39.11
CA LYS B 231 -19.72 2.29 -38.22
C LYS B 231 -19.57 3.55 -39.06
N TYR B 232 -19.09 4.63 -38.46
CA TYR B 232 -18.82 5.87 -39.17
C TYR B 232 -17.38 6.29 -38.97
N GLY B 233 -16.92 7.21 -39.81
CA GLY B 233 -15.52 7.54 -39.87
C GLY B 233 -15.11 8.96 -39.52
N PHE B 234 -16.06 9.89 -39.49
CA PHE B 234 -15.74 11.26 -39.12
C PHE B 234 -16.89 11.89 -38.35
N PHE B 235 -16.54 12.86 -37.50
CA PHE B 235 -17.51 13.63 -36.74
C PHE B 235 -18.09 14.75 -37.59
N GLN B 236 -19.08 15.44 -37.03
CA GLN B 236 -19.68 16.57 -37.73
C GLN B 236 -18.69 17.72 -37.88
N SER B 237 -17.94 18.02 -36.81
CA SER B 237 -17.01 19.14 -36.85
C SER B 237 -15.93 18.94 -37.89
N GLU B 238 -15.57 17.71 -38.20
CA GLU B 238 -14.58 17.41 -39.22
C GLU B 238 -15.21 17.12 -40.58
N ARG B 239 -16.54 17.08 -40.67
CA ARG B 239 -17.20 16.62 -41.88
C ARG B 239 -16.73 17.36 -43.12
N ALA B 240 -16.77 18.70 -43.07
CA ALA B 240 -16.36 19.50 -44.22
C ALA B 240 -14.98 19.10 -44.70
N LEU B 241 -14.05 18.90 -43.76
CA LEU B 241 -12.69 18.53 -44.13
C LEU B 241 -12.69 17.31 -45.05
N PHE B 242 -13.39 16.25 -44.64
CA PHE B 242 -13.34 15.03 -45.42
C PHE B 242 -13.90 15.25 -46.82
N GLU B 243 -14.92 16.10 -46.94
CA GLU B 243 -15.47 16.38 -48.26
C GLU B 243 -14.36 16.80 -49.22
N ASP B 244 -13.51 17.72 -48.77
CA ASP B 244 -12.38 18.16 -49.58
C ASP B 244 -11.55 16.97 -50.04
N VAL B 245 -11.17 16.11 -49.10
CA VAL B 245 -10.38 14.93 -49.44
C VAL B 245 -11.13 14.09 -50.45
N ALA B 246 -12.42 13.84 -50.18
CA ALA B 246 -13.22 12.99 -51.06
C ALA B 246 -13.41 13.63 -52.42
N GLN B 247 -13.27 14.95 -52.52
CA GLN B 247 -13.34 15.59 -53.83
C GLN B 247 -12.03 15.39 -54.60
N GLU B 248 -10.90 15.40 -53.90
CA GLU B 248 -9.61 15.34 -54.56
C GLU B 248 -9.29 13.95 -55.07
N LEU B 249 -9.64 12.92 -54.31
CA LEU B 249 -9.31 11.55 -54.70
C LEU B 249 -10.28 10.98 -55.71
N GLY B 250 -11.38 11.66 -56.00
CA GLY B 250 -12.37 11.11 -56.91
C GLY B 250 -13.07 9.88 -56.37
N LEU B 251 -13.44 9.87 -55.10
CA LEU B 251 -14.22 8.78 -54.55
C LEU B 251 -15.66 8.85 -55.08
N LEU B 252 -16.32 7.70 -55.07
CA LEU B 252 -17.64 7.56 -55.67
C LEU B 252 -18.73 7.74 -54.61
N LYS B 253 -19.69 8.59 -54.90
CA LYS B 253 -20.75 8.90 -53.95
C LYS B 253 -21.71 7.72 -53.80
N ARG B 254 -22.34 7.64 -52.64
CA ARG B 254 -23.35 6.62 -52.39
C ARG B 254 -24.54 7.16 -51.62
N SER B 255 -24.65 8.49 -51.47
CA SER B 255 -25.65 9.09 -50.59
C SER B 255 -27.07 8.81 -51.04
N THR B 256 -27.45 9.34 -52.21
CA THR B 256 -28.83 9.27 -52.70
C THR B 256 -29.81 9.85 -51.66
N THR B 257 -29.31 10.72 -50.80
CA THR B 257 -30.10 11.31 -49.72
C THR B 257 -29.40 12.59 -49.28
N ASP B 258 -29.82 13.13 -48.13
CA ASP B 258 -29.20 14.32 -47.57
C ASP B 258 -28.01 14.01 -46.67
N ASP B 259 -27.74 12.73 -46.40
CA ASP B 259 -26.60 12.31 -45.60
C ASP B 259 -25.52 11.76 -46.52
N VAL B 260 -24.30 12.27 -46.38
CA VAL B 260 -23.24 11.97 -47.32
C VAL B 260 -22.57 10.65 -46.97
N SER B 261 -22.20 9.90 -48.00
CA SER B 261 -21.41 8.68 -47.85
C SER B 261 -20.74 8.38 -49.19
N TRP B 262 -19.51 7.86 -49.12
CA TRP B 262 -18.70 7.60 -50.30
C TRP B 262 -18.25 6.15 -50.30
N SER B 263 -17.62 5.74 -51.40
CA SER B 263 -17.04 4.42 -51.50
C SER B 263 -15.63 4.40 -50.89
N ARG B 264 -15.15 3.20 -50.59
CA ARG B 264 -13.87 3.04 -49.94
C ARG B 264 -12.71 3.29 -50.91
N HIS B 265 -11.60 3.78 -50.37
CA HIS B 265 -10.35 3.78 -51.10
C HIS B 265 -9.84 2.34 -51.22
N PRO B 266 -9.35 1.95 -52.40
CA PRO B 266 -8.94 0.54 -52.57
C PRO B 266 -7.86 0.07 -51.61
N LEU B 267 -6.91 0.92 -51.22
CA LEU B 267 -5.85 0.49 -50.31
C LEU B 267 -6.33 0.35 -48.87
N ALA B 268 -7.51 0.90 -48.55
CA ALA B 268 -8.09 0.67 -47.24
C ALA B 268 -8.40 -0.81 -47.03
N TYR B 269 -8.72 -1.53 -48.10
CA TYR B 269 -8.89 -2.97 -47.99
C TYR B 269 -7.61 -3.66 -47.54
N LEU B 270 -6.46 -3.25 -48.09
CA LEU B 270 -5.19 -3.83 -47.68
C LEU B 270 -4.85 -3.49 -46.24
N VAL B 271 -5.15 -2.26 -45.82
CA VAL B 271 -4.94 -1.88 -44.43
C VAL B 271 -5.76 -2.78 -43.50
N GLU B 272 -7.03 -2.97 -43.84
CA GLU B 272 -7.90 -3.80 -43.02
C GLU B 272 -7.44 -5.25 -43.00
N ALA B 273 -6.98 -5.76 -44.15
CA ALA B 273 -6.50 -7.14 -44.20
C ALA B 273 -5.29 -7.34 -43.32
N ALA B 274 -4.35 -6.40 -43.34
CA ALA B 274 -3.16 -6.50 -42.49
C ALA B 274 -3.52 -6.45 -41.02
N ASP B 275 -4.42 -5.53 -40.64
CA ASP B 275 -4.85 -5.43 -39.25
C ASP B 275 -5.45 -6.76 -38.78
N ASP B 276 -6.34 -7.33 -39.60
CA ASP B 276 -7.04 -8.55 -39.23
C ASP B 276 -6.07 -9.72 -39.08
N ILE B 277 -5.18 -9.91 -40.07
CA ILE B 277 -4.21 -11.00 -40.00
C ILE B 277 -3.39 -10.90 -38.73
N CYS B 278 -2.84 -9.72 -38.47
CA CYS B 278 -1.94 -9.57 -37.34
C CYS B 278 -2.64 -9.87 -36.02
N TYR B 279 -3.79 -9.24 -35.77
CA TYR B 279 -4.37 -9.44 -34.45
C TYR B 279 -4.92 -10.85 -34.30
N THR B 280 -5.47 -11.44 -35.37
CA THR B 280 -5.99 -12.81 -35.27
C THR B 280 -4.90 -13.79 -34.90
N ILE B 281 -3.72 -13.71 -35.53
CA ILE B 281 -2.69 -14.70 -35.19
C ILE B 281 -2.02 -14.38 -33.85
N ILE B 282 -1.69 -13.11 -33.62
CA ILE B 282 -0.88 -12.78 -32.44
C ILE B 282 -1.68 -12.94 -31.15
N ASP B 283 -2.99 -12.77 -31.20
CA ASP B 283 -3.81 -12.95 -30.00
C ASP B 283 -3.71 -14.42 -29.57
N PHE B 284 -3.86 -15.32 -30.52
CA PHE B 284 -3.74 -16.75 -30.27
C PHE B 284 -2.38 -17.10 -29.69
N GLU B 285 -1.31 -16.59 -30.30
CA GLU B 285 0.04 -16.89 -29.81
C GLU B 285 0.24 -16.38 -28.39
N ASP B 286 -0.23 -15.15 -28.11
CA ASP B 286 -0.07 -14.58 -26.78
C ASP B 286 -0.87 -15.35 -25.75
N GLY B 287 -2.07 -15.80 -26.10
CA GLY B 287 -2.83 -16.62 -25.18
C GLY B 287 -2.17 -17.94 -24.88
N ILE B 288 -1.52 -18.54 -25.90
CA ILE B 288 -0.79 -19.78 -25.67
C ILE B 288 0.39 -19.53 -24.73
N ASN B 289 1.14 -18.46 -24.95
CA ASN B 289 2.31 -18.18 -24.12
C ASN B 289 1.95 -17.82 -22.69
N LEU B 290 0.73 -17.31 -22.46
CA LEU B 290 0.32 -16.90 -21.11
C LEU B 290 -0.14 -18.06 -20.26
N GLY B 291 -0.46 -19.21 -20.86
CA GLY B 291 -1.00 -20.34 -20.14
C GLY B 291 -2.51 -20.48 -20.20
N LEU B 292 -3.20 -19.63 -20.94
CA LEU B 292 -4.65 -19.72 -21.06
C LEU B 292 -5.11 -20.68 -22.14
N ILE B 293 -4.23 -21.08 -23.05
CA ILE B 293 -4.59 -22.03 -24.10
C ILE B 293 -3.56 -23.17 -24.12
N PRO B 294 -4.00 -24.43 -24.13
CA PRO B 294 -3.04 -25.54 -24.25
C PRO B 294 -2.29 -25.50 -25.59
N GLU B 295 -1.05 -25.98 -25.55
CA GLU B 295 -0.20 -25.93 -26.73
C GLU B 295 -0.69 -26.84 -27.85
N GLU B 296 -1.44 -27.89 -27.51
CA GLU B 296 -1.90 -28.83 -28.54
C GLU B 296 -2.73 -28.12 -29.60
N TYR B 297 -3.62 -27.23 -29.18
CA TYR B 297 -4.44 -26.48 -30.13
C TYR B 297 -3.59 -25.75 -31.15
N ALA B 298 -2.37 -25.36 -30.76
CA ALA B 298 -1.48 -24.64 -31.66
C ALA B 298 -1.24 -25.41 -32.95
N LEU B 299 -1.23 -26.74 -32.88
CA LEU B 299 -1.08 -27.57 -34.06
C LEU B 299 -2.41 -28.13 -34.56
N GLU B 300 -3.45 -28.09 -33.74
CA GLU B 300 -4.75 -28.59 -34.19
C GLU B 300 -5.41 -27.64 -35.17
N TYR B 301 -5.18 -26.33 -35.03
CA TYR B 301 -5.84 -25.33 -35.83
C TYR B 301 -4.95 -24.67 -36.87
N MET B 302 -3.64 -24.85 -36.79
CA MET B 302 -2.71 -24.07 -37.59
C MET B 302 -2.07 -24.90 -38.70
N VAL B 303 -2.17 -26.23 -38.64
CA VAL B 303 -1.39 -27.10 -39.52
C VAL B 303 -1.75 -26.84 -40.98
N LYS B 304 -3.04 -26.74 -41.28
CA LYS B 304 -3.46 -26.51 -42.67
C LYS B 304 -2.90 -25.20 -43.20
N LEU B 305 -2.65 -24.23 -42.32
CA LEU B 305 -2.05 -22.97 -42.74
C LEU B 305 -0.55 -23.11 -42.98
N VAL B 306 0.12 -23.98 -42.23
CA VAL B 306 1.57 -24.09 -42.26
C VAL B 306 2.04 -25.40 -42.85
N GLY B 307 1.13 -26.30 -43.22
CA GLY B 307 1.53 -27.63 -43.65
C GLY B 307 2.29 -27.66 -44.95
N GLN B 308 2.17 -26.63 -45.77
CA GLN B 308 2.80 -26.63 -47.09
C GLN B 308 4.21 -26.07 -47.09
N THR B 309 4.70 -25.55 -45.96
CA THR B 309 6.05 -24.99 -45.92
C THR B 309 6.79 -25.32 -44.63
N ILE B 310 6.22 -26.11 -43.73
CA ILE B 310 6.86 -26.41 -42.45
C ILE B 310 7.99 -27.41 -42.65
N ASP B 311 9.12 -27.14 -42.01
CA ASP B 311 10.23 -28.08 -41.96
C ASP B 311 10.13 -28.89 -40.68
N ARG B 312 9.92 -30.21 -40.81
CA ARG B 312 9.61 -31.04 -39.65
C ARG B 312 10.83 -31.20 -38.75
N ASN B 313 12.02 -31.31 -39.32
CA ASN B 313 13.22 -31.46 -38.51
C ASN B 313 13.47 -30.24 -37.64
N LYS B 314 13.33 -29.05 -38.21
CA LYS B 314 13.50 -27.83 -37.44
C LYS B 314 12.44 -27.70 -36.36
N TYR B 315 11.20 -28.08 -36.67
CA TYR B 315 10.13 -28.02 -35.68
C TYR B 315 10.42 -28.97 -34.52
N ASN B 316 10.90 -30.17 -34.82
CA ASN B 316 11.16 -31.17 -33.79
C ASN B 316 12.42 -30.87 -32.99
N ALA B 317 13.38 -30.13 -33.57
CA ALA B 317 14.61 -29.81 -32.85
C ALA B 317 14.43 -28.75 -31.78
N LEU B 318 13.36 -27.97 -31.83
CA LEU B 318 13.13 -26.93 -30.82
C LEU B 318 12.67 -27.57 -29.51
N GLN B 319 12.93 -26.85 -28.40
CA GLN B 319 12.75 -27.42 -27.08
C GLN B 319 11.91 -26.56 -26.15
N GLU B 320 11.28 -25.50 -26.64
CA GLU B 320 10.42 -24.67 -25.82
C GLU B 320 9.18 -24.28 -26.61
N THR B 321 8.10 -24.00 -25.87
CA THR B 321 6.84 -23.64 -26.51
C THR B 321 6.97 -22.34 -27.30
N SER B 322 7.75 -21.40 -26.78
CA SER B 322 7.90 -20.09 -27.41
C SER B 322 8.47 -20.22 -28.82
N ASP B 323 9.51 -21.03 -28.99
CA ASP B 323 10.12 -21.19 -30.31
C ASP B 323 9.13 -21.79 -31.30
N ARG B 324 8.41 -22.82 -30.88
CA ARG B 324 7.48 -23.50 -31.79
C ARG B 324 6.36 -22.55 -32.21
N VAL B 325 5.77 -21.83 -31.25
CA VAL B 325 4.68 -20.92 -31.61
C VAL B 325 5.18 -19.78 -32.48
N SER B 326 6.40 -19.29 -32.25
CA SER B 326 6.93 -18.24 -33.11
C SER B 326 7.13 -18.74 -34.54
N TYR B 327 7.66 -19.96 -34.70
CA TYR B 327 7.82 -20.55 -36.02
C TYR B 327 6.47 -20.65 -36.73
N LEU B 328 5.47 -21.19 -36.03
CA LEU B 328 4.15 -21.34 -36.64
C LEU B 328 3.56 -19.98 -37.01
N ARG B 329 3.75 -18.98 -36.16
CA ARG B 329 3.22 -17.64 -36.44
C ARG B 329 3.84 -17.06 -37.71
N ALA B 330 5.16 -17.19 -37.86
CA ALA B 330 5.82 -16.66 -39.06
C ALA B 330 5.28 -17.34 -40.31
N LEU B 331 5.19 -18.67 -40.30
CA LEU B 331 4.71 -19.38 -41.48
C LEU B 331 3.28 -18.98 -41.83
N ALA B 332 2.40 -18.89 -40.82
CA ALA B 332 1.01 -18.53 -41.06
C ALA B 332 0.89 -17.13 -41.64
N ILE B 333 1.66 -16.18 -41.11
CA ILE B 333 1.58 -14.81 -41.63
C ILE B 333 2.00 -14.78 -43.10
N GLY B 334 3.06 -15.50 -43.46
CA GLY B 334 3.46 -15.53 -44.86
C GLY B 334 2.37 -16.08 -45.77
N THR B 335 1.78 -17.21 -45.37
CA THR B 335 0.73 -17.83 -46.19
C THR B 335 -0.46 -16.89 -46.38
N LEU B 336 -0.91 -16.27 -45.28
CA LEU B 336 -2.07 -15.39 -45.36
C LEU B 336 -1.79 -14.17 -46.21
N ILE B 337 -0.57 -13.62 -46.13
CA ILE B 337 -0.22 -12.47 -46.95
C ILE B 337 -0.32 -12.81 -48.43
N ASN B 338 0.24 -13.97 -48.81
CA ASN B 338 0.19 -14.36 -50.21
C ASN B 338 -1.25 -14.55 -50.69
N GLU B 339 -2.07 -15.20 -49.87
CA GLU B 339 -3.46 -15.43 -50.26
C GLU B 339 -4.22 -14.11 -50.39
N SER B 340 -3.96 -13.16 -49.49
CA SER B 340 -4.64 -11.87 -49.57
C SER B 340 -4.25 -11.12 -50.84
N VAL B 341 -2.98 -11.18 -51.23
CA VAL B 341 -2.57 -10.53 -52.48
C VAL B 341 -3.30 -11.14 -53.66
N ASP B 342 -3.38 -12.47 -53.70
CA ASP B 342 -4.09 -13.13 -54.81
C ASP B 342 -5.55 -12.72 -54.85
N THR B 343 -6.22 -12.71 -53.69
CA THR B 343 -7.63 -12.34 -53.64
C THR B 343 -7.85 -10.90 -54.10
N PHE B 344 -6.99 -9.98 -53.67
CA PHE B 344 -7.12 -8.59 -54.10
C PHE B 344 -6.98 -8.48 -55.61
N MET B 345 -5.97 -9.14 -56.18
CA MET B 345 -5.78 -9.04 -57.62
C MET B 345 -6.91 -9.69 -58.40
N LYS B 346 -7.62 -10.65 -57.80
CA LYS B 346 -8.74 -11.27 -58.50
C LYS B 346 -9.91 -10.30 -58.69
N TYR B 347 -10.32 -9.62 -57.62
CA TYR B 347 -11.51 -8.78 -57.63
C TYR B 347 -11.20 -7.30 -57.80
N GLU B 348 -10.17 -6.96 -58.57
CA GLU B 348 -9.72 -5.58 -58.63
C GLU B 348 -10.77 -4.68 -59.26
N GLU B 349 -11.38 -5.13 -60.36
CA GLU B 349 -12.33 -4.26 -61.08
C GLU B 349 -13.54 -3.94 -60.23
N GLU B 350 -14.04 -4.92 -59.47
CA GLU B 350 -15.20 -4.67 -58.60
C GLU B 350 -14.85 -3.69 -57.49
N ILE B 351 -13.64 -3.79 -56.93
CA ILE B 351 -13.23 -2.85 -55.89
C ILE B 351 -13.11 -1.44 -56.47
N LEU B 352 -12.53 -1.31 -57.66
CA LEU B 352 -12.43 -0.01 -58.30
C LEU B 352 -13.82 0.56 -58.59
N ALA B 353 -14.76 -0.29 -59.02
CA ALA B 353 -16.10 0.17 -59.32
C ALA B 353 -16.91 0.49 -58.06
N GLY B 354 -16.60 -0.15 -56.95
CA GLY B 354 -17.30 0.09 -55.70
C GLY B 354 -18.31 -0.97 -55.32
N THR B 355 -18.44 -2.05 -56.09
CA THR B 355 -19.46 -3.06 -55.85
C THR B 355 -19.02 -4.14 -54.88
N PHE B 356 -17.75 -4.19 -54.48
CA PHE B 356 -17.31 -5.20 -53.54
C PHE B 356 -17.93 -4.95 -52.18
N ASP B 357 -18.41 -6.01 -51.52
CA ASP B 357 -19.19 -5.89 -50.30
C ASP B 357 -18.59 -6.59 -49.11
N GLN B 358 -17.56 -7.40 -49.28
CA GLN B 358 -16.93 -8.12 -48.18
C GLN B 358 -15.48 -7.67 -48.04
N SER B 359 -14.82 -8.20 -47.02
CA SER B 359 -13.39 -8.00 -46.85
C SER B 359 -12.62 -9.07 -47.60
N LEU B 360 -11.34 -8.81 -47.84
CA LEU B 360 -10.49 -9.78 -48.53
C LEU B 360 -10.32 -11.06 -47.73
N ILE B 361 -10.55 -11.02 -46.42
CA ILE B 361 -10.34 -12.20 -45.59
C ILE B 361 -11.52 -13.16 -45.64
N ASP B 362 -12.70 -12.68 -46.02
CA ASP B 362 -13.87 -13.55 -46.12
C ASP B 362 -13.90 -14.33 -47.42
N LYS B 363 -13.08 -13.95 -48.40
CA LYS B 363 -12.95 -14.70 -49.65
C LYS B 363 -11.75 -15.65 -49.61
N SER B 364 -11.44 -16.19 -48.43
CA SER B 364 -10.27 -17.02 -48.23
C SER B 364 -10.65 -18.48 -48.06
N ASN B 365 -9.68 -19.36 -48.28
CA ASN B 365 -9.86 -20.79 -48.17
C ASN B 365 -9.72 -21.32 -46.76
N TYR B 366 -9.23 -20.51 -45.83
CA TYR B 366 -9.00 -20.92 -44.45
C TYR B 366 -9.93 -20.17 -43.51
N GLN B 367 -11.15 -19.90 -43.95
CA GLN B 367 -12.09 -19.18 -43.11
C GLN B 367 -12.51 -19.99 -41.89
N ALA B 368 -12.66 -21.31 -42.04
CA ALA B 368 -13.04 -22.14 -40.90
C ALA B 368 -11.97 -22.11 -39.80
N GLN B 369 -10.70 -22.19 -40.19
CA GLN B 369 -9.62 -22.15 -39.20
C GLN B 369 -9.58 -20.81 -38.49
N ILE B 370 -9.72 -19.71 -39.24
CA ILE B 370 -9.74 -18.39 -38.62
C ILE B 370 -10.92 -18.26 -37.66
N THR B 371 -12.08 -18.76 -38.07
CA THR B 371 -13.26 -18.70 -37.20
C THR B 371 -13.05 -19.50 -35.93
N ASP B 372 -12.45 -20.68 -36.03
CA ASP B 372 -12.17 -21.48 -34.84
C ASP B 372 -11.19 -20.77 -33.91
N ILE B 373 -10.13 -20.19 -34.48
CA ILE B 373 -9.15 -19.47 -33.66
C ILE B 373 -9.82 -18.31 -32.93
N ILE B 374 -10.66 -17.53 -33.64
CA ILE B 374 -11.32 -16.39 -33.03
C ILE B 374 -12.28 -16.84 -31.92
N ASN B 375 -13.04 -17.90 -32.16
CA ASN B 375 -13.96 -18.38 -31.15
C ASN B 375 -13.23 -18.86 -29.90
N LEU B 376 -12.12 -19.57 -30.09
CA LEU B 376 -11.32 -20.00 -28.94
C LEU B 376 -10.77 -18.80 -28.17
N SER B 377 -10.31 -17.77 -28.90
CA SER B 377 -9.82 -16.57 -28.24
C SER B 377 -10.90 -15.88 -27.43
N ILE B 378 -12.12 -15.82 -27.97
CA ILE B 378 -13.22 -15.20 -27.24
C ILE B 378 -13.54 -16.01 -25.99
N GLU B 379 -13.58 -17.34 -26.10
CA GLU B 379 -13.92 -18.16 -24.96
C GLU B 379 -12.85 -18.09 -23.86
N ARG B 380 -11.58 -18.05 -24.25
CA ARG B 380 -10.50 -18.22 -23.28
C ARG B 380 -9.87 -16.92 -22.81
N ILE B 381 -9.69 -15.93 -23.69
CA ILE B 381 -8.93 -14.73 -23.35
C ILE B 381 -9.86 -13.56 -22.99
N TYR B 382 -10.84 -13.27 -23.85
CA TYR B 382 -11.67 -12.10 -23.62
C TYR B 382 -12.53 -12.24 -22.37
N ASN B 383 -12.88 -13.47 -22.00
CA ASN B 383 -13.77 -13.73 -20.87
C ASN B 383 -13.03 -14.29 -19.66
N SER B 384 -11.71 -14.15 -19.62
CA SER B 384 -10.97 -14.58 -18.45
C SER B 384 -11.21 -13.61 -17.29
N ARG B 385 -10.99 -14.09 -16.07
CA ARG B 385 -11.40 -13.35 -14.89
C ARG B 385 -10.64 -12.02 -14.77
N GLU B 386 -9.32 -12.04 -14.98
CA GLU B 386 -8.53 -10.83 -14.83
C GLU B 386 -8.96 -9.75 -15.82
N VAL B 387 -9.21 -10.14 -17.07
CA VAL B 387 -9.64 -9.18 -18.09
C VAL B 387 -10.96 -8.51 -17.68
N ILE B 388 -11.90 -9.31 -17.18
CA ILE B 388 -13.19 -8.77 -16.75
C ILE B 388 -13.00 -7.80 -15.60
N GLU B 389 -12.12 -8.14 -14.64
CA GLU B 389 -11.86 -7.25 -13.52
C GLU B 389 -11.35 -5.89 -14.00
N LYS B 390 -10.36 -5.91 -14.90
CA LYS B 390 -9.82 -4.65 -15.40
C LYS B 390 -10.86 -3.84 -16.15
N GLU B 391 -11.70 -4.49 -16.96
CA GLU B 391 -12.73 -3.75 -17.68
C GLU B 391 -13.73 -3.11 -16.71
N ILE B 392 -14.12 -3.83 -15.67
CA ILE B 392 -15.06 -3.29 -14.69
C ILE B 392 -14.47 -2.07 -14.02
N ALA B 393 -13.19 -2.12 -13.67
CA ALA B 393 -12.55 -0.95 -13.07
C ALA B 393 -12.49 0.23 -14.04
N GLY B 394 -12.20 -0.05 -15.31
CA GLY B 394 -12.10 1.02 -16.29
C GLY B 394 -13.41 1.76 -16.50
N TYR B 395 -14.53 1.04 -16.42
CA TYR B 395 -15.83 1.70 -16.51
C TYR B 395 -15.97 2.81 -15.47
N GLU B 396 -15.67 2.49 -14.21
CA GLU B 396 -15.78 3.45 -13.13
C GLU B 396 -14.82 4.63 -13.32
N ILE B 397 -13.58 4.33 -13.71
CA ILE B 397 -12.59 5.39 -13.88
C ILE B 397 -13.05 6.40 -14.94
N LEU B 398 -13.46 5.89 -16.10
CA LEU B 398 -13.86 6.78 -17.19
C LEU B 398 -15.10 7.58 -16.83
N SER B 399 -16.07 6.94 -16.17
CA SER B 399 -17.29 7.67 -15.79
C SER B 399 -16.97 8.80 -14.83
N THR B 400 -16.11 8.55 -13.83
CA THR B 400 -15.77 9.60 -12.87
C THR B 400 -15.10 10.80 -13.57
N LEU B 401 -14.12 10.52 -14.42
CA LEU B 401 -13.39 11.61 -15.07
C LEU B 401 -14.32 12.42 -15.99
N LEU B 402 -15.17 11.73 -16.77
CA LEU B 402 -16.08 12.43 -17.65
C LEU B 402 -17.07 13.30 -16.87
N GLU B 403 -17.61 12.77 -15.77
CA GLU B 403 -18.56 13.55 -14.98
C GLU B 403 -17.91 14.80 -14.40
N ALA B 404 -16.68 14.67 -13.91
CA ALA B 404 -16.00 15.86 -13.38
C ALA B 404 -15.81 16.91 -14.46
N ARG B 405 -15.36 16.50 -15.65
CA ARG B 405 -15.16 17.46 -16.72
C ARG B 405 -16.47 18.14 -17.12
N CYS B 406 -17.55 17.35 -17.25
CA CYS B 406 -18.83 17.93 -17.67
C CYS B 406 -19.38 18.89 -16.63
N ARG B 407 -19.29 18.54 -15.34
CA ARG B 407 -19.79 19.43 -14.30
C ARG B 407 -18.99 20.72 -14.25
N ALA B 408 -17.67 20.63 -14.44
CA ALA B 408 -16.88 21.86 -14.53
C ALA B 408 -17.29 22.69 -15.73
N LEU B 409 -17.69 22.03 -16.83
CA LEU B 409 -18.15 22.77 -18.00
C LEU B 409 -19.45 23.52 -17.72
N ASP B 410 -20.39 22.87 -17.02
CA ASP B 410 -21.70 23.48 -16.81
C ASP B 410 -21.59 24.78 -15.99
N ASN B 411 -20.93 24.71 -14.83
CA ASN B 411 -20.74 25.86 -13.97
C ASN B 411 -19.25 26.16 -13.87
N ASN B 412 -18.88 27.41 -14.17
CA ASN B 412 -17.47 27.79 -14.19
C ASN B 412 -17.16 28.89 -13.19
N ASP B 413 -18.06 29.17 -12.24
CA ASP B 413 -17.84 30.22 -11.25
C ASP B 413 -17.39 29.69 -9.90
N THR B 414 -17.62 28.41 -9.60
CA THR B 414 -17.25 27.86 -8.31
C THR B 414 -15.74 27.68 -8.21
N HIS B 415 -15.26 27.64 -6.97
CA HIS B 415 -13.83 27.40 -6.71
C HIS B 415 -13.42 26.00 -7.12
N TYR B 416 -14.29 25.01 -6.86
CA TYR B 416 -13.97 23.63 -7.19
C TYR B 416 -13.84 23.42 -8.69
N ASN B 417 -14.72 24.04 -9.47
CA ASN B 417 -14.64 23.89 -10.91
C ASN B 417 -13.38 24.56 -11.48
N GLN B 418 -12.96 25.68 -10.90
CA GLN B 418 -11.70 26.29 -11.28
C GLN B 418 -10.52 25.36 -10.98
N LEU B 419 -10.54 24.70 -9.82
CA LEU B 419 -9.50 23.73 -9.50
C LEU B 419 -9.50 22.58 -10.51
N ILE B 420 -10.68 22.07 -10.86
CA ILE B 420 -10.78 20.97 -11.81
C ILE B 420 -10.22 21.39 -13.17
N GLN B 421 -10.55 22.61 -13.61
CA GLN B 421 -10.03 23.10 -14.88
C GLN B 421 -8.51 23.24 -14.83
N GLN B 422 -7.97 23.71 -13.71
CA GLN B 422 -6.52 23.86 -13.59
C GLN B 422 -5.82 22.51 -13.61
N LEU B 423 -6.42 21.49 -12.99
CA LEU B 423 -5.76 20.18 -12.95
C LEU B 423 -5.87 19.47 -14.29
N LEU B 424 -7.08 19.35 -14.83
CA LEU B 424 -7.30 18.43 -15.96
C LEU B 424 -7.10 19.09 -17.32
N ALA B 425 -7.65 20.28 -17.53
CA ALA B 425 -7.61 20.93 -18.84
C ALA B 425 -7.11 22.36 -18.70
N PRO B 426 -5.79 22.56 -18.63
CA PRO B 426 -5.22 23.93 -18.65
C PRO B 426 -5.05 24.45 -20.07
N GLU B 431 -14.49 30.35 -26.21
CA GLU B 431 -15.40 30.63 -27.32
C GLU B 431 -15.59 29.36 -28.15
N LYS B 432 -16.66 28.63 -27.87
CA LYS B 432 -17.02 27.43 -28.63
C LYS B 432 -18.46 27.09 -28.32
N SER B 433 -19.05 26.26 -29.19
CA SER B 433 -20.41 25.80 -28.98
C SER B 433 -20.42 24.63 -27.98
N LEU B 434 -21.63 24.21 -27.61
CA LEU B 434 -21.76 23.09 -26.68
C LEU B 434 -21.23 21.80 -27.28
N TYR B 435 -21.55 21.54 -28.55
CA TYR B 435 -21.08 20.31 -29.21
C TYR B 435 -19.57 20.28 -29.30
N GLU B 436 -18.96 21.42 -29.64
CA GLU B 436 -17.51 21.49 -29.72
C GLU B 436 -16.87 21.22 -28.36
N ASN B 437 -17.44 21.78 -27.30
CA ASN B 437 -16.90 21.56 -25.96
C ASN B 437 -17.02 20.10 -25.54
N LEU B 438 -18.17 19.46 -25.84
CA LEU B 438 -18.32 18.06 -25.48
C LEU B 438 -17.36 17.17 -26.26
N ILE B 439 -17.16 17.46 -27.54
CA ILE B 439 -16.20 16.70 -28.34
C ILE B 439 -14.80 16.90 -27.81
N GLN B 440 -14.46 18.13 -27.40
CA GLN B 440 -13.14 18.38 -26.84
C GLN B 440 -12.92 17.60 -25.54
N ILE B 441 -13.96 17.51 -24.70
CA ILE B 441 -13.84 16.74 -23.46
C ILE B 441 -13.59 15.27 -23.77
N CYS B 442 -14.37 14.71 -24.71
CA CYS B 442 -14.18 13.31 -25.09
C CYS B 442 -12.78 13.09 -25.64
N ALA B 443 -12.27 14.02 -26.44
CA ALA B 443 -10.93 13.88 -27.00
C ALA B 443 -9.86 13.95 -25.91
N GLU B 444 -10.02 14.87 -24.96
CA GLU B 444 -9.00 15.01 -23.91
C GLU B 444 -8.96 13.82 -22.97
N VAL B 445 -10.11 13.19 -22.73
CA VAL B 445 -10.09 11.96 -21.92
C VAL B 445 -9.39 10.83 -22.67
N SER B 446 -9.54 10.76 -24.00
CA SER B 446 -9.02 9.65 -24.76
C SER B 446 -7.53 9.75 -25.08
N THR B 447 -6.87 10.86 -24.76
CA THR B 447 -5.42 10.96 -24.96
C THR B 447 -4.64 10.39 -23.79
N MET B 448 -5.29 10.03 -22.69
CA MET B 448 -4.59 9.54 -21.53
C MET B 448 -4.26 8.06 -21.68
N THR B 449 -3.16 7.67 -21.04
CA THR B 449 -2.84 6.27 -20.90
C THR B 449 -3.64 5.65 -19.75
N ASP B 450 -3.55 4.33 -19.63
CA ASP B 450 -4.23 3.65 -18.53
C ASP B 450 -3.67 4.09 -17.18
N GLY B 451 -2.35 4.20 -17.08
CA GLY B 451 -1.73 4.61 -15.83
C GLY B 451 -2.07 6.04 -15.45
N LYS B 452 -2.02 6.94 -16.42
CA LYS B 452 -2.37 8.34 -16.14
C LYS B 452 -3.83 8.47 -15.72
N ALA B 453 -4.72 7.75 -16.40
CA ALA B 453 -6.13 7.79 -16.03
C ALA B 453 -6.34 7.26 -14.62
N LEU B 454 -5.70 6.15 -14.28
CA LEU B 454 -5.84 5.60 -12.93
C LEU B 454 -5.28 6.54 -11.87
N ARG B 455 -4.12 7.14 -12.14
CA ARG B 455 -3.52 8.07 -11.19
C ARG B 455 -4.41 9.30 -10.97
N ASN B 456 -4.96 9.85 -12.05
CA ASN B 456 -5.86 10.99 -11.92
C ASN B 456 -7.12 10.61 -11.17
N TYR B 457 -7.65 9.42 -11.42
CA TYR B 457 -8.84 8.97 -10.69
C TYR B 457 -8.56 8.86 -9.20
N LYS B 458 -7.40 8.32 -8.83
CA LYS B 458 -7.05 8.24 -7.41
C LYS B 458 -6.86 9.62 -6.81
N LYS B 459 -6.27 10.55 -7.57
CA LYS B 459 -6.06 11.90 -7.07
C LYS B 459 -7.38 12.61 -6.84
N ILE B 460 -8.35 12.42 -7.74
CA ILE B 460 -9.66 13.05 -7.56
C ILE B 460 -10.31 12.59 -6.27
N LYS B 461 -10.19 11.30 -5.95
CA LYS B 461 -10.78 10.73 -4.74
C LYS B 461 -9.85 10.78 -3.54
N GLY B 462 -8.65 11.33 -3.68
CA GLY B 462 -7.75 11.48 -2.56
C GLY B 462 -7.22 10.19 -1.96
N LEU B 463 -6.83 9.24 -2.79
CA LEU B 463 -6.27 7.97 -2.32
C LEU B 463 -4.88 7.73 -2.91
N ASN C 25 -0.67 -58.16 22.97
CA ASN C 25 -1.90 -58.30 23.72
C ASN C 25 -2.74 -57.04 23.66
N TRP C 26 -3.99 -57.18 23.24
CA TRP C 26 -4.86 -56.02 23.05
C TRP C 26 -5.34 -55.42 24.36
N GLU C 27 -5.31 -56.18 25.46
CA GLU C 27 -5.73 -55.63 26.74
C GLU C 27 -4.80 -54.55 27.24
N HIS C 28 -3.54 -54.58 26.80
CA HIS C 28 -2.56 -53.57 27.20
C HIS C 28 -2.44 -52.43 26.21
N LEU C 29 -2.89 -52.62 24.97
CA LEU C 29 -2.82 -51.57 23.98
C LEU C 29 -3.91 -50.51 24.19
N LEU C 30 -5.04 -50.90 24.76
CA LEU C 30 -6.15 -49.98 25.00
C LEU C 30 -6.13 -49.48 26.44
N SER C 31 -5.06 -48.76 26.78
CA SER C 31 -4.84 -48.31 28.14
C SER C 31 -5.49 -46.97 28.40
N LEU C 32 -5.98 -46.78 29.62
CA LEU C 32 -6.66 -45.56 30.03
C LEU C 32 -5.84 -44.73 31.00
N LYS C 33 -4.54 -44.97 31.08
CA LYS C 33 -3.71 -44.27 32.05
C LYS C 33 -3.49 -42.83 31.62
N ARG C 34 -3.27 -41.97 32.60
CA ARG C 34 -2.94 -40.57 32.37
C ARG C 34 -1.70 -40.23 33.17
N GLN C 35 -1.00 -39.18 32.74
CA GLN C 35 0.29 -38.84 33.33
C GLN C 35 0.10 -38.44 34.80
N GLY C 36 0.89 -39.06 35.66
CA GLY C 36 0.83 -38.80 37.08
C GLY C 36 -0.30 -39.54 37.78
N ASP C 37 -0.44 -40.83 37.52
CA ASP C 37 -1.49 -41.64 38.11
C ASP C 37 -0.88 -42.84 38.82
N THR C 38 -1.47 -43.21 39.96
CA THR C 38 -1.00 -44.34 40.75
C THR C 38 -1.99 -45.49 40.86
N ALA C 39 -3.28 -45.24 40.65
CA ALA C 39 -4.30 -46.28 40.69
C ALA C 39 -4.75 -46.59 39.27
N LYS C 40 -4.74 -47.88 38.93
CA LYS C 40 -5.02 -48.30 37.56
C LYS C 40 -6.50 -48.13 37.25
N ARG C 41 -6.81 -47.32 36.25
CA ARG C 41 -8.18 -47.15 35.79
C ARG C 41 -8.63 -48.37 35.00
N LEU C 42 -9.89 -48.76 35.20
CA LEU C 42 -10.45 -49.94 34.56
C LEU C 42 -11.63 -49.53 33.70
N ARG C 43 -11.84 -50.31 32.63
CA ARG C 43 -12.92 -50.00 31.69
C ARG C 43 -14.30 -50.26 32.30
N ILE C 44 -14.42 -51.25 33.18
CA ILE C 44 -15.70 -51.55 33.80
C ILE C 44 -16.14 -50.40 34.70
N GLU C 45 -15.20 -49.74 35.36
CA GLU C 45 -15.50 -48.69 36.32
C GLU C 45 -15.61 -47.31 35.67
N GLN C 46 -15.95 -47.25 34.39
CA GLN C 46 -16.10 -45.97 33.69
C GLN C 46 -17.57 -45.63 33.49
N LEU C 51 -16.62 -40.97 29.48
CA LEU C 51 -15.67 -41.96 29.00
C LEU C 51 -14.32 -41.32 28.72
N GLY C 52 -13.25 -42.09 28.91
CA GLY C 52 -11.91 -41.53 28.83
C GLY C 52 -11.51 -41.08 27.45
N PHE C 53 -11.93 -41.81 26.41
CA PHE C 53 -11.48 -41.54 25.06
C PHE C 53 -12.24 -40.41 24.37
N GLU C 54 -13.30 -39.89 24.98
CA GLU C 54 -14.02 -38.75 24.42
C GLU C 54 -13.57 -37.42 25.02
N VAL C 55 -13.14 -37.44 26.28
CA VAL C 55 -12.57 -36.26 26.90
C VAL C 55 -11.33 -35.81 26.15
N ASP C 56 -10.62 -36.74 25.51
CA ASP C 56 -9.47 -36.36 24.69
C ASP C 56 -9.90 -35.49 23.52
N TYR C 57 -10.96 -35.89 22.83
CA TYR C 57 -11.51 -35.10 21.74
C TYR C 57 -11.92 -33.72 22.23
N ASP C 58 -12.65 -33.67 23.35
CA ASP C 58 -13.11 -32.39 23.87
C ASP C 58 -11.93 -31.49 24.27
N ARG C 59 -10.91 -32.06 24.91
CA ARG C 59 -9.77 -31.26 25.36
C ARG C 59 -8.97 -30.73 24.19
N ILE C 60 -8.82 -31.52 23.13
CA ILE C 60 -8.12 -31.02 21.95
C ILE C 60 -8.92 -29.91 21.28
N ILE C 61 -10.25 -30.03 21.28
CA ILE C 61 -11.08 -29.03 20.59
C ILE C 61 -10.93 -27.66 21.23
N PHE C 62 -10.83 -27.61 22.55
CA PHE C 62 -10.85 -26.35 23.30
C PHE C 62 -9.49 -25.73 23.52
N SER C 63 -8.42 -26.29 22.96
CA SER C 63 -7.07 -25.82 23.24
C SER C 63 -6.60 -24.81 22.20
N ALA C 64 -5.72 -23.91 22.63
CA ALA C 64 -5.15 -22.92 21.72
C ALA C 64 -4.33 -23.50 20.58
N PRO C 65 -3.46 -24.51 20.79
CA PRO C 65 -2.73 -25.08 19.65
C PRO C 65 -3.62 -25.59 18.53
N PHE C 66 -4.77 -26.19 18.87
CA PHE C 66 -5.69 -26.61 17.83
C PHE C 66 -6.29 -25.42 17.11
N ARG C 67 -6.58 -24.34 17.84
CA ARG C 67 -7.17 -23.16 17.23
C ARG C 67 -6.19 -22.44 16.32
N SER C 68 -4.88 -22.59 16.56
CA SER C 68 -3.91 -21.94 15.68
C SER C 68 -3.83 -22.60 14.31
N LEU C 69 -4.47 -23.74 14.11
CA LEU C 69 -4.41 -24.46 12.85
C LEU C 69 -5.27 -23.85 11.74
N GLN C 70 -6.09 -22.84 12.05
CA GLN C 70 -6.98 -22.28 11.04
C GLN C 70 -6.24 -21.50 9.98
N ASP C 71 -5.06 -20.98 10.28
CA ASP C 71 -4.29 -20.18 9.32
C ASP C 71 -2.90 -20.75 9.16
N LYS C 72 -2.81 -22.06 8.96
CA LYS C 72 -1.55 -22.72 8.67
C LYS C 72 -1.66 -23.45 7.33
N THR C 73 -0.55 -23.47 6.60
CA THR C 73 -0.55 -23.96 5.24
C THR C 73 -0.78 -25.47 5.18
N GLN C 74 -1.63 -25.92 4.27
CA GLN C 74 -1.82 -27.31 3.94
C GLN C 74 -1.00 -27.55 2.62
N VAL C 75 -1.35 -26.90 1.51
CA VAL C 75 -0.59 -26.98 0.27
C VAL C 75 -0.24 -25.58 -0.23
N ILE C 76 -1.23 -24.69 -0.30
CA ILE C 76 -1.06 -23.35 -0.85
C ILE C 76 -0.90 -22.38 0.32
N PRO C 77 0.27 -21.76 0.50
CA PRO C 77 0.42 -20.79 1.58
C PRO C 77 -0.39 -19.53 1.32
N LEU C 78 -0.77 -18.87 2.42
CA LEU C 78 -1.53 -17.63 2.38
C LEU C 78 -2.79 -17.78 1.51
N SER C 79 -3.67 -18.65 2.01
CA SER C 79 -4.79 -19.17 1.22
C SER C 79 -5.69 -18.09 0.62
N LYS C 80 -5.58 -16.84 1.08
CA LYS C 80 -6.38 -15.73 0.55
C LYS C 80 -7.88 -15.96 0.75
N THR C 81 -8.24 -16.66 1.83
CA THR C 81 -9.64 -16.89 2.21
C THR C 81 -10.44 -17.50 1.05
N ASP C 82 -9.83 -18.44 0.35
CA ASP C 82 -10.47 -19.09 -0.77
C ASP C 82 -11.17 -20.37 -0.31
N PHE C 83 -11.59 -21.21 -1.26
CA PHE C 83 -12.24 -22.47 -0.96
C PHE C 83 -11.25 -23.60 -0.68
N VAL C 84 -9.95 -23.35 -0.80
CA VAL C 84 -8.93 -24.37 -0.59
C VAL C 84 -8.82 -24.70 0.88
N HIS C 85 -8.16 -25.80 1.20
CA HIS C 85 -8.10 -26.31 2.56
C HIS C 85 -6.99 -25.66 3.36
N THR C 86 -7.17 -25.66 4.68
CA THR C 86 -6.14 -25.33 5.64
C THR C 86 -5.83 -26.58 6.46
N ARG C 87 -4.95 -26.42 7.45
CA ARG C 87 -4.63 -27.55 8.32
C ARG C 87 -5.84 -27.99 9.14
N LEU C 88 -6.66 -27.04 9.58
CA LEU C 88 -7.78 -27.35 10.46
C LEU C 88 -8.83 -28.20 9.75
N THR C 89 -9.25 -27.77 8.57
CA THR C 89 -10.27 -28.52 7.83
C THR C 89 -9.76 -29.88 7.39
N HIS C 90 -8.48 -29.95 7.00
CA HIS C 90 -7.86 -31.24 6.70
C HIS C 90 -7.89 -32.17 7.90
N SER C 91 -7.58 -31.64 9.08
CA SER C 91 -7.61 -32.47 10.29
C SER C 91 -9.02 -32.95 10.60
N LEU C 92 -10.03 -32.10 10.37
CA LEU C 92 -11.40 -32.51 10.60
C LEU C 92 -11.82 -33.66 9.68
N GLU C 93 -11.48 -33.55 8.39
CA GLU C 93 -11.83 -34.63 7.46
C GLU C 93 -11.09 -35.92 7.80
N VAL C 94 -9.81 -35.81 8.18
CA VAL C 94 -9.06 -36.99 8.59
C VAL C 94 -9.71 -37.62 9.81
N SER C 95 -10.23 -36.80 10.73
CA SER C 95 -10.90 -37.32 11.93
C SER C 95 -12.17 -38.09 11.58
N VAL C 96 -12.96 -37.58 10.65
CA VAL C 96 -14.19 -38.29 10.26
C VAL C 96 -13.84 -39.64 9.63
N VAL C 97 -12.89 -39.64 8.69
CA VAL C 97 -12.50 -40.88 8.03
C VAL C 97 -11.90 -41.86 9.04
N GLY C 98 -11.14 -41.35 10.01
CA GLY C 98 -10.57 -42.20 11.03
C GLY C 98 -11.61 -42.81 11.94
N ARG C 99 -12.63 -42.05 12.29
CA ARG C 99 -13.71 -42.61 13.08
C ARG C 99 -14.39 -43.76 12.35
N SER C 100 -14.64 -43.59 11.05
CA SER C 100 -15.25 -44.68 10.29
C SER C 100 -14.37 -45.92 10.26
N LEU C 101 -13.07 -45.74 9.95
CA LEU C 101 -12.15 -46.87 9.90
C LEU C 101 -12.08 -47.58 11.25
N GLY C 102 -11.97 -46.82 12.33
CA GLY C 102 -11.86 -47.40 13.64
C GLY C 102 -13.10 -48.16 14.05
N ARG C 103 -14.28 -47.64 13.71
CA ARG C 103 -15.52 -48.35 14.04
C ARG C 103 -15.58 -49.69 13.34
N MET C 104 -15.26 -49.72 12.04
CA MET C 104 -15.31 -50.98 11.31
C MET C 104 -14.31 -51.99 11.85
N VAL C 105 -13.07 -51.54 12.07
CA VAL C 105 -12.03 -52.44 12.55
C VAL C 105 -12.36 -52.94 13.95
N GLY C 106 -12.94 -52.08 14.79
CA GLY C 106 -13.32 -52.51 16.12
C GLY C 106 -14.42 -53.54 16.11
N LYS C 107 -15.40 -53.39 15.22
CA LYS C 107 -16.43 -54.42 15.06
C LYS C 107 -15.79 -55.76 14.72
N LYS C 108 -14.90 -55.77 13.72
CA LYS C 108 -14.30 -57.04 13.32
C LYS C 108 -13.41 -57.63 14.42
N LEU C 109 -12.67 -56.77 15.13
CA LEU C 109 -11.82 -57.24 16.21
C LEU C 109 -12.63 -57.85 17.33
N LEU C 110 -13.71 -57.18 17.74
CA LEU C 110 -14.56 -57.73 18.78
C LEU C 110 -15.21 -59.03 18.33
N GLU C 111 -15.47 -59.17 17.02
CA GLU C 111 -15.92 -60.47 16.52
C GLU C 111 -14.83 -61.52 16.68
N LYS C 112 -13.57 -61.17 16.44
CA LYS C 112 -12.50 -62.17 16.47
C LYS C 112 -12.16 -62.59 17.89
N TYR C 113 -12.05 -61.64 18.83
CA TYR C 113 -11.69 -61.94 20.21
C TYR C 113 -12.88 -61.64 21.13
N PRO C 114 -13.77 -62.60 21.38
CA PRO C 114 -14.94 -62.31 22.23
C PRO C 114 -14.60 -61.83 23.62
N HIS C 115 -13.54 -62.36 24.22
CA HIS C 115 -13.22 -62.03 25.61
C HIS C 115 -12.90 -60.56 25.81
N LEU C 116 -12.60 -59.84 24.73
CA LEU C 116 -12.36 -58.40 24.84
C LEU C 116 -13.61 -57.66 25.28
N GLU C 117 -14.80 -58.23 25.08
CA GLU C 117 -16.06 -57.61 25.46
C GLU C 117 -16.74 -58.26 26.64
N GLN C 118 -16.67 -59.59 26.75
CA GLN C 118 -17.39 -60.32 27.78
C GLN C 118 -16.70 -60.27 29.14
N VAL C 119 -15.44 -59.85 29.21
CA VAL C 119 -14.71 -59.82 30.46
C VAL C 119 -14.23 -58.40 30.75
N TYR C 120 -13.43 -57.85 29.85
CA TYR C 120 -12.88 -56.51 30.05
C TYR C 120 -13.94 -55.43 29.85
N GLY C 121 -14.76 -55.54 28.82
CA GLY C 121 -15.85 -54.61 28.61
C GLY C 121 -15.58 -53.51 27.61
N TYR C 122 -15.02 -53.86 26.46
CA TYR C 122 -14.71 -52.90 25.40
C TYR C 122 -15.76 -53.00 24.31
N LYS C 123 -16.26 -51.83 23.88
CA LYS C 123 -17.23 -51.73 22.80
C LYS C 123 -16.57 -51.18 21.55
N PHE C 124 -17.27 -51.31 20.43
CA PHE C 124 -16.68 -50.91 19.16
C PHE C 124 -16.59 -49.40 18.98
N ASN C 125 -17.17 -48.61 19.88
CA ASN C 125 -17.03 -47.17 19.81
C ASN C 125 -15.71 -46.67 20.39
N ASP C 126 -15.08 -47.45 21.27
CA ASP C 126 -13.81 -47.02 21.85
C ASP C 126 -12.71 -46.92 20.81
N PHE C 127 -12.65 -47.89 19.88
CA PHE C 127 -11.67 -47.83 18.81
C PHE C 127 -11.87 -46.59 17.95
N GLY C 128 -13.13 -46.29 17.61
CA GLY C 128 -13.42 -45.10 16.84
C GLY C 128 -13.02 -43.84 17.58
N ALA C 129 -13.27 -43.79 18.88
CA ALA C 129 -12.85 -42.62 19.66
C ALA C 129 -11.34 -42.46 19.68
N ILE C 130 -10.60 -43.56 19.85
CA ILE C 130 -9.15 -43.46 19.90
C ILE C 130 -8.61 -42.98 18.56
N VAL C 131 -9.10 -43.56 17.46
CA VAL C 131 -8.58 -43.19 16.15
C VAL C 131 -8.99 -41.76 15.78
N ALA C 132 -10.21 -41.35 16.15
CA ALA C 132 -10.64 -39.99 15.89
C ALA C 132 -9.82 -38.97 16.67
N ALA C 133 -9.56 -39.24 17.95
CA ALA C 133 -8.76 -38.32 18.75
C ALA C 133 -7.33 -38.24 18.23
N ALA C 134 -6.74 -39.38 17.87
CA ALA C 134 -5.38 -39.37 17.33
C ALA C 134 -5.31 -38.65 15.99
N ALA C 135 -6.32 -38.83 15.14
CA ALA C 135 -6.31 -38.21 13.83
C ALA C 135 -6.60 -36.71 13.89
N LEU C 136 -7.35 -36.27 14.90
CA LEU C 136 -7.58 -34.84 15.06
C LEU C 136 -6.31 -34.09 15.40
N ALA C 137 -5.43 -34.70 16.19
CA ALA C 137 -4.20 -34.06 16.65
C ALA C 137 -2.97 -34.50 15.86
N HIS C 138 -3.14 -35.23 14.77
CA HIS C 138 -2.00 -35.84 14.07
C HIS C 138 -1.06 -34.81 13.45
N ASP C 139 -1.47 -33.55 13.37
CA ASP C 139 -0.78 -32.61 12.49
C ASP C 139 -0.57 -31.28 13.20
N ILE C 140 -0.66 -31.29 14.54
CA ILE C 140 -0.70 -30.09 15.37
C ILE C 140 0.65 -29.42 15.57
N GLY C 141 1.75 -30.14 15.39
CA GLY C 141 3.06 -29.57 15.57
C GLY C 141 3.67 -28.91 14.35
N ASN C 142 2.92 -28.81 13.26
CA ASN C 142 3.48 -28.30 12.02
C ASN C 142 3.73 -26.81 12.12
N PRO C 143 4.82 -26.31 11.55
CA PRO C 143 5.11 -24.88 11.57
C PRO C 143 4.36 -24.17 10.46
N PRO C 144 4.38 -22.84 10.46
CA PRO C 144 3.85 -22.10 9.31
C PRO C 144 4.61 -22.42 8.03
N PHE C 145 3.90 -22.31 6.91
CA PHE C 145 4.38 -22.53 5.55
C PHE C 145 4.65 -23.99 5.22
N GLY C 146 4.23 -24.92 6.08
CA GLY C 146 4.21 -26.33 5.69
C GLY C 146 5.59 -26.96 5.64
N ALA C 147 5.80 -27.78 4.62
CA ALA C 147 7.06 -28.52 4.49
C ALA C 147 8.24 -27.57 4.30
N SER C 148 8.05 -26.53 3.48
CA SER C 148 9.10 -25.55 3.29
C SER C 148 9.51 -24.90 4.60
N GLY C 149 8.58 -24.73 5.54
CA GLY C 149 8.94 -24.19 6.84
C GLY C 149 9.87 -25.09 7.62
N GLU C 150 9.59 -26.39 7.64
CA GLU C 150 10.47 -27.34 8.30
C GLU C 150 11.85 -27.33 7.65
N LYS C 151 11.88 -27.31 6.32
CA LYS C 151 13.17 -27.27 5.63
C LYS C 151 13.95 -26.01 5.97
N ALA C 152 13.26 -24.87 6.08
CA ALA C 152 13.94 -23.63 6.42
C ALA C 152 14.49 -23.67 7.84
N ILE C 153 13.71 -24.19 8.79
CA ILE C 153 14.19 -24.28 10.17
C ILE C 153 15.42 -25.18 10.25
N GLY C 154 15.42 -26.28 9.50
CA GLY C 154 16.61 -27.12 9.46
C GLY C 154 17.80 -26.46 8.82
N GLU C 155 17.59 -25.79 7.68
CA GLU C 155 18.70 -25.16 6.98
C GLU C 155 19.31 -24.02 7.77
N PHE C 156 18.53 -23.39 8.65
CA PHE C 156 19.07 -22.34 9.50
C PHE C 156 20.19 -22.86 10.39
N PHE C 157 19.98 -24.03 11.01
CA PHE C 157 21.04 -24.62 11.82
C PHE C 157 22.11 -25.30 10.99
N LYS C 158 21.76 -25.78 9.79
CA LYS C 158 22.73 -26.50 8.98
C LYS C 158 23.75 -25.56 8.33
N ASN C 159 23.28 -24.62 7.50
CA ASN C 159 24.16 -23.74 6.76
C ASN C 159 23.85 -22.27 7.02
N GLY C 160 23.51 -21.93 8.25
CA GLY C 160 23.17 -20.56 8.59
C GLY C 160 23.85 -20.14 9.88
N TYR C 161 23.18 -19.25 10.60
CA TYR C 161 23.72 -18.74 11.86
C TYR C 161 23.88 -19.86 12.89
N GLY C 162 22.81 -20.62 13.13
CA GLY C 162 22.78 -21.64 14.16
C GLY C 162 23.90 -22.66 14.10
N LYS C 163 24.59 -22.70 12.95
CA LYS C 163 25.74 -23.58 12.80
C LYS C 163 26.76 -23.38 13.92
N ARG C 164 26.86 -22.15 14.44
CA ARG C 164 27.85 -21.88 15.47
C ARG C 164 27.68 -22.76 16.70
N TYR C 165 26.49 -23.32 16.91
CA TYR C 165 26.25 -24.12 18.11
C TYR C 165 26.66 -25.58 17.96
N LYS C 166 27.16 -25.98 16.79
CA LYS C 166 27.42 -27.39 16.54
C LYS C 166 28.39 -27.98 17.56
N ASP C 167 29.42 -27.22 17.93
CA ASP C 167 30.43 -27.74 18.86
C ASP C 167 29.92 -27.83 20.29
N SER C 168 28.78 -27.23 20.62
CA SER C 168 28.33 -27.17 22.01
C SER C 168 27.22 -28.17 22.33
N LEU C 169 26.89 -29.07 21.41
CA LEU C 169 25.76 -29.96 21.57
C LEU C 169 26.15 -31.39 21.24
N THR C 170 25.46 -32.33 21.86
CA THR C 170 25.62 -33.75 21.55
C THR C 170 25.10 -34.02 20.13
N ALA C 171 25.66 -35.00 19.41
CA ALA C 171 25.26 -35.41 18.08
C ALA C 171 23.79 -35.78 17.93
N LYS C 172 23.17 -36.22 19.01
CA LYS C 172 21.76 -36.53 18.97
C LYS C 172 20.97 -35.24 19.09
N GLU C 173 21.53 -34.25 19.76
CA GLU C 173 20.86 -32.99 19.94
C GLU C 173 20.96 -32.12 18.70
N TYR C 174 22.07 -32.22 18.00
CA TYR C 174 22.29 -31.53 16.74
C TYR C 174 21.46 -32.13 15.60
N GLN C 175 21.34 -33.46 15.58
CA GLN C 175 20.48 -34.10 14.58
C GLN C 175 19.01 -33.78 14.82
N ASP C 176 18.62 -33.57 16.07
CA ASP C 176 17.30 -33.03 16.35
C ASP C 176 17.13 -31.66 15.71
N LEU C 177 18.15 -30.81 15.84
CA LEU C 177 18.02 -29.43 15.37
C LEU C 177 18.01 -29.33 13.85
N ILE C 178 18.84 -30.12 13.17
CA ILE C 178 19.00 -29.96 11.73
C ILE C 178 18.02 -30.80 10.90
N LYS C 179 17.21 -31.64 11.54
CA LYS C 179 16.20 -32.43 10.85
C LYS C 179 14.87 -32.28 11.57
N PHE C 180 14.51 -31.04 11.86
CA PHE C 180 13.30 -30.72 12.59
C PHE C 180 12.07 -31.21 11.82
N GLU C 181 11.25 -32.03 12.47
CA GLU C 181 9.95 -32.39 11.91
C GLU C 181 8.84 -32.05 12.89
N GLY C 182 7.64 -31.94 12.36
CA GLY C 182 6.46 -31.60 13.11
C GLY C 182 5.87 -32.71 13.94
N ASN C 183 6.33 -33.92 13.68
CA ASN C 183 5.94 -35.07 14.40
C ASN C 183 6.43 -35.08 15.85
N ALA C 184 7.68 -34.74 16.10
CA ALA C 184 8.27 -34.56 17.42
C ALA C 184 7.73 -33.32 18.11
N ASN C 185 7.55 -32.23 17.35
CA ASN C 185 6.99 -31.01 17.91
C ASN C 185 5.56 -31.23 18.37
N GLY C 186 4.79 -32.04 17.63
CA GLY C 186 3.43 -32.35 18.05
C GLY C 186 3.39 -33.13 19.35
N PHE C 187 4.27 -34.12 19.49
CA PHE C 187 4.32 -34.85 20.76
C PHE C 187 4.69 -33.92 21.91
N LYS C 188 5.65 -33.05 21.72
CA LYS C 188 6.03 -32.12 22.74
C LYS C 188 4.90 -31.20 23.09
N VAL C 189 4.18 -30.67 22.10
CA VAL C 189 3.05 -29.79 22.37
C VAL C 189 1.97 -30.52 23.17
N LEU C 190 1.74 -31.79 22.85
CA LEU C 190 0.71 -32.55 23.55
C LEU C 190 1.09 -32.86 24.99
N SER C 191 2.39 -33.01 25.28
CA SER C 191 2.82 -33.50 26.58
C SER C 191 3.77 -32.54 27.30
N GLN C 192 3.44 -31.25 27.30
CA GLN C 192 4.34 -30.22 27.83
C GLN C 192 3.98 -29.86 29.25
N SER C 193 4.95 -29.95 30.15
CA SER C 193 4.75 -29.63 31.56
C SER C 193 5.07 -28.17 31.80
N LYS C 194 4.19 -27.49 32.53
CA LYS C 194 4.33 -26.10 32.92
C LYS C 194 4.02 -25.97 34.40
N PRO C 195 4.51 -24.92 35.06
CA PRO C 195 4.23 -24.75 36.49
C PRO C 195 2.74 -24.69 36.76
N GLY C 196 2.27 -25.61 37.59
CA GLY C 196 0.86 -25.71 37.92
C GLY C 196 0.04 -26.60 37.02
N ALA C 197 0.61 -27.11 35.94
CA ALA C 197 -0.12 -27.97 35.01
C ALA C 197 0.85 -28.99 34.45
N GLN C 198 0.91 -30.15 35.11
CA GLN C 198 1.78 -31.24 34.68
C GLN C 198 1.07 -32.10 33.65
N GLY C 199 1.82 -32.51 32.63
CA GLY C 199 1.31 -33.40 31.61
C GLY C 199 0.68 -32.72 30.41
N GLY C 200 0.59 -31.40 30.41
CA GLY C 200 -0.01 -30.71 29.29
C GLY C 200 -1.49 -31.01 29.21
N LEU C 201 -1.93 -31.53 28.06
CA LEU C 201 -3.33 -31.86 27.87
C LEU C 201 -3.74 -33.15 28.56
N ARG C 202 -2.78 -33.97 28.97
CA ARG C 202 -3.03 -35.18 29.77
C ARG C 202 -3.98 -36.13 29.06
N LEU C 203 -3.61 -36.51 27.84
CA LEU C 203 -4.39 -37.45 27.07
C LEU C 203 -4.06 -38.89 27.49
N SER C 204 -4.93 -39.80 27.09
CA SER C 204 -4.76 -41.20 27.48
C SER C 204 -3.59 -41.81 26.72
N TYR C 205 -3.04 -42.88 27.29
CA TYR C 205 -1.85 -43.50 26.71
C TYR C 205 -2.15 -44.17 25.38
N ALA C 206 -3.35 -44.71 25.22
CA ALA C 206 -3.74 -45.29 23.94
C ALA C 206 -3.74 -44.25 22.83
N THR C 207 -4.24 -43.05 23.12
CA THR C 207 -4.24 -41.98 22.13
C THR C 207 -2.82 -41.57 21.76
N LEU C 208 -1.94 -41.49 22.75
CA LEU C 208 -0.54 -41.15 22.46
C LEU C 208 0.13 -42.22 21.62
N GLY C 209 -0.17 -43.49 21.89
CA GLY C 209 0.39 -44.56 21.08
C GLY C 209 -0.11 -44.55 19.66
N ALA C 210 -1.41 -44.31 19.47
CA ALA C 210 -1.96 -44.22 18.12
C ALA C 210 -1.51 -42.97 17.39
N PHE C 211 -1.11 -41.92 18.11
CA PHE C 211 -0.62 -40.72 17.48
C PHE C 211 0.80 -40.87 16.92
N MET C 212 1.63 -41.71 17.55
CA MET C 212 3.02 -41.86 17.17
C MET C 212 3.17 -42.86 16.04
N LYS C 213 3.87 -42.47 14.98
CA LYS C 213 4.11 -43.31 13.83
C LYS C 213 5.59 -43.67 13.63
N TYR C 214 6.49 -42.92 14.25
CA TYR C 214 7.93 -43.20 14.17
C TYR C 214 8.48 -43.27 15.58
N PRO C 215 8.33 -44.40 16.26
CA PRO C 215 8.81 -44.50 17.66
C PRO C 215 10.31 -44.73 17.75
N LYS C 216 11.09 -43.70 17.41
CA LYS C 216 12.54 -43.79 17.44
C LYS C 216 13.13 -42.40 17.58
N GLU C 217 14.41 -42.34 17.92
CA GLU C 217 15.14 -41.09 18.05
C GLU C 217 15.70 -40.66 16.71
N SER C 218 16.46 -39.55 16.72
CA SER C 218 16.97 -38.95 15.49
C SER C 218 18.25 -39.60 14.99
N LEU C 219 18.87 -40.50 15.77
CA LEU C 219 20.04 -41.24 15.32
C LEU C 219 19.89 -42.70 15.68
N PRO C 220 20.25 -43.62 14.77
CA PRO C 220 20.80 -43.40 13.43
C PRO C 220 19.77 -42.94 12.42
N HIS C 221 20.24 -42.31 11.35
CA HIS C 221 19.37 -41.76 10.32
C HIS C 221 19.10 -42.82 9.26
N LYS C 222 17.83 -43.20 9.12
CA LYS C 222 17.35 -44.17 8.15
C LYS C 222 18.12 -45.48 8.22
N PRO C 223 18.00 -46.23 9.32
CA PRO C 223 18.75 -47.49 9.43
C PRO C 223 18.33 -48.56 8.44
N SER C 224 17.13 -48.47 7.85
CA SER C 224 16.63 -49.55 7.01
C SER C 224 15.58 -48.99 6.05
N ASP C 225 14.85 -49.88 5.41
CA ASP C 225 13.78 -49.53 4.48
C ASP C 225 12.40 -49.75 5.07
N HIS C 226 12.31 -49.91 6.39
CA HIS C 226 11.04 -50.03 7.07
C HIS C 226 10.25 -48.73 6.98
N ILE C 227 8.91 -48.85 7.01
CA ILE C 227 8.06 -47.67 6.94
C ILE C 227 8.18 -46.85 8.22
N ALA C 228 8.45 -47.51 9.35
CA ALA C 228 8.52 -46.85 10.63
C ALA C 228 9.90 -46.29 10.95
N ASP C 229 10.75 -46.13 9.93
CA ASP C 229 12.13 -45.67 10.12
C ASP C 229 12.47 -44.47 9.24
N LYS C 230 11.49 -43.85 8.59
CA LYS C 230 11.78 -42.74 7.69
C LYS C 230 12.22 -41.51 8.47
N LYS C 231 11.61 -41.25 9.61
CA LYS C 231 11.90 -40.06 10.42
C LYS C 231 11.92 -40.49 11.88
N TYR C 232 11.87 -39.51 12.79
CA TYR C 232 11.81 -39.77 14.21
C TYR C 232 10.58 -39.11 14.81
N GLY C 233 10.24 -39.52 16.03
CA GLY C 233 8.98 -39.13 16.63
C GLY C 233 9.04 -38.32 17.91
N PHE C 234 10.18 -38.30 18.59
CA PHE C 234 10.31 -37.52 19.80
C PHE C 234 11.70 -36.94 19.91
N PHE C 235 11.80 -35.81 20.61
CA PHE C 235 13.06 -35.15 20.89
C PHE C 235 13.74 -35.80 22.10
N GLN C 236 14.96 -35.35 22.38
CA GLN C 236 15.69 -35.87 23.53
C GLN C 236 15.03 -35.43 24.83
N SER C 237 14.61 -34.17 24.92
CA SER C 237 14.00 -33.67 26.16
C SER C 237 12.73 -34.41 26.52
N GLU C 238 12.02 -34.93 25.52
CA GLU C 238 10.81 -35.70 25.76
C GLU C 238 11.06 -37.20 25.82
N ARG C 239 12.29 -37.64 25.55
CA ARG C 239 12.56 -39.07 25.36
C ARG C 239 12.07 -39.89 26.55
N ALA C 240 12.47 -39.51 27.75
CA ALA C 240 12.07 -40.25 28.94
C ALA C 240 10.57 -40.45 29.00
N LEU C 241 9.81 -39.39 28.69
CA LEU C 241 8.36 -39.47 28.72
C LEU C 241 7.87 -40.64 27.88
N PHE C 242 8.33 -40.72 26.63
CA PHE C 242 7.82 -41.75 25.75
C PHE C 242 8.14 -43.14 26.29
N GLU C 243 9.29 -43.30 26.93
CA GLU C 243 9.64 -44.60 27.50
C GLU C 243 8.52 -45.08 28.40
N ASP C 244 8.03 -44.20 29.29
CA ASP C 244 6.93 -44.55 30.17
C ASP C 244 5.75 -45.07 29.36
N VAL C 245 5.33 -44.32 28.34
CA VAL C 245 4.22 -44.74 27.51
C VAL C 245 4.53 -46.10 26.89
N ALA C 246 5.73 -46.25 26.32
CA ALA C 246 6.09 -47.49 25.67
C ALA C 246 6.17 -48.65 26.65
N GLN C 247 6.38 -48.36 27.94
CA GLN C 247 6.35 -49.42 28.94
C GLN C 247 4.92 -49.85 29.25
N GLU C 248 3.98 -48.90 29.25
CA GLU C 248 2.61 -49.19 29.66
C GLU C 248 1.85 -49.95 28.59
N LEU C 249 2.06 -49.61 27.32
CA LEU C 249 1.32 -50.24 26.24
C LEU C 249 1.89 -51.59 25.83
N GLY C 250 3.05 -51.97 26.34
CA GLY C 250 3.67 -53.21 25.92
C GLY C 250 4.12 -53.22 24.48
N LEU C 251 4.70 -52.12 24.00
CA LEU C 251 5.27 -52.10 22.67
C LEU C 251 6.54 -52.95 22.62
N LEU C 252 6.88 -53.42 21.42
CA LEU C 252 7.97 -54.36 21.23
C LEU C 252 9.24 -53.61 20.85
N LYS C 253 10.33 -53.91 21.55
CA LYS C 253 11.58 -53.22 21.32
C LYS C 253 12.22 -53.64 20.00
N ARG C 254 13.02 -52.75 19.44
CA ARG C 254 13.75 -53.04 18.21
C ARG C 254 15.17 -52.50 18.25
N SER C 255 15.64 -52.04 19.41
CA SER C 255 16.91 -51.33 19.51
C SER C 255 18.11 -52.19 19.11
N THR C 256 18.38 -53.24 19.90
CA THR C 256 19.58 -54.07 19.73
C THR C 256 20.85 -53.21 19.74
N THR C 257 20.77 -52.05 20.38
CA THR C 257 21.88 -51.10 20.44
C THR C 257 21.63 -50.16 21.61
N ASP C 258 22.39 -49.07 21.67
CA ASP C 258 22.23 -48.07 22.72
C ASP C 258 21.19 -47.01 22.38
N ASP C 259 20.65 -47.02 21.16
CA ASP C 259 19.61 -46.09 20.73
C ASP C 259 18.28 -46.81 20.72
N VAL C 260 17.28 -46.23 21.37
CA VAL C 260 16.02 -46.91 21.61
C VAL C 260 15.10 -46.76 20.40
N SER C 261 14.36 -47.82 20.10
CA SER C 261 13.33 -47.79 19.07
C SER C 261 12.36 -48.93 19.34
N TRP C 262 11.08 -48.68 19.08
CA TRP C 262 10.00 -49.63 19.36
C TRP C 262 9.20 -49.90 18.10
N SER C 263 8.30 -50.86 18.19
CA SER C 263 7.37 -51.14 17.10
C SER C 263 6.16 -50.22 17.18
N ARG C 264 5.45 -50.14 16.05
CA ARG C 264 4.31 -49.24 15.94
C ARG C 264 3.11 -49.77 16.71
N HIS C 265 2.29 -48.85 17.21
CA HIS C 265 0.96 -49.19 17.68
C HIS C 265 0.08 -49.56 16.48
N PRO C 266 -0.71 -50.63 16.57
CA PRO C 266 -1.50 -51.06 15.41
C PRO C 266 -2.47 -50.00 14.86
N LEU C 267 -3.06 -49.17 15.72
CA LEU C 267 -4.00 -48.16 15.23
C LEU C 267 -3.31 -46.99 14.56
N ALA C 268 -2.00 -46.84 14.75
CA ALA C 268 -1.25 -45.84 14.00
C ALA C 268 -1.31 -46.11 12.50
N TYR C 269 -1.40 -47.38 12.11
CA TYR C 269 -1.59 -47.71 10.69
C TYR C 269 -2.89 -47.12 10.16
N LEU C 270 -3.97 -47.24 10.94
CA LEU C 270 -5.25 -46.68 10.52
C LEU C 270 -5.20 -45.16 10.44
N VAL C 271 -4.52 -44.53 11.39
CA VAL C 271 -4.36 -43.08 11.34
C VAL C 271 -3.64 -42.66 10.06
N GLU C 272 -2.55 -43.36 9.74
CA GLU C 272 -1.78 -43.04 8.55
C GLU C 272 -2.60 -43.28 7.28
N ALA C 273 -3.38 -44.36 7.26
CA ALA C 273 -4.21 -44.66 6.09
C ALA C 273 -5.24 -43.56 5.85
N ALA C 274 -5.89 -43.09 6.92
CA ALA C 274 -6.88 -42.02 6.78
C ALA C 274 -6.24 -40.73 6.29
N ASP C 275 -5.08 -40.38 6.87
CA ASP C 275 -4.37 -39.17 6.43
C ASP C 275 -4.07 -39.24 4.94
N ASP C 276 -3.53 -40.38 4.49
CA ASP C 276 -3.12 -40.55 3.09
C ASP C 276 -4.31 -40.46 2.16
N ILE C 277 -5.39 -41.19 2.47
CA ILE C 277 -6.59 -41.16 1.62
C ILE C 277 -7.09 -39.74 1.46
N CYS C 278 -7.24 -39.04 2.58
CA CYS C 278 -7.84 -37.72 2.55
C CYS C 278 -7.01 -36.77 1.71
N TYR C 279 -5.72 -36.66 2.00
CA TYR C 279 -4.95 -35.64 1.29
C TYR C 279 -4.78 -36.00 -0.19
N THR C 280 -4.62 -37.30 -0.50
CA THR C 280 -4.46 -37.71 -1.89
C THR C 280 -5.68 -37.34 -2.73
N ILE C 281 -6.89 -37.60 -2.23
CA ILE C 281 -8.07 -37.27 -3.05
C ILE C 281 -8.37 -35.77 -3.05
N ILE C 282 -8.29 -35.13 -1.87
CA ILE C 282 -8.74 -33.74 -1.79
C ILE C 282 -7.79 -32.79 -2.50
N ASP C 283 -6.51 -33.13 -2.57
CA ASP C 283 -5.55 -32.28 -3.28
C ASP C 283 -5.94 -32.24 -4.75
N PHE C 284 -6.23 -33.40 -5.33
CA PHE C 284 -6.67 -33.51 -6.71
C PHE C 284 -7.94 -32.70 -6.96
N GLU C 285 -8.93 -32.86 -6.08
CA GLU C 285 -10.18 -32.14 -6.26
C GLU C 285 -9.97 -30.62 -6.19
N ASP C 286 -9.16 -30.16 -5.24
CA ASP C 286 -8.90 -28.74 -5.09
C ASP C 286 -8.14 -28.18 -6.29
N GLY C 287 -7.19 -28.95 -6.83
CA GLY C 287 -6.51 -28.51 -8.03
C GLY C 287 -7.43 -28.41 -9.22
N ILE C 288 -8.39 -29.34 -9.33
CA ILE C 288 -9.37 -29.25 -10.41
C ILE C 288 -10.23 -28.01 -10.26
N ASN C 289 -10.70 -27.74 -9.04
CA ASN C 289 -11.58 -26.59 -8.82
C ASN C 289 -10.86 -25.26 -9.00
N LEU C 290 -9.54 -25.22 -8.84
CA LEU C 290 -8.79 -23.98 -8.97
C LEU C 290 -8.49 -23.61 -10.41
N GLY C 291 -8.61 -24.55 -11.34
CA GLY C 291 -8.25 -24.33 -12.72
C GLY C 291 -6.87 -24.81 -13.13
N LEU C 292 -6.14 -25.46 -12.23
CA LEU C 292 -4.82 -25.97 -12.56
C LEU C 292 -4.82 -27.34 -13.20
N ILE C 293 -5.95 -28.07 -13.12
CA ILE C 293 -6.06 -29.38 -13.73
C ILE C 293 -7.32 -29.43 -14.58
N PRO C 294 -7.24 -29.89 -15.83
CA PRO C 294 -8.46 -30.05 -16.65
C PRO C 294 -9.42 -31.07 -16.04
N GLU C 295 -10.72 -30.84 -16.26
CA GLU C 295 -11.74 -31.70 -15.68
C GLU C 295 -11.72 -33.11 -16.27
N GLU C 296 -11.22 -33.27 -17.49
CA GLU C 296 -11.22 -34.59 -18.13
C GLU C 296 -10.45 -35.61 -17.30
N TYR C 297 -9.30 -35.21 -16.77
CA TYR C 297 -8.52 -36.11 -15.93
C TYR C 297 -9.34 -36.65 -14.77
N ALA C 298 -10.30 -35.87 -14.29
CA ALA C 298 -11.13 -36.29 -13.16
C ALA C 298 -11.80 -37.62 -13.43
N LEU C 299 -12.15 -37.89 -14.68
CA LEU C 299 -12.73 -39.17 -15.05
C LEU C 299 -11.73 -40.13 -15.66
N GLU C 300 -10.56 -39.63 -16.09
CA GLU C 300 -9.55 -40.52 -16.66
C GLU C 300 -8.87 -41.36 -15.60
N TYR C 301 -8.71 -40.81 -14.38
CA TYR C 301 -7.97 -41.47 -13.32
C TYR C 301 -8.85 -42.04 -12.22
N MET C 302 -10.12 -41.66 -12.15
CA MET C 302 -10.96 -41.97 -11.00
C MET C 302 -11.98 -43.04 -11.29
N VAL C 303 -12.23 -43.36 -12.57
CA VAL C 303 -13.35 -44.21 -12.95
C VAL C 303 -13.24 -45.59 -12.32
N LYS C 304 -12.04 -46.18 -12.38
CA LYS C 304 -11.86 -47.51 -11.81
C LYS C 304 -12.14 -47.52 -10.31
N LEU C 305 -11.96 -46.39 -9.64
CA LEU C 305 -12.28 -46.29 -8.23
C LEU C 305 -13.78 -46.16 -7.99
N VAL C 306 -14.49 -45.50 -8.90
CA VAL C 306 -15.90 -45.18 -8.72
C VAL C 306 -16.80 -45.95 -9.66
N GLY C 307 -16.24 -46.77 -10.55
CA GLY C 307 -17.06 -47.41 -11.57
C GLY C 307 -18.03 -48.44 -11.04
N GLN C 308 -17.80 -48.96 -9.85
CA GLN C 308 -18.65 -50.02 -9.31
C GLN C 308 -19.85 -49.50 -8.53
N THR C 309 -19.95 -48.20 -8.31
CA THR C 309 -21.07 -47.66 -7.54
C THR C 309 -21.62 -46.35 -8.11
N ILE C 310 -21.12 -45.88 -9.23
CA ILE C 310 -21.54 -44.60 -9.79
C ILE C 310 -22.91 -44.75 -10.44
N ASP C 311 -23.79 -43.78 -10.18
CA ASP C 311 -25.09 -43.69 -10.86
C ASP C 311 -24.95 -42.74 -12.03
N ARG C 312 -25.12 -43.28 -13.24
CA ARG C 312 -24.83 -42.49 -14.45
C ARG C 312 -25.84 -41.37 -14.65
N ASN C 313 -27.12 -41.63 -14.34
CA ASN C 313 -28.14 -40.60 -14.52
C ASN C 313 -27.88 -39.41 -13.61
N LYS C 314 -27.54 -39.67 -12.34
CA LYS C 314 -27.24 -38.58 -11.42
C LYS C 314 -26.00 -37.81 -11.85
N TYR C 315 -24.98 -38.54 -12.33
CA TYR C 315 -23.77 -37.87 -12.80
C TYR C 315 -24.06 -36.97 -14.00
N ASN C 316 -24.89 -37.44 -14.93
CA ASN C 316 -25.20 -36.67 -16.12
C ASN C 316 -26.17 -35.53 -15.85
N ALA C 317 -26.98 -35.61 -14.81
CA ALA C 317 -27.93 -34.55 -14.50
C ALA C 317 -27.27 -33.32 -13.89
N LEU C 318 -26.06 -33.44 -13.35
CA LEU C 318 -25.39 -32.30 -12.76
C LEU C 318 -24.86 -31.36 -13.84
N GLN C 319 -24.71 -30.08 -13.48
CA GLN C 319 -24.43 -29.04 -14.46
C GLN C 319 -23.24 -28.17 -14.12
N GLU C 320 -22.46 -28.51 -13.10
CA GLU C 320 -21.27 -27.76 -12.75
C GLU C 320 -20.15 -28.71 -12.39
N THR C 321 -18.92 -28.24 -12.57
CA THR C 321 -17.75 -29.06 -12.25
C THR C 321 -17.68 -29.42 -10.78
N SER C 322 -18.08 -28.48 -9.92
CA SER C 322 -17.99 -28.69 -8.48
C SER C 322 -18.83 -29.89 -8.04
N ASP C 323 -20.07 -29.98 -8.54
CA ASP C 323 -20.93 -31.10 -8.16
C ASP C 323 -20.35 -32.43 -8.59
N ARG C 324 -19.86 -32.51 -9.83
CA ARG C 324 -19.32 -33.76 -10.34
C ARG C 324 -18.10 -34.20 -9.55
N VAL C 325 -17.17 -33.27 -9.29
CA VAL C 325 -15.97 -33.65 -8.55
C VAL C 325 -16.31 -34.03 -7.11
N SER C 326 -17.30 -33.38 -6.49
CA SER C 326 -17.69 -33.76 -5.15
C SER C 326 -18.28 -35.16 -5.11
N TYR C 327 -19.13 -35.49 -6.09
CA TYR C 327 -19.69 -36.83 -6.19
C TYR C 327 -18.59 -37.88 -6.33
N LEU C 328 -17.64 -37.63 -7.24
CA LEU C 328 -16.55 -38.56 -7.44
C LEU C 328 -15.70 -38.72 -6.18
N ARG C 329 -15.46 -37.61 -5.48
CA ARG C 329 -14.67 -37.66 -4.25
C ARG C 329 -15.34 -38.53 -3.19
N ALA C 330 -16.65 -38.35 -3.01
CA ALA C 330 -17.37 -39.16 -2.02
C ALA C 330 -17.27 -40.65 -2.35
N LEU C 331 -17.53 -41.00 -3.61
CA LEU C 331 -17.49 -42.42 -3.98
C LEU C 331 -16.09 -43.01 -3.78
N ALA C 332 -15.06 -42.27 -4.19
CA ALA C 332 -13.69 -42.76 -4.04
C ALA C 332 -13.33 -42.97 -2.58
N ILE C 333 -13.71 -42.03 -1.72
CA ILE C 333 -13.37 -42.17 -0.30
C ILE C 333 -14.04 -43.42 0.28
N GLY C 334 -15.29 -43.66 -0.07
CA GLY C 334 -15.95 -44.86 0.42
C GLY C 334 -15.25 -46.14 -0.01
N THR C 335 -14.90 -46.21 -1.30
CA THR C 335 -14.23 -47.41 -1.82
C THR C 335 -12.90 -47.65 -1.11
N LEU C 336 -12.09 -46.59 -0.98
CA LEU C 336 -10.77 -46.74 -0.37
C LEU C 336 -10.89 -47.13 1.10
N ILE C 337 -11.88 -46.60 1.82
CA ILE C 337 -12.08 -46.97 3.22
C ILE C 337 -12.35 -48.46 3.33
N ASN C 338 -13.26 -48.97 2.51
CA ASN C 338 -13.58 -50.39 2.57
C ASN C 338 -12.36 -51.25 2.27
N GLU C 339 -11.60 -50.88 1.23
CA GLU C 339 -10.41 -51.66 0.88
C GLU C 339 -9.38 -51.64 2.00
N SER C 340 -9.20 -50.49 2.66
CA SER C 340 -8.24 -50.40 3.75
C SER C 340 -8.65 -51.28 4.93
N VAL C 341 -9.95 -51.32 5.25
CA VAL C 341 -10.40 -52.21 6.32
C VAL C 341 -10.10 -53.65 5.98
N ASP C 342 -10.37 -54.07 4.74
CA ASP C 342 -10.10 -55.45 4.35
C ASP C 342 -8.61 -55.76 4.45
N THR C 343 -7.75 -54.85 3.98
CA THR C 343 -6.31 -55.08 4.03
C THR C 343 -5.82 -55.20 5.47
N PHE C 344 -6.30 -54.32 6.35
CA PHE C 344 -5.90 -54.39 7.76
C PHE C 344 -6.30 -55.73 8.36
N MET C 345 -7.53 -56.16 8.12
CA MET C 345 -7.96 -57.42 8.71
C MET C 345 -7.21 -58.62 8.13
N LYS C 346 -6.68 -58.50 6.91
CA LYS C 346 -5.91 -59.60 6.33
C LYS C 346 -4.60 -59.83 7.07
N TYR C 347 -3.82 -58.76 7.29
CA TYR C 347 -2.47 -58.87 7.84
C TYR C 347 -2.41 -58.56 9.33
N GLU C 348 -3.45 -58.91 10.09
CA GLU C 348 -3.52 -58.49 11.48
C GLU C 348 -2.42 -59.11 12.32
N GLU C 349 -2.16 -60.41 12.14
CA GLU C 349 -1.19 -61.10 12.98
C GLU C 349 0.21 -60.54 12.78
N GLU C 350 0.58 -60.22 11.53
CA GLU C 350 1.90 -59.65 11.27
C GLU C 350 2.04 -58.27 11.90
N ILE C 351 0.98 -57.46 11.85
CA ILE C 351 1.03 -56.13 12.48
C ILE C 351 1.17 -56.27 13.99
N LEU C 352 0.43 -57.20 14.59
CA LEU C 352 0.56 -57.42 16.03
C LEU C 352 1.97 -57.91 16.39
N ALA C 353 2.55 -58.77 15.55
CA ALA C 353 3.88 -59.29 15.81
C ALA C 353 4.97 -58.25 15.55
N GLY C 354 4.72 -57.29 14.67
CA GLY C 354 5.69 -56.26 14.37
C GLY C 354 6.45 -56.45 13.07
N THR C 355 6.12 -57.47 12.28
CA THR C 355 6.87 -57.78 11.08
C THR C 355 6.37 -57.06 9.84
N PHE C 356 5.23 -56.36 9.92
CA PHE C 356 4.73 -55.64 8.76
C PHE C 356 5.64 -54.46 8.45
N ASP C 357 5.95 -54.27 7.16
CA ASP C 357 6.95 -53.32 6.75
C ASP C 357 6.43 -52.21 5.83
N GLN C 358 5.21 -52.33 5.33
CA GLN C 358 4.63 -51.33 4.43
C GLN C 358 3.41 -50.70 5.08
N SER C 359 2.84 -49.73 4.40
CA SER C 359 1.58 -49.14 4.81
C SER C 359 0.42 -49.92 4.19
N LEU C 360 -0.77 -49.73 4.75
CA LEU C 360 -1.96 -50.41 4.24
C LEU C 360 -2.31 -49.95 2.83
N ILE C 361 -1.83 -48.79 2.41
CA ILE C 361 -2.17 -48.27 1.09
C ILE C 361 -1.32 -48.87 -0.01
N ASP C 362 -0.14 -49.41 0.32
CA ASP C 362 0.71 -50.03 -0.68
C ASP C 362 0.30 -51.46 -1.00
N LYS C 363 -0.57 -52.06 -0.18
CA LYS C 363 -1.13 -53.37 -0.46
C LYS C 363 -2.51 -53.27 -1.12
N SER C 364 -2.72 -52.25 -1.92
CA SER C 364 -4.00 -51.96 -2.55
C SER C 364 -3.98 -52.30 -4.03
N ASN C 365 -5.18 -52.47 -4.59
CA ASN C 365 -5.36 -52.81 -5.99
C ASN C 365 -5.36 -51.59 -6.90
N TYR C 366 -5.43 -50.39 -6.33
CA TYR C 366 -5.49 -49.15 -7.11
C TYR C 366 -4.24 -48.32 -6.90
N GLN C 367 -3.10 -48.98 -6.74
CA GLN C 367 -1.85 -48.26 -6.51
C GLN C 367 -1.44 -47.44 -7.73
N ALA C 368 -1.68 -47.96 -8.94
CA ALA C 368 -1.31 -47.22 -10.15
C ALA C 368 -2.10 -45.93 -10.27
N GLN C 369 -3.40 -45.97 -9.97
CA GLN C 369 -4.22 -44.77 -10.03
C GLN C 369 -3.78 -43.73 -9.00
N ILE C 370 -3.49 -44.17 -7.78
CA ILE C 370 -3.01 -43.26 -6.74
C ILE C 370 -1.68 -42.65 -7.16
N THR C 371 -0.79 -43.45 -7.72
CA THR C 371 0.51 -42.94 -8.17
C THR C 371 0.34 -41.91 -9.27
N ASP C 372 -0.56 -42.16 -10.22
CA ASP C 372 -0.80 -41.19 -11.29
C ASP C 372 -1.36 -39.90 -10.73
N ILE C 373 -2.32 -39.98 -9.80
CA ILE C 373 -2.90 -38.78 -9.20
C ILE C 373 -1.82 -37.97 -8.48
N ILE C 374 -0.97 -38.65 -7.71
CA ILE C 374 0.07 -37.96 -6.96
C ILE C 374 1.07 -37.29 -7.91
N ASN C 375 1.46 -38.00 -8.98
CA ASN C 375 2.42 -37.42 -9.92
C ASN C 375 1.83 -36.19 -10.61
N LEU C 376 0.56 -36.26 -10.99
CA LEU C 376 -0.08 -35.10 -11.61
C LEU C 376 -0.14 -33.93 -10.63
N SER C 377 -0.44 -34.22 -9.35
CA SER C 377 -0.48 -33.16 -8.35
C SER C 377 0.89 -32.51 -8.18
N ILE C 378 1.95 -33.31 -8.18
CA ILE C 378 3.30 -32.77 -8.06
C ILE C 378 3.62 -31.89 -9.26
N GLU C 379 3.29 -32.36 -10.46
CA GLU C 379 3.62 -31.59 -11.67
C GLU C 379 2.83 -30.28 -11.73
N ARG C 380 1.57 -30.30 -11.33
CA ARG C 380 0.69 -29.16 -11.59
C ARG C 380 0.52 -28.22 -10.40
N ILE C 381 0.44 -28.72 -9.18
CA ILE C 381 0.11 -27.90 -8.02
C ILE C 381 1.35 -27.51 -7.23
N TYR C 382 2.20 -28.48 -6.89
CA TYR C 382 3.33 -28.18 -6.02
C TYR C 382 4.34 -27.28 -6.71
N ASN C 383 4.43 -27.35 -8.04
CA ASN C 383 5.41 -26.60 -8.80
C ASN C 383 4.80 -25.43 -9.56
N SER C 384 3.60 -25.01 -9.21
CA SER C 384 3.00 -23.84 -9.82
C SER C 384 3.71 -22.58 -9.33
N ARG C 385 3.62 -21.51 -10.14
CA ARG C 385 4.43 -20.32 -9.89
C ARG C 385 4.08 -19.67 -8.55
N GLU C 386 2.78 -19.54 -8.24
CA GLU C 386 2.37 -18.86 -7.01
C GLU C 386 2.88 -19.61 -5.78
N VAL C 387 2.78 -20.93 -5.80
CA VAL C 387 3.24 -21.74 -4.67
C VAL C 387 4.72 -21.53 -4.44
N ILE C 388 5.51 -21.52 -5.52
CA ILE C 388 6.95 -21.32 -5.39
C ILE C 388 7.24 -19.94 -4.82
N GLU C 389 6.52 -18.92 -5.27
CA GLU C 389 6.71 -17.58 -4.74
C GLU C 389 6.49 -17.53 -3.24
N LYS C 390 5.38 -18.12 -2.78
CA LYS C 390 5.10 -18.11 -1.35
C LYS C 390 6.16 -18.86 -0.55
N GLU C 391 6.62 -20.01 -1.07
CA GLU C 391 7.66 -20.74 -0.35
C GLU C 391 8.95 -19.94 -0.24
N ILE C 392 9.34 -19.27 -1.33
CA ILE C 392 10.56 -18.47 -1.31
C ILE C 392 10.44 -17.36 -0.28
N ALA C 393 9.28 -16.71 -0.19
CA ALA C 393 9.09 -15.68 0.83
C ALA C 393 9.17 -16.25 2.24
N GLY C 394 8.58 -17.44 2.45
CA GLY C 394 8.57 -18.04 3.77
C GLY C 394 9.96 -18.38 4.27
N TYR C 395 10.85 -18.79 3.36
CA TYR C 395 12.24 -19.04 3.75
C TYR C 395 12.85 -17.82 4.42
N GLU C 396 12.74 -16.66 3.79
CA GLU C 396 13.30 -15.43 4.32
C GLU C 396 12.65 -15.04 5.65
N ILE C 397 11.33 -15.16 5.74
CA ILE C 397 10.64 -14.78 6.98
C ILE C 397 11.13 -15.62 8.15
N LEU C 398 11.17 -16.94 7.97
CA LEU C 398 11.56 -17.82 9.06
C LEU C 398 13.02 -17.60 9.45
N SER C 399 13.90 -17.42 8.46
CA SER C 399 15.30 -17.19 8.78
C SER C 399 15.49 -15.90 9.60
N THR C 400 14.81 -14.83 9.22
CA THR C 400 14.95 -13.57 9.96
C THR C 400 14.49 -13.73 11.41
N LEU C 401 13.31 -14.34 11.61
CA LEU C 401 12.80 -14.47 12.97
C LEU C 401 13.70 -15.35 13.84
N LEU C 402 14.17 -16.48 13.28
CA LEU C 402 15.06 -17.35 14.03
C LEU C 402 16.36 -16.66 14.40
N GLU C 403 16.94 -15.91 13.46
CA GLU C 403 18.20 -15.22 13.75
C GLU C 403 18.03 -14.18 14.84
N ALA C 404 16.93 -13.44 14.81
CA ALA C 404 16.69 -12.46 15.87
C ALA C 404 16.58 -13.14 17.24
N ARG C 405 15.82 -14.24 17.32
CA ARG C 405 15.68 -14.93 18.59
C ARG C 405 17.02 -15.46 19.09
N CYS C 406 17.81 -16.07 18.20
CA CYS C 406 19.08 -16.65 18.61
C CYS C 406 20.07 -15.57 19.08
N ARG C 407 20.13 -14.45 18.36
CA ARG C 407 21.04 -13.38 18.77
C ARG C 407 20.62 -12.77 20.10
N ALA C 408 19.31 -12.62 20.33
CA ALA C 408 18.87 -12.19 21.64
C ALA C 408 19.24 -13.19 22.71
N LEU C 409 19.25 -14.48 22.38
CA LEU C 409 19.64 -15.50 23.34
C LEU C 409 21.12 -15.39 23.70
N ASP C 410 21.98 -15.15 22.71
CA ASP C 410 23.42 -15.13 22.96
C ASP C 410 23.81 -14.01 23.91
N ASN C 411 23.39 -12.78 23.61
CA ASN C 411 23.68 -11.62 24.44
C ASN C 411 22.37 -11.07 24.98
N ASN C 412 22.28 -10.92 26.30
CA ASN C 412 21.05 -10.46 26.94
C ASN C 412 21.23 -9.16 27.71
N ASP C 413 22.34 -8.45 27.49
CA ASP C 413 22.60 -7.21 28.19
C ASP C 413 22.29 -5.96 27.36
N THR C 414 22.23 -6.08 26.05
CA THR C 414 21.99 -4.93 25.19
C THR C 414 20.52 -4.49 25.28
N HIS C 415 20.30 -3.23 24.94
CA HIS C 415 18.94 -2.67 24.91
C HIS C 415 18.11 -3.32 23.81
N TYR C 416 18.72 -3.56 22.65
CA TYR C 416 18.00 -4.14 21.52
C TYR C 416 17.52 -5.54 21.83
N ASN C 417 18.37 -6.35 22.49
CA ASN C 417 17.98 -7.71 22.83
C ASN C 417 16.87 -7.73 23.87
N GLN C 418 16.87 -6.78 24.81
CA GLN C 418 15.75 -6.65 25.74
C GLN C 418 14.46 -6.31 25.00
N LEU C 419 14.53 -5.41 24.01
CA LEU C 419 13.35 -5.11 23.22
C LEU C 419 12.85 -6.34 22.47
N ILE C 420 13.78 -7.11 21.89
CA ILE C 420 13.39 -8.31 21.14
C ILE C 420 12.71 -9.30 22.07
N GLN C 421 13.26 -9.49 23.28
CA GLN C 421 12.65 -10.40 24.23
C GLN C 421 11.26 -9.92 24.63
N GLN C 422 11.09 -8.62 24.83
CA GLN C 422 9.78 -8.09 25.20
C GLN C 422 8.76 -8.28 24.09
N LEU C 423 9.18 -8.13 22.83
CA LEU C 423 8.23 -8.26 21.73
C LEU C 423 7.88 -9.72 21.47
N LEU C 424 8.88 -10.57 21.30
CA LEU C 424 8.64 -11.91 20.76
C LEU C 424 8.36 -12.95 21.84
N ALA C 425 9.15 -12.98 22.91
CA ALA C 425 9.04 -14.01 23.94
C ALA C 425 8.96 -13.38 25.32
N PRO C 426 7.77 -12.93 25.73
CA PRO C 426 7.60 -12.44 27.12
C PRO C 426 7.29 -13.57 28.09
N GLU C 431 16.58 -20.19 33.70
CA GLU C 431 17.31 -21.40 34.12
C GLU C 431 17.00 -22.53 33.18
N LYS C 432 17.88 -22.75 32.20
CA LYS C 432 17.76 -23.86 31.25
C LYS C 432 19.09 -24.05 30.56
N SER C 433 19.27 -25.22 29.96
CA SER C 433 20.47 -25.50 29.19
C SER C 433 20.37 -24.89 27.80
N LEU C 434 21.48 -24.96 27.06
CA LEU C 434 21.49 -24.43 25.70
C LEU C 434 20.53 -25.19 24.78
N TYR C 435 20.52 -26.52 24.88
CA TYR C 435 19.63 -27.32 24.05
C TYR C 435 18.17 -27.02 24.34
N GLU C 436 17.83 -26.89 25.62
CA GLU C 436 16.46 -26.57 25.99
C GLU C 436 16.04 -25.20 25.44
N ASN C 437 16.94 -24.22 25.51
CA ASN C 437 16.62 -22.89 24.98
C ASN C 437 16.44 -22.92 23.46
N LEU C 438 17.30 -23.65 22.75
CA LEU C 438 17.15 -23.74 21.30
C LEU C 438 15.84 -24.43 20.91
N ILE C 439 15.50 -25.50 21.61
CA ILE C 439 14.24 -26.19 21.36
C ILE C 439 13.06 -25.27 21.64
N GLN C 440 13.15 -24.49 22.72
CA GLN C 440 12.07 -23.56 23.03
C GLN C 440 11.91 -22.51 21.94
N ILE C 441 13.02 -22.02 21.38
CA ILE C 441 12.95 -21.04 20.30
C ILE C 441 12.27 -21.65 19.08
N CYS C 442 12.68 -22.87 18.70
CA CYS C 442 12.06 -23.54 17.56
C CYS C 442 10.58 -23.74 17.79
N ALA C 443 10.18 -24.11 19.02
CA ALA C 443 8.77 -24.31 19.31
C ALA C 443 7.98 -23.01 19.25
N GLU C 444 8.56 -21.91 19.76
CA GLU C 444 7.83 -20.65 19.77
C GLU C 444 7.67 -20.08 18.38
N VAL C 445 8.63 -20.32 17.49
CA VAL C 445 8.45 -19.88 16.10
C VAL C 445 7.35 -20.69 15.42
N SER C 446 7.22 -21.97 15.76
CA SER C 446 6.28 -22.85 15.05
C SER C 446 4.84 -22.73 15.54
N THR C 447 4.57 -21.97 16.60
CA THR C 447 3.20 -21.75 17.03
C THR C 447 2.52 -20.60 16.28
N MET C 448 3.26 -19.86 15.48
CA MET C 448 2.69 -18.71 14.79
C MET C 448 1.96 -19.15 13.52
N THR C 449 0.95 -18.37 13.16
CA THR C 449 0.29 -18.54 11.87
C THR C 449 1.11 -17.83 10.79
N ASP C 450 0.71 -18.05 9.54
CA ASP C 450 1.38 -17.38 8.44
C ASP C 450 1.23 -15.87 8.53
N GLY C 451 0.02 -15.40 8.85
CA GLY C 451 -0.21 -13.97 8.94
C GLY C 451 0.55 -13.33 10.09
N LYS C 452 0.56 -13.98 11.25
CA LYS C 452 1.30 -13.44 12.39
C LYS C 452 2.79 -13.40 12.10
N ALA C 453 3.33 -14.45 11.48
CA ALA C 453 4.74 -14.47 11.12
C ALA C 453 5.08 -13.36 10.14
N LEU C 454 4.23 -13.15 9.13
CA LEU C 454 4.48 -12.09 8.16
C LEU C 454 4.41 -10.71 8.80
N ARG C 455 3.41 -10.49 9.68
CA ARG C 455 3.28 -9.21 10.35
C ARG C 455 4.47 -8.92 11.25
N ASN C 456 4.93 -9.92 12.00
CA ASN C 456 6.11 -9.74 12.84
C ASN C 456 7.36 -9.47 12.02
N TYR C 457 7.49 -10.16 10.88
CA TYR C 457 8.64 -9.90 10.01
C TYR C 457 8.63 -8.47 9.49
N LYS C 458 7.46 -7.97 9.09
CA LYS C 458 7.38 -6.59 8.63
C LYS C 458 7.68 -5.61 9.77
N LYS C 459 7.21 -5.93 10.98
CA LYS C 459 7.47 -5.04 12.12
C LYS C 459 8.95 -4.98 12.46
N ILE C 460 9.65 -6.12 12.37
CA ILE C 460 11.08 -6.15 12.65
C ILE C 460 11.82 -5.24 11.69
N LYS C 461 11.43 -5.24 10.42
CA LYS C 461 12.07 -4.42 9.39
C LYS C 461 11.44 -3.04 9.24
N GLY C 462 10.42 -2.72 10.03
CA GLY C 462 9.83 -1.40 9.98
C GLY C 462 9.10 -1.05 8.69
N LEU C 463 8.33 -1.97 8.15
CA LEU C 463 7.55 -1.71 6.94
C LEU C 463 6.06 -1.97 7.15
N ASN D 25 -45.34 -37.36 21.43
CA ASN D 25 -44.82 -38.72 21.38
C ASN D 25 -43.39 -38.75 20.87
N TRP D 26 -42.50 -39.38 21.64
CA TRP D 26 -41.08 -39.39 21.30
C TRP D 26 -40.77 -40.31 20.13
N GLU D 27 -41.63 -41.29 19.85
CA GLU D 27 -41.37 -42.19 18.74
C GLU D 27 -41.45 -41.47 17.39
N HIS D 28 -42.19 -40.37 17.32
CA HIS D 28 -42.30 -39.59 16.10
C HIS D 28 -41.32 -38.44 16.03
N LEU D 29 -40.77 -38.02 17.16
CA LEU D 29 -39.80 -36.93 17.15
C LEU D 29 -38.43 -37.38 16.67
N LEU D 30 -38.09 -38.65 16.86
CA LEU D 30 -36.80 -39.20 16.45
C LEU D 30 -36.92 -39.91 15.11
N SER D 31 -37.27 -39.15 14.08
CA SER D 31 -37.55 -39.71 12.76
C SER D 31 -36.29 -39.79 11.92
N LEU D 32 -36.21 -40.84 11.10
CA LEU D 32 -35.06 -41.09 10.24
C LEU D 32 -35.38 -40.84 8.77
N LYS D 33 -36.45 -40.12 8.47
CA LYS D 33 -36.84 -39.92 7.09
C LYS D 33 -35.90 -38.95 6.39
N ARG D 34 -35.78 -39.10 5.08
CA ARG D 34 -35.00 -38.21 4.25
C ARG D 34 -35.87 -37.76 3.08
N GLN D 35 -35.50 -36.62 2.50
CA GLN D 35 -36.33 -36.02 1.45
C GLN D 35 -36.40 -36.94 0.25
N GLY D 36 -37.62 -37.19 -0.23
CA GLY D 36 -37.84 -38.06 -1.36
C GLY D 36 -37.76 -39.53 -1.03
N ASP D 37 -38.46 -39.95 0.03
CA ASP D 37 -38.47 -41.34 0.45
C ASP D 37 -39.90 -41.85 0.55
N THR D 38 -40.10 -43.11 0.17
CA THR D 38 -41.41 -43.74 0.19
C THR D 38 -41.53 -44.90 1.15
N ALA D 39 -40.43 -45.54 1.54
CA ALA D 39 -40.44 -46.63 2.49
C ALA D 39 -39.91 -46.14 3.83
N LYS D 40 -40.66 -46.40 4.89
CA LYS D 40 -40.32 -45.86 6.20
C LYS D 40 -39.11 -46.60 6.77
N ARG D 41 -38.05 -45.84 7.06
CA ARG D 41 -36.87 -46.40 7.69
C ARG D 41 -37.13 -46.66 9.16
N LEU D 42 -36.60 -47.77 9.66
CA LEU D 42 -36.79 -48.19 11.04
C LEU D 42 -35.46 -48.26 11.76
N ARG D 43 -35.50 -48.01 13.08
CA ARG D 43 -34.27 -48.01 13.87
C ARG D 43 -33.70 -49.42 14.03
N ILE D 44 -34.56 -50.44 14.10
CA ILE D 44 -34.08 -51.80 14.24
C ILE D 44 -33.28 -52.23 13.01
N GLU D 45 -33.69 -51.77 11.82
CA GLU D 45 -33.09 -52.18 10.57
C GLU D 45 -31.88 -51.32 10.18
N GLN D 46 -31.23 -50.69 11.14
CA GLN D 46 -30.05 -49.86 10.86
C GLN D 46 -28.77 -50.57 11.23
N LEU D 51 -25.06 -45.61 10.75
CA LEU D 51 -26.23 -45.04 11.43
C LEU D 51 -26.64 -43.71 10.80
N GLY D 52 -27.93 -43.42 10.84
CA GLY D 52 -28.45 -42.26 10.11
C GLY D 52 -27.98 -40.94 10.68
N PHE D 53 -27.87 -40.83 12.00
CA PHE D 53 -27.58 -39.55 12.63
C PHE D 53 -26.10 -39.19 12.63
N GLU D 54 -25.21 -40.09 12.19
CA GLU D 54 -23.80 -39.77 12.07
C GLU D 54 -23.41 -39.36 10.67
N VAL D 55 -24.11 -39.90 9.67
CA VAL D 55 -23.90 -39.46 8.29
C VAL D 55 -24.21 -37.98 8.15
N ASP D 56 -25.11 -37.44 8.98
CA ASP D 56 -25.39 -36.01 8.94
C ASP D 56 -24.15 -35.21 9.33
N TYR D 57 -23.48 -35.63 10.41
CA TYR D 57 -22.25 -34.99 10.84
C TYR D 57 -21.20 -35.06 9.73
N ASP D 58 -21.02 -36.24 9.15
CA ASP D 58 -20.02 -36.39 8.09
C ASP D 58 -20.34 -35.52 6.87
N ARG D 59 -21.62 -35.47 6.48
CA ARG D 59 -22.00 -34.71 5.31
C ARG D 59 -21.83 -33.21 5.52
N ILE D 60 -22.12 -32.73 6.73
CA ILE D 60 -21.90 -31.32 7.02
C ILE D 60 -20.41 -31.00 7.03
N ILE D 61 -19.59 -31.93 7.52
CA ILE D 61 -18.15 -31.65 7.62
C ILE D 61 -17.54 -31.44 6.23
N PHE D 62 -17.98 -32.20 5.24
CA PHE D 62 -17.36 -32.22 3.93
C PHE D 62 -17.94 -31.21 2.94
N SER D 63 -18.87 -30.37 3.37
CA SER D 63 -19.56 -29.47 2.45
C SER D 63 -18.89 -28.11 2.39
N ALA D 64 -19.01 -27.45 1.23
CA ALA D 64 -18.46 -26.11 1.07
C ALA D 64 -19.06 -25.05 1.98
N PRO D 65 -20.38 -24.99 2.21
CA PRO D 65 -20.90 -23.99 3.15
C PRO D 65 -20.29 -24.07 4.54
N PHE D 66 -20.02 -25.27 5.05
CA PHE D 66 -19.35 -25.38 6.33
C PHE D 66 -17.92 -24.85 6.25
N ARG D 67 -17.25 -25.11 5.14
CA ARG D 67 -15.87 -24.66 4.99
C ARG D 67 -15.78 -23.14 4.87
N SER D 68 -16.83 -22.48 4.39
CA SER D 68 -16.80 -21.03 4.29
C SER D 68 -16.86 -20.34 5.64
N LEU D 69 -17.11 -21.08 6.72
CA LEU D 69 -17.24 -20.51 8.05
C LEU D 69 -15.92 -20.14 8.69
N GLN D 70 -14.79 -20.49 8.08
CA GLN D 70 -13.50 -20.22 8.71
C GLN D 70 -13.14 -18.75 8.72
N ASP D 71 -13.70 -17.96 7.81
CA ASP D 71 -13.39 -16.54 7.73
C ASP D 71 -14.67 -15.72 7.77
N LYS D 72 -15.54 -16.03 8.74
CA LYS D 72 -16.74 -15.26 8.97
C LYS D 72 -16.75 -14.75 10.41
N THR D 73 -17.29 -13.55 10.60
CA THR D 73 -17.19 -12.86 11.87
C THR D 73 -18.03 -13.55 12.94
N GLN D 74 -17.45 -13.71 14.14
CA GLN D 74 -18.16 -14.14 15.33
C GLN D 74 -18.47 -12.84 16.14
N VAL D 75 -17.45 -12.12 16.61
CA VAL D 75 -17.63 -10.85 17.31
C VAL D 75 -16.79 -9.76 16.64
N ILE D 76 -15.51 -10.04 16.44
CA ILE D 76 -14.56 -9.06 15.91
C ILE D 76 -14.39 -9.33 14.41
N PRO D 77 -14.82 -8.43 13.53
CA PRO D 77 -14.61 -8.66 12.10
C PRO D 77 -13.15 -8.55 11.72
N LEU D 78 -12.78 -9.26 10.64
CA LEU D 78 -11.42 -9.26 10.11
C LEU D 78 -10.41 -9.60 11.21
N SER D 79 -10.52 -10.84 11.69
CA SER D 79 -9.87 -11.29 12.92
C SER D 79 -8.37 -11.08 12.92
N LYS D 80 -7.74 -10.82 11.78
CA LYS D 80 -6.30 -10.59 11.67
C LYS D 80 -5.50 -11.80 12.14
N THR D 81 -6.06 -13.00 11.95
CA THR D 81 -5.38 -14.26 12.26
C THR D 81 -4.88 -14.29 13.71
N ASP D 82 -5.70 -13.79 14.62
CA ASP D 82 -5.35 -13.73 16.04
C ASP D 82 -5.87 -14.99 16.74
N PHE D 83 -5.85 -14.97 18.08
CA PHE D 83 -6.34 -16.09 18.88
C PHE D 83 -7.85 -16.04 19.10
N VAL D 84 -8.53 -14.99 18.62
CA VAL D 84 -9.96 -14.84 18.81
C VAL D 84 -10.71 -15.84 17.94
N HIS D 85 -11.99 -16.03 18.23
CA HIS D 85 -12.79 -17.07 17.59
C HIS D 85 -13.37 -16.58 16.26
N THR D 86 -13.64 -17.55 15.39
CA THR D 86 -14.43 -17.36 14.19
C THR D 86 -15.71 -18.16 14.32
N ARG D 87 -16.53 -18.15 13.26
CA ARG D 87 -17.76 -18.93 13.27
C ARG D 87 -17.48 -20.42 13.35
N LEU D 88 -16.43 -20.89 12.69
CA LEU D 88 -16.15 -22.31 12.61
C LEU D 88 -15.77 -22.88 13.98
N THR D 89 -14.83 -22.24 14.68
CA THR D 89 -14.41 -22.73 15.98
C THR D 89 -15.54 -22.62 17.00
N HIS D 90 -16.34 -21.55 16.93
CA HIS D 90 -17.51 -21.43 17.78
C HIS D 90 -18.49 -22.57 17.54
N SER D 91 -18.70 -22.93 16.28
CA SER D 91 -19.61 -24.04 15.97
C SER D 91 -19.07 -25.37 16.50
N LEU D 92 -17.76 -25.56 16.42
CA LEU D 92 -17.16 -26.78 16.95
C LEU D 92 -17.35 -26.90 18.47
N GLU D 93 -17.11 -25.82 19.20
CA GLU D 93 -17.32 -25.86 20.65
C GLU D 93 -18.77 -26.08 21.01
N VAL D 94 -19.68 -25.43 20.28
CA VAL D 94 -21.10 -25.64 20.51
C VAL D 94 -21.46 -27.09 20.26
N SER D 95 -20.84 -27.72 19.26
CA SER D 95 -21.12 -29.13 18.96
C SER D 95 -20.65 -30.04 20.09
N VAL D 96 -19.48 -29.78 20.66
CA VAL D 96 -19.00 -30.62 21.77
C VAL D 96 -19.94 -30.49 22.98
N VAL D 97 -20.29 -29.26 23.33
CA VAL D 97 -21.18 -29.06 24.47
C VAL D 97 -22.55 -29.67 24.20
N GLY D 98 -23.03 -29.59 22.96
CA GLY D 98 -24.31 -30.18 22.62
C GLY D 98 -24.28 -31.69 22.70
N ARG D 99 -23.18 -32.32 22.28
CA ARG D 99 -23.07 -33.76 22.42
C ARG D 99 -23.14 -34.18 23.88
N SER D 100 -22.46 -33.45 24.76
CA SER D 100 -22.54 -33.77 26.18
C SER D 100 -23.96 -33.65 26.72
N LEU D 101 -24.62 -32.52 26.41
CA LEU D 101 -25.99 -32.31 26.91
C LEU D 101 -26.92 -33.39 26.39
N GLY D 102 -26.82 -33.72 25.10
CA GLY D 102 -27.69 -34.72 24.52
C GLY D 102 -27.48 -36.09 25.11
N ARG D 103 -26.22 -36.46 25.38
CA ARG D 103 -25.95 -37.76 25.97
C ARG D 103 -26.59 -37.87 27.36
N MET D 104 -26.42 -36.83 28.19
CA MET D 104 -27.00 -36.88 29.53
C MET D 104 -28.52 -36.94 29.49
N VAL D 105 -29.14 -36.08 28.66
CA VAL D 105 -30.59 -36.04 28.58
C VAL D 105 -31.13 -37.36 28.03
N GLY D 106 -30.42 -37.95 27.06
CA GLY D 106 -30.86 -39.22 26.52
C GLY D 106 -30.79 -40.34 27.53
N LYS D 107 -29.76 -40.36 28.36
CA LYS D 107 -29.69 -41.33 29.44
C LYS D 107 -30.91 -41.20 30.36
N LYS D 108 -31.21 -39.97 30.78
CA LYS D 108 -32.34 -39.80 31.70
C LYS D 108 -33.67 -40.14 31.03
N LEU D 109 -33.83 -39.78 29.76
CA LEU D 109 -35.06 -40.09 29.03
C LEU D 109 -35.26 -41.58 28.88
N LEU D 110 -34.21 -42.31 28.50
CA LEU D 110 -34.31 -43.75 28.40
C LEU D 110 -34.60 -44.39 29.75
N GLU D 111 -34.11 -43.77 30.83
CA GLU D 111 -34.51 -44.24 32.15
C GLU D 111 -36.00 -44.03 32.39
N LYS D 112 -36.55 -42.90 31.93
CA LYS D 112 -37.94 -42.59 32.21
C LYS D 112 -38.91 -43.43 31.39
N TYR D 113 -38.63 -43.60 30.09
CA TYR D 113 -39.51 -44.36 29.20
C TYR D 113 -38.77 -45.62 28.73
N PRO D 114 -38.90 -46.74 29.45
CA PRO D 114 -38.17 -47.96 29.03
C PRO D 114 -38.51 -48.45 27.64
N HIS D 115 -39.77 -48.32 27.23
CA HIS D 115 -40.19 -48.89 25.94
C HIS D 115 -39.49 -48.23 24.77
N LEU D 116 -38.89 -47.06 24.96
CA LEU D 116 -38.12 -46.43 23.89
C LEU D 116 -36.91 -47.26 23.49
N GLU D 117 -36.44 -48.14 24.37
CA GLU D 117 -35.28 -48.98 24.08
C GLU D 117 -35.62 -50.44 23.89
N GLN D 118 -36.58 -50.96 24.65
CA GLN D 118 -36.89 -52.40 24.61
C GLN D 118 -37.75 -52.79 23.42
N VAL D 119 -38.34 -51.84 22.71
CA VAL D 119 -39.22 -52.15 21.58
C VAL D 119 -38.68 -51.48 20.33
N TYR D 120 -38.59 -50.14 20.36
CA TYR D 120 -38.12 -49.41 19.18
C TYR D 120 -36.62 -49.57 18.95
N GLY D 121 -35.82 -49.50 20.01
CA GLY D 121 -34.39 -49.73 19.89
C GLY D 121 -33.54 -48.49 19.81
N TYR D 122 -33.81 -47.51 20.67
CA TYR D 122 -33.05 -46.26 20.69
C TYR D 122 -32.05 -46.28 21.84
N LYS D 123 -30.81 -45.90 21.56
CA LYS D 123 -29.74 -45.83 22.54
C LYS D 123 -29.45 -44.37 22.87
N PHE D 124 -28.70 -44.16 23.95
CA PHE D 124 -28.45 -42.80 24.41
C PHE D 124 -27.46 -42.05 23.54
N ASN D 125 -26.81 -42.72 22.57
CA ASN D 125 -25.92 -42.02 21.65
C ASN D 125 -26.66 -41.33 20.52
N ASP D 126 -27.89 -41.77 20.20
CA ASP D 126 -28.64 -41.14 19.12
C ASP D 126 -29.01 -39.69 19.45
N PHE D 127 -29.40 -39.43 20.70
CA PHE D 127 -29.70 -38.07 21.12
C PHE D 127 -28.47 -37.18 20.99
N GLY D 128 -27.31 -37.69 21.43
CA GLY D 128 -26.09 -36.94 21.28
C GLY D 128 -25.75 -36.65 19.84
N ALA D 129 -25.95 -37.63 18.96
CA ALA D 129 -25.69 -37.43 17.54
C ALA D 129 -26.62 -36.36 16.96
N ILE D 130 -27.91 -36.40 17.31
CA ILE D 130 -28.85 -35.42 16.77
C ILE D 130 -28.48 -34.02 17.23
N VAL D 131 -28.19 -33.86 18.52
CA VAL D 131 -27.89 -32.54 19.05
C VAL D 131 -26.55 -32.03 18.52
N ALA D 132 -25.57 -32.92 18.36
CA ALA D 132 -24.28 -32.52 17.81
C ALA D 132 -24.41 -32.08 16.36
N ALA D 133 -25.15 -32.84 15.55
CA ALA D 133 -25.34 -32.47 14.15
C ALA D 133 -26.09 -31.15 14.03
N ALA D 134 -27.14 -30.96 14.83
CA ALA D 134 -27.89 -29.72 14.77
C ALA D 134 -27.04 -28.53 15.23
N ALA D 135 -26.21 -28.72 16.25
CA ALA D 135 -25.40 -27.64 16.77
C ALA D 135 -24.23 -27.30 15.85
N LEU D 136 -23.75 -28.27 15.10
CA LEU D 136 -22.68 -27.99 14.14
C LEU D 136 -23.16 -27.08 13.02
N ALA D 137 -24.41 -27.23 12.58
CA ALA D 137 -24.95 -26.46 11.48
C ALA D 137 -25.84 -25.31 11.91
N HIS D 138 -25.87 -25.00 13.22
CA HIS D 138 -26.83 -24.02 13.75
C HIS D 138 -26.60 -22.61 13.24
N ASP D 139 -25.45 -22.35 12.61
CA ASP D 139 -25.03 -20.98 12.41
C ASP D 139 -24.50 -20.79 10.99
N ILE D 140 -24.86 -21.70 10.08
CA ILE D 140 -24.29 -21.80 8.74
C ILE D 140 -24.83 -20.79 7.75
N GLY D 141 -25.99 -20.21 8.01
CA GLY D 141 -26.57 -19.24 7.11
C GLY D 141 -26.16 -17.80 7.36
N ASN D 142 -25.26 -17.56 8.29
CA ASN D 142 -24.92 -16.20 8.65
C ASN D 142 -24.11 -15.52 7.54
N PRO D 143 -24.36 -14.23 7.28
CA PRO D 143 -23.61 -13.52 6.27
C PRO D 143 -22.28 -13.03 6.81
N PRO D 144 -21.40 -12.51 5.96
CA PRO D 144 -20.19 -11.85 6.46
C PRO D 144 -20.54 -10.64 7.31
N PHE D 145 -19.63 -10.36 8.26
CA PHE D 145 -19.68 -9.24 9.20
C PHE D 145 -20.74 -9.40 10.29
N GLY D 146 -21.34 -10.59 10.41
CA GLY D 146 -22.15 -10.89 11.59
C GLY D 146 -23.49 -10.18 11.60
N ALA D 147 -23.86 -9.70 12.79
CA ALA D 147 -25.16 -9.06 12.96
C ALA D 147 -25.27 -7.80 12.13
N SER D 148 -24.20 -7.00 12.09
CA SER D 148 -24.20 -5.80 11.27
C SER D 148 -24.45 -6.11 9.80
N GLY D 149 -23.99 -7.28 9.32
CA GLY D 149 -24.29 -7.66 7.96
C GLY D 149 -25.75 -7.89 7.70
N GLU D 150 -26.43 -8.59 8.62
CA GLU D 150 -27.87 -8.78 8.48
C GLU D 150 -28.60 -7.45 8.51
N LYS D 151 -28.20 -6.56 9.42
CA LYS D 151 -28.84 -5.25 9.47
C LYS D 151 -28.63 -4.47 8.18
N ALA D 152 -27.44 -4.57 7.59
CA ALA D 152 -27.19 -3.86 6.34
C ALA D 152 -28.03 -4.42 5.20
N ILE D 153 -28.14 -5.74 5.11
CA ILE D 153 -28.95 -6.34 4.05
C ILE D 153 -30.40 -5.93 4.20
N GLY D 154 -30.90 -5.86 5.42
CA GLY D 154 -32.26 -5.38 5.63
C GLY D 154 -32.43 -3.91 5.28
N GLU D 155 -31.49 -3.06 5.71
CA GLU D 155 -31.61 -1.63 5.46
C GLU D 155 -31.52 -1.30 3.98
N PHE D 156 -30.83 -2.15 3.21
CA PHE D 156 -30.76 -1.94 1.76
C PHE D 156 -32.15 -1.96 1.13
N PHE D 157 -32.98 -2.94 1.51
CA PHE D 157 -34.34 -2.99 0.99
C PHE D 157 -35.25 -1.99 1.69
N LYS D 158 -34.97 -1.64 2.94
CA LYS D 158 -35.86 -0.75 3.67
C LYS D 158 -35.72 0.70 3.19
N ASN D 159 -34.52 1.28 3.34
CA ASN D 159 -34.30 2.69 3.02
C ASN D 159 -33.20 2.87 1.98
N GLY D 160 -33.11 1.98 1.00
CA GLY D 160 -32.09 2.05 -0.01
C GLY D 160 -32.68 1.84 -1.38
N TYR D 161 -31.85 1.27 -2.26
CA TYR D 161 -32.26 1.01 -3.64
C TYR D 161 -33.43 0.03 -3.69
N GLY D 162 -33.28 -1.12 -3.04
CA GLY D 162 -34.26 -2.20 -3.10
C GLY D 162 -35.68 -1.79 -2.75
N LYS D 163 -35.83 -0.62 -2.14
CA LYS D 163 -37.15 -0.09 -1.82
C LYS D 163 -38.04 -0.06 -3.04
N ARG D 164 -37.46 0.14 -4.23
CA ARG D 164 -38.28 0.24 -5.44
C ARG D 164 -39.11 -0.99 -5.68
N TYR D 165 -38.76 -2.13 -5.10
CA TYR D 165 -39.49 -3.37 -5.36
C TYR D 165 -40.69 -3.55 -4.44
N LYS D 166 -40.94 -2.62 -3.51
CA LYS D 166 -41.98 -2.82 -2.51
C LYS D 166 -43.34 -3.06 -3.15
N ASP D 167 -43.66 -2.32 -4.22
CA ASP D 167 -44.96 -2.45 -4.84
C ASP D 167 -45.14 -3.74 -5.64
N SER D 168 -44.05 -4.48 -5.90
CA SER D 168 -44.13 -5.65 -6.77
C SER D 168 -44.14 -6.97 -6.01
N LEU D 169 -44.23 -6.95 -4.68
CA LEU D 169 -44.11 -8.15 -3.88
C LEU D 169 -45.23 -8.22 -2.85
N THR D 170 -45.57 -9.44 -2.46
CA THR D 170 -46.53 -9.66 -1.38
C THR D 170 -45.93 -9.21 -0.06
N ALA D 171 -46.74 -8.74 0.90
CA ALA D 171 -46.31 -8.31 2.23
C ALA D 171 -45.51 -9.34 3.01
N LYS D 172 -45.72 -10.60 2.73
CA LYS D 172 -44.96 -11.63 3.40
C LYS D 172 -43.61 -11.75 2.74
N GLU D 173 -43.53 -11.44 1.46
CA GLU D 173 -42.30 -11.51 0.72
C GLU D 173 -41.41 -10.32 1.00
N TYR D 174 -42.00 -9.17 1.22
CA TYR D 174 -41.31 -7.93 1.59
C TYR D 174 -40.79 -7.99 3.03
N GLN D 175 -41.58 -8.57 3.94
CA GLN D 175 -41.11 -8.73 5.31
C GLN D 175 -39.98 -9.76 5.40
N ASP D 176 -39.96 -10.73 4.51
CA ASP D 176 -38.78 -11.59 4.37
C ASP D 176 -37.56 -10.76 3.99
N LEU D 177 -37.72 -9.85 3.05
CA LEU D 177 -36.59 -9.11 2.52
C LEU D 177 -36.04 -8.10 3.52
N ILE D 178 -36.92 -7.41 4.25
CA ILE D 178 -36.47 -6.32 5.12
C ILE D 178 -36.11 -6.75 6.53
N LYS D 179 -36.32 -8.02 6.88
CA LYS D 179 -35.94 -8.55 8.18
C LYS D 179 -35.17 -9.85 7.99
N PHE D 180 -34.19 -9.80 7.10
CA PHE D 180 -33.36 -10.95 6.77
C PHE D 180 -32.62 -11.46 7.99
N GLU D 181 -32.81 -12.74 8.33
CA GLU D 181 -31.99 -13.38 9.34
C GLU D 181 -31.33 -14.62 8.79
N GLY D 182 -30.26 -15.03 9.47
CA GLY D 182 -29.47 -16.18 9.08
C GLY D 182 -30.06 -17.52 9.40
N ASN D 183 -31.09 -17.50 10.21
CA ASN D 183 -31.83 -18.66 10.57
C ASN D 183 -32.61 -19.27 9.41
N ALA D 184 -33.31 -18.49 8.62
CA ALA D 184 -34.00 -18.86 7.39
C ALA D 184 -33.02 -19.19 6.28
N ASN D 185 -31.94 -18.40 6.17
CA ASN D 185 -30.92 -18.67 5.17
C ASN D 185 -30.23 -20.00 5.44
N GLY D 186 -30.02 -20.35 6.70
CA GLY D 186 -29.43 -21.65 7.03
C GLY D 186 -30.32 -22.81 6.64
N PHE D 187 -31.63 -22.69 6.91
CA PHE D 187 -32.55 -23.74 6.46
C PHE D 187 -32.52 -23.88 4.95
N LYS D 188 -32.55 -22.79 4.23
CA LYS D 188 -32.49 -22.83 2.80
C LYS D 188 -31.22 -23.46 2.30
N VAL D 189 -30.08 -23.11 2.88
CA VAL D 189 -28.81 -23.70 2.48
C VAL D 189 -28.81 -25.21 2.71
N LEU D 190 -29.39 -25.64 3.84
CA LEU D 190 -29.42 -27.05 4.15
C LEU D 190 -30.34 -27.84 3.22
N SER D 191 -31.40 -27.23 2.72
CA SER D 191 -32.42 -27.97 1.98
C SER D 191 -32.65 -27.43 0.56
N GLN D 192 -31.57 -27.16 -0.16
CA GLN D 192 -31.66 -26.50 -1.47
C GLN D 192 -31.62 -27.53 -2.59
N SER D 193 -32.61 -27.49 -3.46
CA SER D 193 -32.70 -28.40 -4.59
C SER D 193 -32.01 -27.79 -5.81
N LYS D 194 -31.20 -28.58 -6.47
CA LYS D 194 -30.49 -28.21 -7.68
C LYS D 194 -30.65 -29.32 -8.71
N PRO D 195 -30.49 -29.01 -10.00
CA PRO D 195 -30.62 -30.06 -11.03
C PRO D 195 -29.64 -31.21 -10.79
N GLY D 196 -30.20 -32.41 -10.63
CA GLY D 196 -29.41 -33.59 -10.38
C GLY D 196 -29.17 -33.89 -8.92
N ALA D 197 -29.56 -33.01 -8.00
CA ALA D 197 -29.34 -33.23 -6.57
C ALA D 197 -30.52 -32.61 -5.82
N GLN D 198 -31.53 -33.44 -5.56
CA GLN D 198 -32.71 -32.99 -4.83
C GLN D 198 -32.49 -33.12 -3.33
N GLY D 199 -32.96 -32.13 -2.58
CA GLY D 199 -32.88 -32.16 -1.14
C GLY D 199 -31.63 -31.55 -0.54
N GLY D 200 -30.69 -31.10 -1.36
CA GLY D 200 -29.48 -30.52 -0.83
C GLY D 200 -28.64 -31.57 -0.13
N LEU D 201 -28.35 -31.33 1.15
CA LEU D 201 -27.55 -32.25 1.93
C LEU D 201 -28.34 -33.46 2.39
N ARG D 202 -29.67 -33.40 2.34
CA ARG D 202 -30.55 -34.54 2.63
C ARG D 202 -30.32 -35.08 4.04
N LEU D 203 -30.44 -34.20 5.02
CA LEU D 203 -30.29 -34.58 6.41
C LEU D 203 -31.61 -35.18 6.94
N SER D 204 -31.51 -35.85 8.07
CA SER D 204 -32.67 -36.51 8.63
C SER D 204 -33.64 -35.48 9.21
N TYR D 205 -34.90 -35.90 9.32
CA TYR D 205 -35.94 -34.96 9.75
C TYR D 205 -35.77 -34.56 11.21
N ALA D 206 -35.26 -35.47 12.04
CA ALA D 206 -34.99 -35.12 13.44
C ALA D 206 -33.96 -34.01 13.54
N THR D 207 -32.91 -34.08 12.72
CA THR D 207 -31.89 -33.04 12.73
C THR D 207 -32.46 -31.70 12.29
N LEU D 208 -33.33 -31.70 11.27
CA LEU D 208 -33.95 -30.47 10.83
C LEU D 208 -34.86 -29.89 11.89
N GLY D 209 -35.59 -30.75 12.61
CA GLY D 209 -36.43 -30.26 13.69
C GLY D 209 -35.64 -29.67 14.84
N ALA D 210 -34.54 -30.33 15.22
CA ALA D 210 -33.69 -29.80 16.27
C ALA D 210 -32.93 -28.54 15.85
N PHE D 211 -32.75 -28.34 14.55
CA PHE D 211 -32.07 -27.16 14.06
C PHE D 211 -32.96 -25.92 14.12
N MET D 212 -34.28 -26.08 13.96
CA MET D 212 -35.21 -24.97 13.88
C MET D 212 -35.62 -24.53 15.28
N LYS D 213 -35.52 -23.23 15.54
CA LYS D 213 -35.88 -22.65 16.83
C LYS D 213 -37.07 -21.67 16.73
N TYR D 214 -37.37 -21.20 15.54
CA TYR D 214 -38.50 -20.29 15.33
C TYR D 214 -39.37 -20.86 14.21
N PRO D 215 -40.22 -21.82 14.51
CA PRO D 215 -41.05 -22.44 13.45
C PRO D 215 -42.25 -21.59 13.07
N LYS D 216 -41.99 -20.46 12.41
CA LYS D 216 -43.05 -19.56 11.99
C LYS D 216 -42.56 -18.72 10.82
N GLU D 217 -43.50 -18.07 10.14
CA GLU D 217 -43.20 -17.19 9.03
C GLU D 217 -42.89 -15.78 9.52
N SER D 218 -42.68 -14.87 8.56
CA SER D 218 -42.25 -13.51 8.88
C SER D 218 -43.40 -12.59 9.25
N LEU D 219 -44.64 -13.01 9.09
CA LEU D 219 -45.79 -12.22 9.51
C LEU D 219 -46.77 -13.12 10.25
N PRO D 220 -47.36 -12.65 11.38
CA PRO D 220 -47.17 -11.33 12.00
C PRO D 220 -45.84 -11.19 12.73
N HIS D 221 -45.42 -9.95 12.93
CA HIS D 221 -44.14 -9.66 13.57
C HIS D 221 -44.34 -9.57 15.08
N LYS D 222 -43.67 -10.47 15.81
CA LYS D 222 -43.70 -10.54 17.28
C LYS D 222 -45.12 -10.56 17.82
N PRO D 223 -45.87 -11.64 17.57
CA PRO D 223 -47.26 -11.69 18.06
C PRO D 223 -47.37 -11.75 19.58
N SER D 224 -46.32 -12.12 20.30
CA SER D 224 -46.43 -12.34 21.74
C SER D 224 -45.05 -12.20 22.38
N ASP D 225 -44.95 -12.61 23.63
CA ASP D 225 -43.71 -12.59 24.39
C ASP D 225 -43.09 -13.98 24.53
N HIS D 226 -43.55 -14.94 23.74
CA HIS D 226 -42.97 -16.27 23.74
C HIS D 226 -41.54 -16.24 23.22
N ILE D 227 -40.73 -17.19 23.68
CA ILE D 227 -39.35 -17.26 23.23
C ILE D 227 -39.27 -17.70 21.77
N ALA D 228 -40.23 -18.49 21.32
CA ALA D 228 -40.25 -19.02 19.96
C ALA D 228 -40.92 -18.09 18.97
N ASP D 229 -41.08 -16.80 19.32
CA ASP D 229 -41.75 -15.84 18.46
C ASP D 229 -40.92 -14.59 18.21
N LYS D 230 -39.64 -14.59 18.56
CA LYS D 230 -38.83 -13.39 18.38
C LYS D 230 -38.53 -13.13 16.91
N LYS D 231 -38.30 -14.18 16.14
CA LYS D 231 -37.97 -14.04 14.72
C LYS D 231 -38.72 -15.13 13.96
N TYR D 232 -38.31 -15.37 12.72
CA TYR D 232 -38.88 -16.43 11.91
C TYR D 232 -37.78 -17.38 11.43
N GLY D 233 -38.21 -18.55 10.95
CA GLY D 233 -37.28 -19.62 10.67
C GLY D 233 -37.18 -20.10 9.24
N PHE D 234 -38.15 -19.77 8.40
CA PHE D 234 -38.09 -20.16 7.00
C PHE D 234 -38.69 -19.08 6.11
N PHE D 235 -38.22 -19.04 4.87
CA PHE D 235 -38.72 -18.13 3.86
C PHE D 235 -39.98 -18.70 3.22
N GLN D 236 -40.61 -17.89 2.36
CA GLN D 236 -41.80 -18.35 1.66
C GLN D 236 -41.47 -19.47 0.67
N SER D 237 -40.37 -19.31 -0.07
CA SER D 237 -40.01 -20.31 -1.08
C SER D 237 -39.74 -21.68 -0.46
N GLU D 238 -39.29 -21.71 0.79
CA GLU D 238 -39.06 -22.97 1.48
C GLU D 238 -40.25 -23.40 2.33
N ARG D 239 -41.29 -22.58 2.43
CA ARG D 239 -42.37 -22.82 3.39
C ARG D 239 -42.95 -24.22 3.25
N ALA D 240 -43.34 -24.59 2.03
CA ALA D 240 -43.93 -25.90 1.79
C ALA D 240 -43.06 -27.01 2.35
N LEU D 241 -41.74 -26.92 2.11
CA LEU D 241 -40.82 -27.94 2.60
C LEU D 241 -41.01 -28.16 4.09
N PHE D 242 -40.99 -27.09 4.88
CA PHE D 242 -41.05 -27.25 6.32
C PHE D 242 -42.36 -27.91 6.73
N GLU D 243 -43.45 -27.62 6.02
CA GLU D 243 -44.72 -28.25 6.37
C GLU D 243 -44.56 -29.76 6.38
N ASP D 244 -43.92 -30.31 5.34
CA ASP D 244 -43.67 -31.74 5.29
C ASP D 244 -42.97 -32.21 6.55
N VAL D 245 -41.87 -31.55 6.91
CA VAL D 245 -41.14 -31.92 8.12
C VAL D 245 -42.06 -31.83 9.33
N ALA D 246 -42.80 -30.73 9.45
CA ALA D 246 -43.67 -30.54 10.60
C ALA D 246 -44.80 -31.56 10.62
N GLN D 247 -45.14 -32.13 9.47
CA GLN D 247 -46.13 -33.20 9.47
C GLN D 247 -45.55 -34.52 9.96
N GLU D 248 -44.27 -34.77 9.64
CA GLU D 248 -43.67 -36.06 9.97
C GLU D 248 -43.32 -36.17 11.44
N LEU D 249 -42.84 -35.08 12.04
CA LEU D 249 -42.43 -35.12 13.44
C LEU D 249 -43.58 -35.00 14.41
N GLY D 250 -44.79 -34.69 13.93
CA GLY D 250 -45.90 -34.49 14.83
C GLY D 250 -45.77 -33.26 15.71
N LEU D 251 -45.29 -32.16 15.16
CA LEU D 251 -45.25 -30.91 15.91
C LEU D 251 -46.66 -30.37 16.10
N LEU D 252 -46.83 -29.55 17.13
CA LEU D 252 -48.14 -29.06 17.53
C LEU D 252 -48.39 -27.68 16.93
N LYS D 253 -49.55 -27.52 16.29
CA LYS D 253 -49.87 -26.27 15.62
C LYS D 253 -50.18 -25.17 16.62
N ARG D 254 -49.95 -23.93 16.19
CA ARG D 254 -50.26 -22.77 17.02
C ARG D 254 -50.88 -21.64 16.20
N SER D 255 -51.26 -21.90 14.94
CA SER D 255 -51.67 -20.85 14.03
C SER D 255 -52.94 -20.13 14.49
N THR D 256 -54.06 -20.85 14.53
CA THR D 256 -55.38 -20.26 14.80
C THR D 256 -55.67 -19.10 13.86
N THR D 257 -55.04 -19.11 12.69
CA THR D 257 -55.18 -18.05 11.70
C THR D 257 -54.76 -18.62 10.35
N ASP D 258 -54.57 -17.73 9.37
CA ASP D 258 -54.11 -18.13 8.04
C ASP D 258 -52.59 -18.20 7.92
N ASP D 259 -51.86 -17.77 8.95
CA ASP D 259 -50.41 -17.83 8.97
C ASP D 259 -49.97 -18.99 9.86
N VAL D 260 -49.11 -19.86 9.33
CA VAL D 260 -48.77 -21.11 9.99
C VAL D 260 -47.69 -20.87 11.03
N SER D 261 -47.78 -21.58 12.15
CA SER D 261 -46.75 -21.60 13.17
C SER D 261 -46.93 -22.85 14.01
N TRP D 262 -45.82 -23.44 14.44
CA TRP D 262 -45.80 -24.70 15.18
C TRP D 262 -45.04 -24.52 16.49
N SER D 263 -45.09 -25.55 17.32
CA SER D 263 -44.32 -25.57 18.55
C SER D 263 -42.91 -26.07 18.28
N ARG D 264 -42.02 -25.78 19.24
CA ARG D 264 -40.61 -26.13 19.09
C ARG D 264 -40.39 -27.63 19.27
N HIS D 265 -39.37 -28.14 18.58
CA HIS D 265 -38.85 -29.47 18.88
C HIS D 265 -38.12 -29.41 20.23
N PRO D 266 -38.32 -30.41 21.09
CA PRO D 266 -37.70 -30.35 22.42
C PRO D 266 -36.18 -30.24 22.43
N LEU D 267 -35.49 -30.87 21.48
CA LEU D 267 -34.03 -30.80 21.46
C LEU D 267 -33.51 -29.45 20.97
N ALA D 268 -34.36 -28.65 20.34
CA ALA D 268 -33.97 -27.29 19.99
C ALA D 268 -33.65 -26.47 21.23
N TYR D 269 -34.31 -26.77 22.35
CA TYR D 269 -33.96 -26.12 23.61
C TYR D 269 -32.53 -26.41 24.01
N LEU D 270 -32.10 -27.67 23.88
CA LEU D 270 -30.74 -28.04 24.21
C LEU D 270 -29.74 -27.37 23.27
N VAL D 271 -30.07 -27.30 21.98
CA VAL D 271 -29.20 -26.60 21.03
C VAL D 271 -29.02 -25.15 21.45
N GLU D 272 -30.13 -24.48 21.78
CA GLU D 272 -30.07 -23.07 22.18
C GLU D 272 -29.27 -22.90 23.48
N ALA D 273 -29.45 -23.82 24.43
CA ALA D 273 -28.73 -23.73 25.69
C ALA D 273 -27.23 -23.85 25.48
N ALA D 274 -26.80 -24.79 24.63
CA ALA D 274 -25.38 -24.95 24.34
C ALA D 274 -24.81 -23.71 23.65
N ASP D 275 -25.53 -23.18 22.67
CA ASP D 275 -25.08 -21.96 21.99
C ASP D 275 -24.87 -20.82 22.98
N ASP D 276 -25.86 -20.62 23.86
CA ASP D 276 -25.81 -19.52 24.81
C ASP D 276 -24.65 -19.67 25.78
N ILE D 277 -24.50 -20.87 26.38
CA ILE D 277 -23.42 -21.11 27.32
C ILE D 277 -22.08 -20.79 26.67
N CYS D 278 -21.86 -21.36 25.48
CA CYS D 278 -20.55 -21.23 24.85
C CYS D 278 -20.23 -19.77 24.57
N TYR D 279 -21.13 -19.05 23.89
CA TYR D 279 -20.74 -17.71 23.50
C TYR D 279 -20.65 -16.78 24.72
N THR D 280 -21.53 -16.96 25.72
CA THR D 280 -21.47 -16.12 26.90
C THR D 280 -20.14 -16.25 27.63
N ILE D 281 -19.64 -17.48 27.82
CA ILE D 281 -18.38 -17.61 28.55
C ILE D 281 -17.17 -17.24 27.68
N ILE D 282 -17.15 -17.70 26.43
CA ILE D 282 -15.95 -17.52 25.61
C ILE D 282 -15.75 -16.06 25.20
N ASP D 283 -16.83 -15.30 25.08
CA ASP D 283 -16.69 -13.89 24.74
C ASP D 283 -15.93 -13.18 25.86
N PHE D 284 -16.34 -13.45 27.10
CA PHE D 284 -15.69 -12.89 28.27
C PHE D 284 -14.21 -13.27 28.32
N GLU D 285 -13.92 -14.56 28.11
CA GLU D 285 -12.53 -14.99 28.16
C GLU D 285 -11.68 -14.32 27.08
N ASP D 286 -12.23 -14.22 25.86
CA ASP D 286 -11.50 -13.60 24.76
C ASP D 286 -11.28 -12.12 25.01
N GLY D 287 -12.27 -11.43 25.59
CA GLY D 287 -12.06 -10.03 25.94
C GLY D 287 -11.00 -9.84 26.99
N ILE D 288 -10.93 -10.77 27.96
CA ILE D 288 -9.88 -10.69 28.97
C ILE D 288 -8.52 -10.89 28.33
N ASN D 289 -8.38 -11.89 27.45
CA ASN D 289 -7.10 -12.16 26.83
C ASN D 289 -6.64 -11.06 25.88
N LEU D 290 -7.57 -10.28 25.34
CA LEU D 290 -7.21 -9.23 24.39
C LEU D 290 -6.73 -7.95 25.07
N GLY D 291 -6.98 -7.80 26.37
CA GLY D 291 -6.65 -6.58 27.08
C GLY D 291 -7.77 -5.58 27.24
N LEU D 292 -8.99 -5.92 26.81
CA LEU D 292 -10.12 -5.02 26.95
C LEU D 292 -10.83 -5.16 28.29
N ILE D 293 -10.59 -6.22 29.04
CA ILE D 293 -11.18 -6.40 30.36
C ILE D 293 -10.09 -6.71 31.37
N PRO D 294 -10.07 -6.03 32.52
CA PRO D 294 -9.09 -6.39 33.56
C PRO D 294 -9.32 -7.80 34.10
N GLU D 295 -8.21 -8.43 34.51
CA GLU D 295 -8.27 -9.82 34.98
C GLU D 295 -9.04 -9.96 36.28
N GLU D 296 -9.11 -8.91 37.09
CA GLU D 296 -9.78 -9.00 38.38
C GLU D 296 -11.24 -9.41 38.22
N TYR D 297 -11.92 -8.83 37.23
CA TYR D 297 -13.31 -9.19 36.98
C TYR D 297 -13.47 -10.69 36.77
N ALA D 298 -12.44 -11.34 36.22
CA ALA D 298 -12.51 -12.77 35.96
C ALA D 298 -12.86 -13.55 37.21
N LEU D 299 -12.41 -13.08 38.37
CA LEU D 299 -12.76 -13.73 39.64
C LEU D 299 -13.89 -13.03 40.37
N GLU D 300 -14.22 -11.79 39.98
CA GLU D 300 -15.32 -11.09 40.64
C GLU D 300 -16.66 -11.65 40.22
N TYR D 301 -16.79 -12.11 38.98
CA TYR D 301 -18.05 -12.56 38.43
C TYR D 301 -18.18 -14.06 38.28
N MET D 302 -17.08 -14.80 38.39
CA MET D 302 -17.07 -16.21 38.04
C MET D 302 -17.00 -17.12 39.25
N VAL D 303 -16.65 -16.58 40.42
CA VAL D 303 -16.32 -17.42 41.58
C VAL D 303 -17.52 -18.26 41.99
N LYS D 304 -18.71 -17.65 42.04
CA LYS D 304 -19.90 -18.41 42.45
C LYS D 304 -20.17 -19.56 41.49
N LEU D 305 -19.75 -19.43 40.22
CA LEU D 305 -19.91 -20.52 39.28
C LEU D 305 -18.88 -21.62 39.49
N VAL D 306 -17.67 -21.26 39.93
CA VAL D 306 -16.56 -22.19 40.03
C VAL D 306 -16.17 -22.48 41.47
N GLY D 307 -16.81 -21.85 42.45
CA GLY D 307 -16.37 -21.98 43.82
C GLY D 307 -16.55 -23.36 44.41
N GLN D 308 -17.42 -24.18 43.84
CA GLN D 308 -17.72 -25.48 44.41
C GLN D 308 -16.81 -26.59 43.90
N THR D 309 -15.93 -26.31 42.93
CA THR D 309 -15.04 -27.33 42.40
C THR D 309 -13.64 -26.83 42.13
N ILE D 310 -13.31 -25.60 42.46
CA ILE D 310 -12.00 -25.03 42.16
C ILE D 310 -10.97 -25.58 43.13
N ASP D 311 -9.81 -25.98 42.60
CA ASP D 311 -8.66 -26.36 43.42
C ASP D 311 -7.76 -25.15 43.59
N ARG D 312 -7.63 -24.68 44.83
CA ARG D 312 -6.93 -23.42 45.08
C ARG D 312 -5.43 -23.54 44.82
N ASN D 313 -4.83 -24.69 45.16
CA ASN D 313 -3.40 -24.86 44.94
C ASN D 313 -3.06 -24.82 43.46
N LYS D 314 -3.85 -25.51 42.63
CA LYS D 314 -3.62 -25.48 41.20
C LYS D 314 -3.83 -24.09 40.63
N TYR D 315 -4.84 -23.37 41.11
CA TYR D 315 -5.07 -22.01 40.64
C TYR D 315 -3.91 -21.09 40.98
N ASN D 316 -3.38 -21.23 42.20
CA ASN D 316 -2.29 -20.37 42.64
C ASN D 316 -0.95 -20.75 42.01
N ALA D 317 -0.77 -22.00 41.58
CA ALA D 317 0.48 -22.43 40.98
C ALA D 317 0.66 -21.91 39.56
N LEU D 318 -0.41 -21.50 38.89
CA LEU D 318 -0.29 -21.00 37.52
C LEU D 318 0.31 -19.59 37.52
N GLN D 319 0.95 -19.24 36.40
CA GLN D 319 1.75 -18.03 36.34
C GLN D 319 1.42 -17.12 35.16
N GLU D 320 0.34 -17.39 34.43
CA GLU D 320 -0.07 -16.53 33.33
C GLU D 320 -1.58 -16.39 33.34
N THR D 321 -2.05 -15.27 32.78
CA THR D 321 -3.49 -15.00 32.74
C THR D 321 -4.22 -16.05 31.91
N SER D 322 -3.59 -16.50 30.83
CA SER D 322 -4.24 -17.46 29.93
C SER D 322 -4.60 -18.75 30.65
N ASP D 323 -3.67 -19.28 31.45
CA ASP D 323 -3.93 -20.54 32.14
C ASP D 323 -5.08 -20.38 33.14
N ARG D 324 -5.09 -19.28 33.89
CA ARG D 324 -6.13 -19.07 34.89
C ARG D 324 -7.50 -18.93 34.24
N VAL D 325 -7.59 -18.13 33.18
CA VAL D 325 -8.89 -17.96 32.53
C VAL D 325 -9.35 -19.25 31.87
N SER D 326 -8.43 -20.04 31.32
CA SER D 326 -8.84 -21.33 30.75
C SER D 326 -9.39 -22.27 31.81
N TYR D 327 -8.73 -22.33 32.96
CA TYR D 327 -9.21 -23.15 34.07
C TYR D 327 -10.61 -22.72 34.49
N LEU D 328 -10.81 -21.42 34.68
CA LEU D 328 -12.11 -20.92 35.08
C LEU D 328 -13.18 -21.23 34.04
N ARG D 329 -12.83 -21.09 32.76
CA ARG D 329 -13.77 -21.37 31.68
C ARG D 329 -14.22 -22.83 31.70
N ALA D 330 -13.27 -23.76 31.87
CA ALA D 330 -13.63 -25.18 31.92
C ALA D 330 -14.57 -25.47 33.08
N LEU D 331 -14.25 -24.96 34.27
CA LEU D 331 -15.10 -25.24 35.43
C LEU D 331 -16.50 -24.66 35.23
N ALA D 332 -16.59 -23.43 34.73
CA ALA D 332 -17.89 -22.81 34.52
C ALA D 332 -18.73 -23.57 33.50
N ILE D 333 -18.12 -24.03 32.41
CA ILE D 333 -18.87 -24.77 31.41
C ILE D 333 -19.43 -26.05 32.01
N GLY D 334 -18.62 -26.77 32.80
CA GLY D 334 -19.13 -27.97 33.44
C GLY D 334 -20.33 -27.71 34.33
N THR D 335 -20.22 -26.69 35.19
CA THR D 335 -21.32 -26.37 36.11
C THR D 335 -22.59 -26.01 35.35
N LEU D 336 -22.48 -25.17 34.33
CA LEU D 336 -23.66 -24.74 33.59
C LEU D 336 -24.30 -25.91 32.84
N ILE D 337 -23.48 -26.82 32.31
CA ILE D 337 -24.03 -27.99 31.62
C ILE D 337 -24.87 -28.82 32.58
N ASN D 338 -24.34 -29.08 33.77
CA ASN D 338 -25.09 -29.89 34.74
C ASN D 338 -26.41 -29.21 35.12
N GLU D 339 -26.35 -27.89 35.37
CA GLU D 339 -27.56 -27.18 35.76
C GLU D 339 -28.60 -27.20 34.64
N SER D 340 -28.15 -27.06 33.39
CA SER D 340 -29.09 -27.10 32.26
C SER D 340 -29.75 -28.45 32.13
N VAL D 341 -29.00 -29.53 32.35
CA VAL D 341 -29.61 -30.86 32.29
C VAL D 341 -30.69 -31.00 33.36
N ASP D 342 -30.38 -30.55 34.59
CA ASP D 342 -31.37 -30.63 35.66
C ASP D 342 -32.62 -29.84 35.33
N THR D 343 -32.45 -28.62 34.82
CA THR D 343 -33.60 -27.77 34.48
C THR D 343 -34.45 -28.42 33.39
N PHE D 344 -33.81 -28.98 32.36
CA PHE D 344 -34.57 -29.63 31.31
C PHE D 344 -35.38 -30.80 31.85
N MET D 345 -34.75 -31.63 32.69
CA MET D 345 -35.48 -32.77 33.21
C MET D 345 -36.61 -32.36 34.15
N LYS D 346 -36.51 -31.17 34.77
CA LYS D 346 -37.59 -30.72 35.64
C LYS D 346 -38.86 -30.40 34.86
N TYR D 347 -38.75 -29.62 33.78
CA TYR D 347 -39.91 -29.11 33.04
C TYR D 347 -40.19 -29.91 31.78
N GLU D 348 -39.96 -31.22 31.81
CA GLU D 348 -40.06 -32.01 30.58
C GLU D 348 -41.49 -32.05 30.05
N GLU D 349 -42.46 -32.25 30.93
CA GLU D 349 -43.85 -32.41 30.49
C GLU D 349 -44.37 -31.14 29.83
N GLU D 350 -44.02 -29.98 30.38
CA GLU D 350 -44.46 -28.71 29.80
C GLU D 350 -43.82 -28.49 28.43
N ILE D 351 -42.55 -28.86 28.26
CA ILE D 351 -41.90 -28.73 26.97
C ILE D 351 -42.55 -29.66 25.94
N LEU D 352 -42.86 -30.89 26.35
CA LEU D 352 -43.54 -31.81 25.43
C LEU D 352 -44.93 -31.29 25.07
N ALA D 353 -45.64 -30.69 26.03
CA ALA D 353 -46.97 -30.17 25.76
C ALA D 353 -46.94 -28.88 24.94
N GLY D 354 -45.85 -28.12 25.02
CA GLY D 354 -45.73 -26.88 24.28
C GLY D 354 -45.97 -25.62 25.07
N THR D 355 -46.19 -25.72 26.38
CA THR D 355 -46.54 -24.56 27.19
C THR D 355 -45.32 -23.83 27.75
N PHE D 356 -44.12 -24.37 27.60
CA PHE D 356 -42.94 -23.69 28.11
C PHE D 356 -42.67 -22.43 27.29
N ASP D 357 -42.36 -21.33 27.97
CA ASP D 357 -42.27 -20.02 27.33
C ASP D 357 -40.91 -19.37 27.44
N GLN D 358 -39.99 -19.90 28.23
CA GLN D 358 -38.67 -19.32 28.41
C GLN D 358 -37.62 -20.31 27.92
N SER D 359 -36.36 -19.88 27.96
CA SER D 359 -35.25 -20.77 27.68
C SER D 359 -34.79 -21.44 28.98
N LEU D 360 -34.03 -22.52 28.82
CA LEU D 360 -33.52 -23.23 29.98
C LEU D 360 -32.54 -22.39 30.79
N ILE D 361 -31.96 -21.35 30.19
CA ILE D 361 -30.98 -20.54 30.88
C ILE D 361 -31.62 -19.49 31.78
N ASP D 362 -32.88 -19.13 31.53
CA ASP D 362 -33.56 -18.16 32.37
C ASP D 362 -34.12 -18.78 33.64
N LYS D 363 -34.19 -20.10 33.72
CA LYS D 363 -34.60 -20.80 34.93
C LYS D 363 -33.39 -21.25 35.75
N SER D 364 -32.31 -20.48 35.72
CA SER D 364 -31.06 -20.83 36.37
C SER D 364 -30.84 -20.00 37.63
N ASN D 365 -29.97 -20.49 38.50
CA ASN D 365 -29.64 -19.84 39.75
C ASN D 365 -28.55 -18.79 39.60
N TYR D 366 -27.86 -18.74 38.46
CA TYR D 366 -26.77 -17.82 38.24
C TYR D 366 -27.13 -16.80 37.16
N GLN D 367 -28.39 -16.40 37.12
CA GLN D 367 -28.84 -15.43 36.11
C GLN D 367 -28.19 -14.07 36.32
N ALA D 368 -28.01 -13.64 37.57
CA ALA D 368 -27.39 -12.35 37.83
C ALA D 368 -25.95 -12.30 37.32
N GLN D 369 -25.19 -13.38 37.54
CA GLN D 369 -23.81 -13.42 37.08
C GLN D 369 -23.75 -13.39 35.55
N ILE D 370 -24.60 -14.16 34.89
CA ILE D 370 -24.65 -14.15 33.42
C ILE D 370 -25.02 -12.77 32.91
N THR D 371 -25.99 -12.12 33.55
CA THR D 371 -26.39 -10.78 33.13
C THR D 371 -25.25 -9.79 33.29
N ASP D 372 -24.51 -9.87 34.40
CA ASP D 372 -23.37 -8.98 34.61
C ASP D 372 -22.29 -9.21 33.55
N ILE D 373 -22.00 -10.48 33.25
CA ILE D 373 -20.99 -10.80 32.24
C ILE D 373 -21.41 -10.24 30.88
N ILE D 374 -22.67 -10.42 30.51
CA ILE D 374 -23.15 -9.94 29.22
C ILE D 374 -23.09 -8.42 29.15
N ASN D 375 -23.50 -7.74 30.23
CA ASN D 375 -23.47 -6.28 30.23
C ASN D 375 -22.05 -5.76 30.10
N LEU D 376 -21.11 -6.38 30.81
CA LEU D 376 -19.71 -5.98 30.69
C LEU D 376 -19.19 -6.20 29.27
N SER D 377 -19.57 -7.33 28.65
CA SER D 377 -19.15 -7.59 27.28
C SER D 377 -19.71 -6.54 26.32
N ILE D 378 -20.97 -6.14 26.51
CA ILE D 378 -21.55 -5.12 25.66
C ILE D 378 -20.82 -3.79 25.84
N GLU D 379 -20.53 -3.41 27.08
CA GLU D 379 -19.87 -2.14 27.34
C GLU D 379 -18.45 -2.12 26.79
N ARG D 380 -17.72 -3.22 26.90
CA ARG D 380 -16.29 -3.22 26.63
C ARG D 380 -15.92 -3.72 25.24
N ILE D 381 -16.58 -4.76 24.73
CA ILE D 381 -16.16 -5.41 23.49
C ILE D 381 -16.99 -4.95 22.30
N TYR D 382 -18.31 -4.97 22.42
CA TYR D 382 -19.16 -4.66 21.27
C TYR D 382 -19.03 -3.19 20.87
N ASN D 383 -18.73 -2.32 21.81
CA ASN D 383 -18.66 -0.89 21.56
C ASN D 383 -17.23 -0.36 21.54
N SER D 384 -16.25 -1.23 21.39
CA SER D 384 -14.87 -0.78 21.25
C SER D 384 -14.66 -0.14 19.88
N ARG D 385 -13.64 0.72 19.78
CA ARG D 385 -13.47 1.55 18.59
C ARG D 385 -13.22 0.70 17.34
N GLU D 386 -12.34 -0.30 17.45
CA GLU D 386 -12.00 -1.11 16.28
C GLU D 386 -13.22 -1.84 15.74
N VAL D 387 -14.03 -2.41 16.63
CA VAL D 387 -15.22 -3.13 16.21
C VAL D 387 -16.17 -2.22 15.46
N ILE D 388 -16.36 -1.00 15.97
CA ILE D 388 -17.25 -0.04 15.30
C ILE D 388 -16.70 0.31 13.93
N GLU D 389 -15.39 0.51 13.81
CA GLU D 389 -14.79 0.82 12.52
C GLU D 389 -15.08 -0.29 11.50
N LYS D 390 -14.86 -1.54 11.90
CA LYS D 390 -15.10 -2.64 10.98
C LYS D 390 -16.57 -2.74 10.58
N GLU D 391 -17.49 -2.53 11.53
CA GLU D 391 -18.90 -2.59 11.18
C GLU D 391 -19.28 -1.49 10.19
N ILE D 392 -18.76 -0.28 10.40
CA ILE D 392 -19.06 0.82 9.49
C ILE D 392 -18.56 0.50 8.09
N ALA D 393 -17.37 -0.08 7.98
CA ALA D 393 -16.87 -0.46 6.65
C ALA D 393 -17.74 -1.54 6.02
N GLY D 394 -18.19 -2.51 6.81
CA GLY D 394 -19.00 -3.60 6.27
C GLY D 394 -20.32 -3.12 5.70
N TYR D 395 -20.91 -2.11 6.34
CA TYR D 395 -22.15 -1.53 5.80
C TYR D 395 -21.96 -1.08 4.34
N GLU D 396 -20.91 -0.30 4.08
CA GLU D 396 -20.65 0.19 2.74
C GLU D 396 -20.36 -0.95 1.76
N ILE D 397 -19.57 -1.93 2.19
CA ILE D 397 -19.22 -3.04 1.29
C ILE D 397 -20.49 -3.79 0.85
N LEU D 398 -21.33 -4.16 1.82
CA LEU D 398 -22.53 -4.93 1.50
C LEU D 398 -23.49 -4.12 0.63
N SER D 399 -23.65 -2.83 0.93
CA SER D 399 -24.56 -2.01 0.13
C SER D 399 -24.09 -1.93 -1.33
N THR D 400 -22.78 -1.73 -1.54
CA THR D 400 -22.27 -1.63 -2.91
C THR D 400 -22.51 -2.93 -3.69
N LEU D 401 -22.18 -4.06 -3.07
CA LEU D 401 -22.34 -5.34 -3.78
C LEU D 401 -23.81 -5.62 -4.10
N LEU D 402 -24.70 -5.38 -3.14
CA LEU D 402 -26.11 -5.62 -3.38
C LEU D 402 -26.66 -4.72 -4.48
N GLU D 403 -26.27 -3.44 -4.48
CA GLU D 403 -26.76 -2.53 -5.51
C GLU D 403 -26.29 -2.95 -6.90
N ALA D 404 -25.03 -3.38 -7.01
CA ALA D 404 -24.54 -3.85 -8.31
C ALA D 404 -25.35 -5.05 -8.80
N ARG D 405 -25.58 -6.03 -7.91
CA ARG D 405 -26.35 -7.21 -8.32
C ARG D 405 -27.76 -6.84 -8.74
N CYS D 406 -28.43 -5.97 -7.97
CA CYS D 406 -29.81 -5.61 -8.28
C CYS D 406 -29.90 -4.85 -9.60
N ARG D 407 -28.98 -3.91 -9.85
CA ARG D 407 -29.00 -3.16 -11.10
C ARG D 407 -28.73 -4.07 -12.29
N ALA D 408 -27.82 -5.03 -12.15
CA ALA D 408 -27.63 -5.99 -13.21
C ALA D 408 -28.89 -6.83 -13.43
N LEU D 409 -29.64 -7.10 -12.36
CA LEU D 409 -30.89 -7.84 -12.51
C LEU D 409 -31.93 -7.04 -13.29
N ASP D 410 -32.04 -5.74 -13.02
CA ASP D 410 -33.09 -4.94 -13.64
C ASP D 410 -32.91 -4.87 -15.16
N ASN D 411 -31.71 -4.49 -15.60
CA ASN D 411 -31.39 -4.39 -17.02
C ASN D 411 -30.29 -5.39 -17.36
N ASN D 412 -30.54 -6.24 -18.34
CA ASN D 412 -29.60 -7.30 -18.71
C ASN D 412 -29.10 -7.16 -20.14
N ASP D 413 -29.31 -6.02 -20.78
CA ASP D 413 -28.88 -5.82 -22.16
C ASP D 413 -27.58 -5.03 -22.27
N THR D 414 -27.22 -4.26 -21.26
CA THR D 414 -26.01 -3.44 -21.33
C THR D 414 -24.76 -4.30 -21.21
N HIS D 415 -23.66 -3.75 -21.72
CA HIS D 415 -22.37 -4.42 -21.63
C HIS D 415 -21.88 -4.52 -20.18
N TYR D 416 -22.10 -3.46 -19.41
CA TYR D 416 -21.64 -3.44 -18.03
C TYR D 416 -22.36 -4.48 -17.19
N ASN D 417 -23.66 -4.65 -17.40
CA ASN D 417 -24.41 -5.65 -16.64
C ASN D 417 -23.99 -7.06 -17.01
N GLN D 418 -23.66 -7.31 -18.28
CA GLN D 418 -23.09 -8.59 -18.67
C GLN D 418 -21.76 -8.85 -17.98
N LEU D 419 -20.91 -7.83 -17.88
CA LEU D 419 -19.65 -7.98 -17.15
C LEU D 419 -19.90 -8.31 -15.68
N ILE D 420 -20.86 -7.61 -15.07
CA ILE D 420 -21.17 -7.84 -13.65
C ILE D 420 -21.66 -9.27 -13.45
N GLN D 421 -22.52 -9.74 -14.35
CA GLN D 421 -23.01 -11.11 -14.24
C GLN D 421 -21.87 -12.11 -14.40
N GLN D 422 -20.95 -11.86 -15.34
CA GLN D 422 -19.83 -12.77 -15.52
C GLN D 422 -18.92 -12.81 -14.31
N LEU D 423 -18.71 -11.66 -13.65
CA LEU D 423 -17.81 -11.64 -12.50
C LEU D 423 -18.47 -12.25 -11.27
N LEU D 424 -19.67 -11.80 -10.91
CA LEU D 424 -20.22 -12.12 -9.60
C LEU D 424 -21.05 -13.40 -9.60
N ALA D 425 -21.94 -13.57 -10.57
CA ALA D 425 -22.87 -14.70 -10.61
C ALA D 425 -22.82 -15.40 -11.96
N PRO D 426 -21.84 -16.28 -12.17
CA PRO D 426 -21.82 -17.11 -13.40
C PRO D 426 -22.67 -18.37 -13.26
N GLU D 431 -35.12 -18.31 -15.82
CA GLU D 431 -36.55 -18.55 -15.57
C GLU D 431 -36.81 -18.59 -14.07
N LYS D 432 -37.24 -17.46 -13.52
CA LYS D 432 -37.60 -17.36 -12.12
C LYS D 432 -38.42 -16.10 -11.92
N SER D 433 -39.13 -16.04 -10.80
CA SER D 433 -39.91 -14.86 -10.44
C SER D 433 -39.00 -13.79 -9.84
N LEU D 434 -39.57 -12.61 -9.60
CA LEU D 434 -38.80 -11.53 -9.00
C LEU D 434 -38.38 -11.87 -7.58
N TYR D 435 -39.28 -12.45 -6.79
CA TYR D 435 -38.97 -12.80 -5.41
C TYR D 435 -37.86 -13.85 -5.36
N GLU D 436 -37.93 -14.85 -6.23
CA GLU D 436 -36.89 -15.87 -6.27
C GLU D 436 -35.54 -15.28 -6.64
N ASN D 437 -35.51 -14.35 -7.60
CA ASN D 437 -34.25 -13.71 -7.98
C ASN D 437 -33.67 -12.88 -6.85
N LEU D 438 -34.52 -12.12 -6.13
CA LEU D 438 -34.03 -11.32 -5.02
C LEU D 438 -33.50 -12.21 -3.89
N ILE D 439 -34.19 -13.30 -3.60
CA ILE D 439 -33.71 -14.23 -2.59
C ILE D 439 -32.39 -14.85 -3.01
N GLN D 440 -32.25 -15.19 -4.29
CA GLN D 440 -30.99 -15.74 -4.78
C GLN D 440 -29.85 -14.74 -4.64
N ILE D 441 -30.11 -13.47 -4.91
CA ILE D 441 -29.08 -12.45 -4.75
C ILE D 441 -28.65 -12.34 -3.29
N CYS D 442 -29.62 -12.30 -2.38
CA CYS D 442 -29.29 -12.23 -0.96
C CYS D 442 -28.48 -13.45 -0.53
N ALA D 443 -28.84 -14.63 -1.03
CA ALA D 443 -28.11 -15.84 -0.67
C ALA D 443 -26.69 -15.82 -1.22
N GLU D 444 -26.51 -15.36 -2.45
CA GLU D 444 -25.18 -15.37 -3.05
C GLU D 444 -24.25 -14.35 -2.39
N VAL D 445 -24.79 -13.24 -1.90
CA VAL D 445 -23.95 -12.30 -1.15
C VAL D 445 -23.52 -12.90 0.18
N SER D 446 -24.39 -13.69 0.81
CA SER D 446 -24.12 -14.20 2.16
C SER D 446 -23.21 -15.42 2.18
N THR D 447 -22.85 -15.99 1.04
CA THR D 447 -21.91 -17.10 1.03
C THR D 447 -20.45 -16.64 1.02
N MET D 448 -20.21 -15.35 0.87
CA MET D 448 -18.86 -14.84 0.80
C MET D 448 -18.25 -14.68 2.19
N THR D 449 -16.94 -14.83 2.26
CA THR D 449 -16.20 -14.49 3.46
C THR D 449 -15.97 -12.99 3.53
N ASP D 450 -15.44 -12.54 4.66
CA ASP D 450 -15.12 -11.12 4.80
C ASP D 450 -14.03 -10.71 3.81
N GLY D 451 -13.00 -11.54 3.66
CA GLY D 451 -11.93 -11.21 2.74
C GLY D 451 -12.37 -11.20 1.29
N LYS D 452 -13.17 -12.19 0.90
CA LYS D 452 -13.67 -12.22 -0.48
C LYS D 452 -14.56 -11.01 -0.77
N ALA D 453 -15.42 -10.67 0.19
CA ALA D 453 -16.29 -9.51 0.01
C ALA D 453 -15.47 -8.23 -0.13
N LEU D 454 -14.45 -8.05 0.72
CA LEU D 454 -13.62 -6.86 0.63
C LEU D 454 -12.85 -6.81 -0.68
N ARG D 455 -12.30 -7.94 -1.12
CA ARG D 455 -11.56 -7.98 -2.37
C ARG D 455 -12.46 -7.65 -3.57
N ASN D 456 -13.67 -8.21 -3.58
CA ASN D 456 -14.60 -7.91 -4.66
C ASN D 456 -15.02 -6.44 -4.64
N TYR D 457 -15.22 -5.87 -3.44
CA TYR D 457 -15.56 -4.46 -3.35
C TYR D 457 -14.44 -3.59 -3.90
N LYS D 458 -13.20 -3.91 -3.58
CA LYS D 458 -12.08 -3.15 -4.12
C LYS D 458 -11.99 -3.31 -5.63
N LYS D 459 -12.25 -4.51 -6.14
CA LYS D 459 -12.18 -4.74 -7.58
C LYS D 459 -13.26 -3.95 -8.33
N ILE D 460 -14.46 -3.87 -7.75
CA ILE D 460 -15.53 -3.11 -8.38
C ILE D 460 -15.14 -1.64 -8.51
N LYS D 461 -14.49 -1.09 -7.49
CA LYS D 461 -14.06 0.31 -7.50
C LYS D 461 -12.67 0.51 -8.08
N GLY D 462 -12.00 -0.54 -8.53
CA GLY D 462 -10.69 -0.40 -9.15
C GLY D 462 -9.58 0.08 -8.25
N LEU D 463 -9.49 -0.45 -7.04
CA LEU D 463 -8.43 -0.09 -6.12
C LEU D 463 -7.65 -1.31 -5.65
N ASN E 25 29.82 34.97 42.41
CA ASN E 25 29.36 36.33 42.22
C ASN E 25 28.32 36.43 41.12
N TRP E 26 27.17 37.01 41.43
CA TRP E 26 26.06 37.07 40.49
C TRP E 26 26.30 38.08 39.37
N GLU E 27 27.18 39.05 39.58
CA GLU E 27 27.44 40.04 38.55
C GLU E 27 28.13 39.41 37.34
N HIS E 28 28.85 38.30 37.55
CA HIS E 28 29.53 37.62 36.45
C HIS E 28 28.70 36.49 35.86
N LEU E 29 27.69 36.00 36.57
CA LEU E 29 26.86 34.93 36.06
C LEU E 29 25.86 35.44 35.03
N LEU E 30 25.44 36.70 35.13
CA LEU E 30 24.48 37.29 34.22
C LEU E 30 25.18 38.11 33.13
N SER E 31 25.98 37.41 32.33
CA SER E 31 26.83 38.05 31.33
C SER E 31 26.08 38.22 30.02
N LEU E 32 26.38 39.31 29.32
CA LEU E 32 25.74 39.64 28.05
C LEU E 32 26.69 39.50 26.87
N LYS E 33 27.80 38.79 27.04
CA LYS E 33 28.78 38.69 25.98
C LYS E 33 28.28 37.77 24.87
N ARG E 34 28.77 38.03 23.66
CA ARG E 34 28.48 37.20 22.51
C ARG E 34 29.79 36.84 21.83
N GLN E 35 29.76 35.74 21.08
CA GLN E 35 30.98 35.20 20.49
C GLN E 35 31.58 36.20 19.51
N GLY E 36 32.88 36.47 19.67
CA GLY E 36 33.58 37.41 18.83
C GLY E 36 33.33 38.87 19.20
N ASP E 37 33.46 39.19 20.48
CA ASP E 37 33.25 40.54 20.96
C ASP E 37 34.47 41.02 21.73
N THR E 38 34.79 42.30 21.58
CA THR E 38 35.94 42.90 22.23
C THR E 38 35.59 44.00 23.23
N ALA E 39 34.42 44.62 23.11
CA ALA E 39 33.97 45.64 24.04
C ALA E 39 32.90 45.07 24.95
N LYS E 40 33.07 45.24 26.25
CA LYS E 40 32.18 44.62 27.22
C LYS E 40 30.82 45.32 27.23
N ARG E 41 29.77 44.57 26.94
CA ARG E 41 28.41 45.09 27.00
C ARG E 41 27.96 45.25 28.45
N LEU E 42 27.25 46.34 28.71
CA LEU E 42 26.79 46.64 30.06
C LEU E 42 25.27 46.69 30.09
N ARG E 43 24.71 46.34 31.25
CA ARG E 43 23.26 46.31 31.39
C ARG E 43 22.64 47.70 31.37
N ILE E 44 23.36 48.70 31.90
CA ILE E 44 22.84 50.07 31.91
C ILE E 44 22.69 50.60 30.48
N GLU E 45 23.60 50.22 29.59
CA GLU E 45 23.62 50.72 28.22
C GLU E 45 22.76 49.92 27.27
N GLN E 46 21.74 49.22 27.78
CA GLN E 46 20.85 48.45 26.92
C GLN E 46 19.52 49.15 26.72
N LEU E 51 16.54 44.28 24.25
CA LEU E 51 17.27 43.65 25.35
C LEU E 51 17.94 42.36 24.88
N GLY E 52 19.09 42.05 25.48
CA GLY E 52 19.89 40.94 24.99
C GLY E 52 19.25 39.59 25.18
N PHE E 53 18.54 39.39 26.30
CA PHE E 53 18.03 38.08 26.64
C PHE E 53 16.72 37.73 25.93
N GLU E 54 16.11 38.67 25.21
CA GLU E 54 14.91 38.39 24.42
C GLU E 54 15.22 38.09 22.97
N VAL E 55 16.29 38.68 22.44
CA VAL E 55 16.74 38.35 21.10
C VAL E 55 17.11 36.88 21.00
N ASP E 56 17.54 36.27 22.12
CA ASP E 56 17.82 34.84 22.12
C ASP E 56 16.56 34.03 21.84
N TYR E 57 15.47 34.39 22.51
CA TYR E 57 14.18 33.73 22.28
C TYR E 57 13.76 33.90 20.82
N ASP E 58 13.85 35.13 20.31
CA ASP E 58 13.43 35.37 18.93
C ASP E 58 14.29 34.58 17.94
N ARG E 59 15.61 34.54 18.16
CA ARG E 59 16.50 33.85 17.24
C ARG E 59 16.27 32.34 17.25
N ILE E 60 15.99 31.78 18.42
CA ILE E 60 15.69 30.35 18.48
C ILE E 60 14.37 30.06 17.78
N ILE E 61 13.39 30.97 17.90
CA ILE E 61 12.07 30.70 17.31
C ILE E 61 12.17 30.61 15.79
N PHE E 62 13.00 31.44 15.17
CA PHE E 62 13.05 31.56 13.72
C PHE E 62 14.04 30.61 13.04
N SER E 63 14.68 29.72 13.78
CA SER E 63 15.73 28.88 13.22
C SER E 63 15.19 27.52 12.77
N ALA E 64 15.85 26.96 11.76
CA ALA E 64 15.46 25.64 11.25
C ALA E 64 15.59 24.51 12.27
N PRO E 65 16.66 24.42 13.07
CA PRO E 65 16.71 23.34 14.08
C PRO E 65 15.53 23.32 15.03
N PHE E 66 15.03 24.49 15.43
CA PHE E 66 13.85 24.53 16.28
C PHE E 66 12.62 24.04 15.52
N ARG E 67 12.53 24.38 14.24
CA ARG E 67 11.38 23.96 13.44
C ARG E 67 11.38 22.45 13.18
N SER E 68 12.55 21.81 13.19
CA SER E 68 12.59 20.38 12.98
C SER E 68 12.04 19.59 14.17
N LEU E 69 11.76 20.25 15.29
CA LEU E 69 11.27 19.58 16.49
C LEU E 69 9.81 19.18 16.42
N GLN E 70 9.08 19.60 15.38
CA GLN E 70 7.65 19.31 15.34
C GLN E 70 7.35 17.85 15.08
N ASP E 71 8.28 17.12 14.47
CA ASP E 71 8.07 15.71 14.16
C ASP E 71 9.20 14.87 14.74
N LYS E 72 9.53 15.09 16.00
CA LYS E 72 10.50 14.28 16.71
C LYS E 72 9.85 13.67 17.94
N THR E 73 10.28 12.46 18.27
CA THR E 73 9.62 11.67 19.31
C THR E 73 9.85 12.28 20.68
N GLN E 74 8.80 12.36 21.50
CA GLN E 74 8.87 12.69 22.91
C GLN E 74 8.80 11.34 23.68
N VAL E 75 7.69 10.60 23.58
CA VAL E 75 7.55 9.27 24.18
C VAL E 75 7.13 8.26 23.13
N ILE E 76 6.08 8.56 22.38
CA ILE E 76 5.49 7.64 21.41
C ILE E 76 6.02 8.03 20.03
N PRO E 77 6.82 7.18 19.38
CA PRO E 77 7.30 7.51 18.03
C PRO E 77 6.17 7.46 17.01
N LEU E 78 6.33 8.25 15.95
CA LEU E 78 5.37 8.31 14.85
C LEU E 78 3.95 8.59 15.38
N SER E 79 3.81 9.78 15.95
CA SER E 79 2.67 10.15 16.77
C SER E 79 1.32 9.97 16.07
N LYS E 80 1.30 9.82 14.75
CA LYS E 80 0.07 9.61 13.99
C LYS E 80 -0.88 10.80 14.11
N THR E 81 -0.32 12.00 14.29
CA THR E 81 -1.10 13.24 14.35
C THR E 81 -2.20 13.17 15.40
N ASP E 82 -1.88 12.61 16.55
CA ASP E 82 -2.83 12.45 17.64
C ASP E 82 -2.72 13.64 18.59
N PHE E 83 -3.34 13.54 19.76
CA PHE E 83 -3.29 14.58 20.78
C PHE E 83 -2.06 14.49 21.66
N VAL E 84 -1.21 13.47 21.47
CA VAL E 84 -0.03 13.28 22.29
C VAL E 84 1.02 14.33 21.94
N HIS E 85 2.03 14.47 22.79
CA HIS E 85 3.01 15.53 22.66
C HIS E 85 4.13 15.14 21.71
N THR E 86 4.77 16.16 21.14
CA THR E 86 6.01 16.05 20.42
C THR E 86 7.09 16.81 21.18
N ARG E 87 8.29 16.87 20.60
CA ARG E 87 9.37 17.62 21.25
C ARG E 87 9.06 19.10 21.30
N LEU E 88 8.42 19.64 20.25
CA LEU E 88 8.18 21.07 20.17
C LEU E 88 7.21 21.55 21.24
N THR E 89 6.06 20.87 21.38
CA THR E 89 5.09 21.28 22.38
C THR E 89 5.62 21.07 23.79
N HIS E 90 6.38 20.00 24.02
CA HIS E 90 7.04 19.80 25.30
C HIS E 90 8.00 20.94 25.61
N SER E 91 8.76 21.39 24.62
CA SER E 91 9.68 22.50 24.85
C SER E 91 8.94 23.78 25.16
N LEU E 92 7.80 24.01 24.51
CA LEU E 92 7.01 25.20 24.79
C LEU E 92 6.49 25.21 26.23
N GLU E 93 5.96 24.07 26.69
CA GLU E 93 5.47 24.01 28.06
C GLU E 93 6.61 24.19 29.07
N VAL E 94 7.75 23.57 28.80
CA VAL E 94 8.91 23.75 29.67
C VAL E 94 9.32 25.22 29.71
N SER E 95 9.21 25.91 28.58
CA SER E 95 9.56 27.33 28.54
C SER E 95 8.62 28.18 29.39
N VAL E 96 7.32 27.88 29.35
CA VAL E 96 6.37 28.65 30.17
C VAL E 96 6.66 28.43 31.66
N VAL E 97 6.83 27.17 32.05
CA VAL E 97 7.10 26.86 33.45
C VAL E 97 8.44 27.48 33.89
N GLY E 98 9.43 27.47 32.99
CA GLY E 98 10.71 28.07 33.33
C GLY E 98 10.63 29.58 33.49
N ARG E 99 9.82 30.25 32.66
CA ARG E 99 9.63 31.67 32.83
C ARG E 99 9.03 31.99 34.19
N SER E 100 8.03 31.20 34.61
CA SER E 100 7.44 31.43 35.92
C SER E 100 8.46 31.24 37.04
N LEU E 101 9.21 30.12 37.00
CA LEU E 101 10.21 29.86 38.04
C LEU E 101 11.25 30.96 38.09
N GLY E 102 11.74 31.38 36.92
CA GLY E 102 12.77 32.40 36.88
C GLY E 102 12.28 33.74 37.40
N ARG E 103 11.04 34.10 37.08
CA ARG E 103 10.49 35.36 37.59
C ARG E 103 10.43 35.36 39.12
N MET E 104 9.92 34.27 39.70
CA MET E 104 9.81 34.21 41.16
C MET E 104 11.19 34.24 41.82
N VAL E 105 12.13 33.45 41.31
CA VAL E 105 13.46 33.38 41.89
C VAL E 105 14.17 34.73 41.74
N GLY E 106 13.97 35.40 40.61
CA GLY E 106 14.59 36.70 40.42
C GLY E 106 14.05 37.75 41.36
N LYS E 107 12.74 37.72 41.63
CA LYS E 107 12.16 38.61 42.63
C LYS E 107 12.84 38.40 43.99
N LYS E 108 12.93 37.14 44.41
CA LYS E 108 13.52 36.88 45.72
C LYS E 108 15.01 37.24 45.77
N LEU E 109 15.73 36.97 44.69
CA LEU E 109 17.15 37.31 44.63
C LEU E 109 17.37 38.81 44.70
N LEU E 110 16.60 39.57 43.92
CA LEU E 110 16.72 41.02 43.99
C LEU E 110 16.34 41.55 45.36
N GLU E 111 15.42 40.87 46.06
CA GLU E 111 15.16 41.24 47.44
C GLU E 111 16.38 40.99 48.31
N LYS E 112 17.10 39.89 48.07
CA LYS E 112 18.21 39.53 48.95
C LYS E 112 19.44 40.41 48.72
N TYR E 113 19.78 40.69 47.46
CA TYR E 113 20.95 41.49 47.12
C TYR E 113 20.49 42.79 46.46
N PRO E 114 20.26 43.86 47.23
CA PRO E 114 19.77 45.11 46.61
C PRO E 114 20.70 45.69 45.57
N HIS E 115 22.02 45.57 45.77
CA HIS E 115 22.98 46.22 44.87
C HIS E 115 22.90 45.66 43.46
N LEU E 116 22.30 44.49 43.27
CA LEU E 116 22.12 43.96 41.93
C LEU E 116 21.21 44.83 41.08
N GLU E 117 20.36 45.65 41.70
CA GLU E 117 19.45 46.53 40.98
C GLU E 117 19.82 47.99 41.07
N GLN E 118 20.31 48.45 42.22
CA GLN E 118 20.58 49.87 42.42
C GLN E 118 21.88 50.34 41.80
N VAL E 119 22.75 49.42 41.36
CA VAL E 119 24.04 49.81 40.79
C VAL E 119 24.15 49.23 39.38
N TYR E 120 24.08 47.91 39.27
CA TYR E 120 24.22 47.26 37.97
C TYR E 120 22.98 47.46 37.08
N GLY E 121 21.80 47.33 37.65
CA GLY E 121 20.58 47.59 36.92
C GLY E 121 19.88 46.37 36.36
N TYR E 122 19.73 45.33 37.17
CA TYR E 122 19.07 44.09 36.76
C TYR E 122 17.66 44.06 37.32
N LYS E 123 16.70 43.71 36.47
CA LYS E 123 15.30 43.58 36.86
C LYS E 123 14.91 42.12 36.90
N PHE E 124 13.75 41.84 37.51
CA PHE E 124 13.34 40.46 37.70
C PHE E 124 12.88 39.79 36.41
N ASN E 125 12.73 40.52 35.32
CA ASN E 125 12.37 39.93 34.04
C ASN E 125 13.57 39.30 33.33
N ASP E 126 14.80 39.73 33.64
CA ASP E 126 15.98 39.17 32.99
C ASP E 126 16.17 37.71 33.34
N PHE E 127 15.95 37.34 34.62
CA PHE E 127 16.04 35.95 35.02
C PHE E 127 15.03 35.10 34.28
N GLY E 128 13.80 35.59 34.17
CA GLY E 128 12.78 34.87 33.43
C GLY E 128 13.14 34.69 31.98
N ALA E 129 13.71 35.73 31.36
CA ALA E 129 14.14 35.63 29.97
C ALA E 129 15.24 34.60 29.80
N ILE E 130 16.23 34.60 30.71
CA ILE E 130 17.33 33.65 30.59
C ILE E 130 16.82 32.22 30.73
N VAL E 131 15.97 31.97 31.73
CA VAL E 131 15.49 30.61 31.97
C VAL E 131 14.55 30.17 30.85
N ALA E 132 13.73 31.08 30.32
CA ALA E 132 12.85 30.74 29.21
C ALA E 132 13.64 30.41 27.95
N ALA E 133 14.65 31.21 27.63
CA ALA E 133 15.47 30.94 26.45
C ALA E 133 16.22 29.62 26.59
N ALA E 134 16.78 29.36 27.77
CA ALA E 134 17.49 28.10 27.98
C ALA E 134 16.56 26.91 27.91
N ALA E 135 15.35 27.04 28.45
CA ALA E 135 14.41 25.93 28.46
C ALA E 135 13.79 25.68 27.09
N LEU E 136 13.68 26.71 26.26
CA LEU E 136 13.19 26.52 24.91
C LEU E 136 14.13 25.68 24.07
N ALA E 137 15.44 25.84 24.27
CA ALA E 137 16.45 25.14 23.48
C ALA E 137 17.05 23.95 24.20
N HIS E 138 16.49 23.54 25.34
CA HIS E 138 17.12 22.53 26.18
C HIS E 138 17.17 21.15 25.52
N ASP E 139 16.46 20.95 24.42
CA ASP E 139 16.19 19.60 23.95
C ASP E 139 16.37 19.52 22.43
N ILE E 140 17.09 20.49 21.87
CA ILE E 140 17.20 20.71 20.42
C ILE E 140 18.15 19.75 19.72
N GLY E 141 19.08 19.14 20.44
CA GLY E 141 20.02 18.22 19.83
C GLY E 141 19.58 16.78 19.77
N ASN E 142 18.34 16.48 20.16
CA ASN E 142 17.89 15.10 20.23
C ASN E 142 17.70 14.52 18.83
N PRO E 143 18.06 13.26 18.63
CA PRO E 143 17.87 12.62 17.33
C PRO E 143 16.45 12.13 17.17
N PRO E 144 16.07 11.68 15.97
CA PRO E 144 14.78 11.00 15.81
C PRO E 144 14.71 9.73 16.65
N PHE E 145 13.48 9.39 17.05
CA PHE E 145 13.11 8.21 17.83
C PHE E 145 13.56 8.28 19.29
N GLY E 146 14.01 9.45 19.75
CA GLY E 146 14.18 9.65 21.19
C GLY E 146 15.38 8.92 21.76
N ALA E 147 15.19 8.36 22.95
CA ALA E 147 16.26 7.68 23.66
C ALA E 147 16.77 6.47 22.88
N SER E 148 15.85 5.70 22.29
CA SER E 148 16.25 4.56 21.48
C SER E 148 17.14 4.98 20.32
N GLY E 149 16.93 6.18 19.77
CA GLY E 149 17.81 6.65 18.72
C GLY E 149 19.23 6.88 19.18
N GLU E 150 19.40 7.50 20.36
CA GLU E 150 20.74 7.67 20.90
C GLU E 150 21.40 6.33 21.17
N LYS E 151 20.64 5.39 21.72
CA LYS E 151 21.20 4.06 21.98
C LYS E 151 21.63 3.38 20.68
N ALA E 152 20.83 3.54 19.62
CA ALA E 152 21.19 2.93 18.34
C ALA E 152 22.46 3.55 17.76
N ILE E 153 22.57 4.89 17.83
CA ILE E 153 23.76 5.55 17.30
C ILE E 153 25.00 5.09 18.06
N GLY E 154 24.87 4.93 19.38
CA GLY E 154 26.00 4.41 20.15
C GLY E 154 26.35 2.97 19.81
N GLU E 155 25.33 2.11 19.71
CA GLU E 155 25.57 0.69 19.43
C GLU E 155 26.17 0.49 18.05
N PHE E 156 25.90 1.39 17.11
CA PHE E 156 26.50 1.28 15.78
C PHE E 156 28.03 1.33 15.86
N PHE E 157 28.57 2.26 16.65
CA PHE E 157 30.01 2.33 16.82
C PHE E 157 30.53 1.26 17.77
N LYS E 158 29.71 0.83 18.73
CA LYS E 158 30.18 -0.13 19.73
C LYS E 158 30.30 -1.53 19.15
N ASN E 159 29.19 -2.09 18.68
CA ASN E 159 29.16 -3.48 18.19
C ASN E 159 28.65 -3.57 16.76
N GLY E 160 29.01 -2.62 15.92
CA GLY E 160 28.56 -2.59 14.54
C GLY E 160 29.71 -2.28 13.60
N TYR E 161 29.37 -1.64 12.49
CA TYR E 161 30.36 -1.30 11.49
C TYR E 161 31.40 -0.34 12.04
N GLY E 162 30.95 0.77 12.63
CA GLY E 162 31.83 1.83 13.10
C GLY E 162 32.94 1.38 14.03
N LYS E 163 32.81 0.16 14.56
CA LYS E 163 33.85 -0.41 15.41
C LYS E 163 35.21 -0.37 14.73
N ARG E 164 35.24 -0.47 13.40
CA ARG E 164 36.52 -0.51 12.70
C ARG E 164 37.35 0.73 12.95
N TYR E 165 36.74 1.84 13.38
CA TYR E 165 37.48 3.07 13.59
C TYR E 165 38.13 3.16 14.96
N LYS E 166 37.95 2.17 15.82
CA LYS E 166 38.41 2.28 17.20
C LYS E 166 39.91 2.54 17.28
N ASP E 167 40.69 1.88 16.43
CA ASP E 167 42.14 2.03 16.48
C ASP E 167 42.63 3.37 15.94
N SER E 168 41.78 4.14 15.28
CA SER E 168 42.22 5.38 14.61
C SER E 168 41.87 6.64 15.39
N LEU E 169 41.34 6.51 16.60
CA LEU E 169 40.84 7.65 17.35
C LEU E 169 41.36 7.63 18.77
N THR E 170 41.47 8.82 19.36
CA THR E 170 41.82 8.95 20.77
C THR E 170 40.68 8.41 21.63
N ALA E 171 40.97 7.87 22.83
CA ALA E 171 40.00 7.35 23.78
C ALA E 171 38.90 8.33 24.19
N LYS E 172 39.19 9.61 24.11
CA LYS E 172 38.20 10.60 24.44
C LYS E 172 37.30 10.78 23.24
N GLU E 173 37.83 10.56 22.04
CA GLU E 173 37.06 10.71 20.83
C GLU E 173 36.16 9.52 20.59
N TYR E 174 36.61 8.34 20.97
CA TYR E 174 35.84 7.11 20.90
C TYR E 174 34.73 7.07 21.94
N GLN E 175 35.00 7.56 23.15
CA GLN E 175 33.95 7.64 24.16
C GLN E 175 32.89 8.66 23.79
N ASP E 176 33.26 9.70 23.06
CA ASP E 176 32.27 10.58 22.46
C ASP E 176 31.36 9.81 21.51
N LEU E 177 31.97 8.96 20.68
CA LEU E 177 31.20 8.29 19.64
C LEU E 177 30.27 7.22 20.21
N ILE E 178 30.73 6.46 21.20
CA ILE E 178 29.96 5.31 21.69
C ILE E 178 28.99 5.66 22.81
N LYS E 179 28.99 6.89 23.30
CA LYS E 179 28.05 7.34 24.32
C LYS E 179 27.41 8.66 23.90
N PHE E 180 26.96 8.68 22.65
CA PHE E 180 26.37 9.87 22.06
C PHE E 180 25.13 10.30 22.84
N GLU E 181 25.12 11.55 23.32
CA GLU E 181 23.92 12.13 23.88
C GLU E 181 23.56 13.42 23.17
N GLY E 182 22.29 13.80 23.32
CA GLY E 182 21.74 14.98 22.69
C GLY E 182 22.11 16.28 23.34
N ASN E 183 22.65 16.19 24.53
CA ASN E 183 23.12 17.31 25.27
C ASN E 183 24.33 17.99 24.64
N ALA E 184 25.33 17.25 24.20
CA ALA E 184 26.51 17.70 23.46
C ALA E 184 26.13 18.13 22.05
N ASN E 185 25.24 17.37 21.41
CA ASN E 185 24.78 17.73 20.08
C ASN E 185 24.03 19.05 20.08
N GLY E 186 23.25 19.30 21.14
CA GLY E 186 22.55 20.57 21.25
C GLY E 186 23.51 21.75 21.39
N PHE E 187 24.55 21.59 22.21
CA PHE E 187 25.54 22.66 22.32
C PHE E 187 26.22 22.91 20.98
N LYS E 188 26.59 21.87 20.27
CA LYS E 188 27.20 22.02 18.98
C LYS E 188 26.27 22.71 18.01
N VAL E 189 25.01 22.33 17.97
CA VAL E 189 24.05 22.96 17.07
C VAL E 189 23.92 24.45 17.40
N LEU E 190 23.91 24.79 18.68
CA LEU E 190 23.76 26.19 19.06
C LEU E 190 24.99 27.02 18.73
N SER E 191 26.18 26.43 18.72
CA SER E 191 27.42 27.20 18.59
C SER E 191 28.27 26.76 17.41
N GLN E 192 27.66 26.55 16.24
CA GLN E 192 28.33 25.99 15.08
C GLN E 192 28.79 27.10 14.14
N SER E 193 30.08 27.11 13.82
CA SER E 193 30.66 28.10 12.92
C SER E 193 30.62 27.59 11.49
N LYS E 194 30.18 28.44 10.58
CA LYS E 194 30.11 28.16 9.16
C LYS E 194 30.70 29.34 8.40
N PRO E 195 31.16 29.12 7.17
CA PRO E 195 31.73 30.24 6.39
C PRO E 195 30.73 31.38 6.23
N GLY E 196 31.13 32.56 6.72
CA GLY E 196 30.29 33.73 6.66
C GLY E 196 29.40 33.94 7.86
N ALA E 197 29.35 32.98 8.80
CA ALA E 197 28.49 33.11 9.97
C ALA E 197 29.22 32.42 11.13
N GLN E 198 29.97 33.20 11.90
CA GLN E 198 30.69 32.69 13.04
C GLN E 198 29.81 32.72 14.28
N GLY E 199 29.91 31.67 15.09
CA GLY E 199 29.17 31.60 16.34
C GLY E 199 27.81 30.97 16.24
N GLY E 200 27.35 30.60 15.06
CA GLY E 200 26.04 29.99 14.93
C GLY E 200 24.95 31.01 15.25
N LEU E 201 24.11 30.68 16.22
CA LEU E 201 23.02 31.55 16.62
C LEU E 201 23.50 32.72 17.48
N ARG E 202 24.70 32.64 18.04
CA ARG E 202 25.33 33.75 18.77
C ARG E 202 24.47 34.18 19.96
N LEU E 203 24.15 33.23 20.82
CA LEU E 203 23.38 33.51 22.01
C LEU E 203 24.29 34.05 23.12
N SER E 204 23.67 34.64 24.13
CA SER E 204 24.42 35.24 25.20
C SER E 204 25.05 34.16 26.09
N TYR E 205 26.11 34.54 26.80
CA TYR E 205 26.85 33.56 27.58
C TYR E 205 26.04 33.06 28.77
N ALA E 206 25.20 33.91 29.34
CA ALA E 206 24.32 33.47 30.42
C ALA E 206 23.37 32.38 29.97
N THR E 207 22.82 32.52 28.77
CA THR E 207 21.92 31.50 28.24
C THR E 207 22.66 30.18 28.01
N LEU E 208 23.89 30.25 27.50
CA LEU E 208 24.68 29.04 27.30
C LEU E 208 25.01 28.36 28.63
N GLY E 209 25.30 29.16 29.66
CA GLY E 209 25.58 28.58 30.96
C GLY E 209 24.35 27.93 31.58
N ALA E 210 23.19 28.57 31.46
CA ALA E 210 21.96 27.98 31.97
C ALA E 210 21.51 26.78 31.16
N PHE E 211 21.94 26.67 29.90
CA PHE E 211 21.58 25.52 29.08
C PHE E 211 22.37 24.28 29.45
N MET E 212 23.61 24.44 29.92
CA MET E 212 24.49 23.31 30.20
C MET E 212 24.23 22.76 31.60
N LYS E 213 24.03 21.45 31.69
CA LYS E 213 23.79 20.78 32.96
C LYS E 213 24.90 19.79 33.35
N TYR E 214 25.72 19.39 32.39
CA TYR E 214 26.84 18.49 32.66
C TYR E 214 28.11 19.11 32.10
N PRO E 215 28.72 20.04 32.83
CA PRO E 215 29.93 20.72 32.31
C PRO E 215 31.19 19.89 32.46
N LYS E 216 31.28 18.81 31.68
CA LYS E 216 32.42 17.92 31.73
C LYS E 216 32.54 17.18 30.41
N GLU E 217 33.70 16.56 30.20
CA GLU E 217 33.97 15.78 29.00
C GLU E 217 33.49 14.33 29.19
N SER E 218 33.74 13.49 28.18
CA SER E 218 33.24 12.13 28.18
C SER E 218 34.11 11.16 28.98
N LEU E 219 35.29 11.57 29.42
CA LEU E 219 36.12 10.73 30.27
C LEU E 219 36.64 11.56 31.44
N PRO E 220 36.66 11.00 32.66
CA PRO E 220 36.23 9.65 33.04
C PRO E 220 34.73 9.48 33.07
N HIS E 221 34.27 8.24 32.97
CA HIS E 221 32.85 7.92 32.93
C HIS E 221 32.33 7.72 34.34
N LYS E 222 31.40 8.57 34.76
CA LYS E 222 30.75 8.54 36.06
C LYS E 222 31.75 8.50 37.20
N PRO E 223 32.52 9.57 37.41
CA PRO E 223 33.52 9.57 38.48
C PRO E 223 32.94 9.51 39.88
N SER E 224 31.66 9.86 40.07
CA SER E 224 31.10 9.96 41.40
C SER E 224 29.59 9.81 41.32
N ASP E 225 28.91 10.13 42.42
CA ASP E 225 27.46 10.08 42.52
C ASP E 225 26.82 11.46 42.47
N HIS E 226 27.57 12.47 42.04
CA HIS E 226 27.04 13.80 41.87
C HIS E 226 26.01 13.84 40.75
N ILE E 227 25.05 14.76 40.86
CA ILE E 227 24.02 14.89 39.83
C ILE E 227 24.62 15.43 38.54
N ALA E 228 25.68 16.23 38.63
CA ALA E 228 26.30 16.87 37.48
C ALA E 228 27.36 15.98 36.84
N ASP E 229 27.36 14.68 37.12
CA ASP E 229 28.38 13.78 36.60
C ASP E 229 27.78 12.56 35.92
N LYS E 230 26.47 12.55 35.64
CA LYS E 230 25.85 11.39 35.03
C LYS E 230 26.28 11.23 33.57
N LYS E 231 26.41 12.33 32.85
CA LYS E 231 26.76 12.31 31.43
C LYS E 231 27.75 13.44 31.17
N TYR E 232 27.95 13.77 29.91
CA TYR E 232 28.82 14.88 29.53
C TYR E 232 28.05 15.88 28.67
N GLY E 233 28.62 17.07 28.53
CA GLY E 233 27.90 18.17 27.92
C GLY E 233 28.46 18.76 26.64
N PHE E 234 29.71 18.46 26.31
CA PHE E 234 30.29 18.96 25.08
C PHE E 234 31.25 17.93 24.49
N PHE E 235 31.40 17.99 23.17
CA PHE E 235 32.32 17.15 22.44
C PHE E 235 33.72 17.75 22.50
N GLN E 236 34.69 17.00 21.96
CA GLN E 236 36.07 17.48 21.91
C GLN E 236 36.21 18.66 20.96
N SER E 237 35.57 18.58 19.80
CA SER E 237 35.69 19.66 18.81
C SER E 237 35.15 20.98 19.33
N GLU E 238 34.17 20.93 20.23
CA GLU E 238 33.62 22.14 20.84
C GLU E 238 34.28 22.49 22.17
N ARG E 239 35.18 21.65 22.67
CA ARG E 239 35.69 21.80 24.03
C ARG E 239 36.25 23.20 24.27
N ALA E 240 37.15 23.64 23.39
CA ALA E 240 37.76 24.96 23.55
C ALA E 240 36.71 26.04 23.72
N LEU E 241 35.66 25.99 22.90
CA LEU E 241 34.59 26.98 22.98
C LEU E 241 34.07 27.10 24.41
N PHE E 242 33.71 25.97 25.01
CA PHE E 242 33.11 26.03 26.34
C PHE E 242 34.07 26.64 27.35
N GLU E 243 35.37 26.38 27.20
CA GLU E 243 36.33 26.96 28.13
C GLU E 243 36.16 28.47 28.18
N ASP E 244 36.05 29.10 27.00
CA ASP E 244 35.83 30.54 26.94
C ASP E 244 34.61 30.93 27.78
N VAL E 245 33.49 30.26 27.55
CA VAL E 245 32.28 30.55 28.30
C VAL E 245 32.54 30.37 29.79
N ALA E 246 33.16 29.24 30.16
CA ALA E 246 33.42 28.97 31.55
C ALA E 246 34.39 29.95 32.17
N GLN E 247 35.22 30.61 31.35
CA GLN E 247 36.08 31.65 31.88
C GLN E 247 35.31 32.93 32.14
N GLU E 248 34.32 33.24 31.28
CA GLU E 248 33.61 34.51 31.40
C GLU E 248 32.62 34.52 32.55
N LEU E 249 31.94 33.40 32.79
CA LEU E 249 30.93 33.34 33.84
C LEU E 249 31.51 33.14 35.21
N GLY E 250 32.81 32.85 35.32
CA GLY E 250 33.39 32.56 36.62
C GLY E 250 32.90 31.28 37.25
N LEU E 251 32.73 30.22 36.46
CA LEU E 251 32.38 28.93 37.01
C LEU E 251 33.56 28.35 37.79
N LEU E 252 33.25 27.46 38.73
CA LEU E 252 34.25 26.91 39.64
C LEU E 252 34.77 25.58 39.13
N LYS E 253 36.09 25.45 39.08
CA LYS E 253 36.71 24.24 38.55
C LYS E 253 36.54 23.06 39.50
N ARG E 254 36.55 21.87 38.92
CA ARG E 254 36.48 20.64 39.71
C ARG E 254 37.42 19.57 39.20
N SER E 255 38.32 19.91 38.28
CA SER E 255 39.14 18.92 37.58
C SER E 255 40.05 18.15 38.52
N THR E 256 41.02 18.84 39.12
CA THR E 256 42.07 18.21 39.91
C THR E 256 42.79 17.12 39.13
N THR E 257 42.77 17.23 37.81
CA THR E 257 43.37 16.24 36.91
C THR E 257 43.60 16.90 35.57
N ASP E 258 43.89 16.10 34.55
CA ASP E 258 44.10 16.59 33.19
C ASP E 258 42.80 16.70 32.40
N ASP E 259 41.68 16.21 32.95
CA ASP E 259 40.37 16.29 32.30
C ASP E 259 39.56 17.39 32.97
N VAL E 260 39.03 18.30 32.16
CA VAL E 260 38.40 19.51 32.69
C VAL E 260 36.96 19.22 33.09
N SER E 261 36.53 19.85 34.19
CA SER E 261 35.14 19.81 34.62
C SER E 261 34.89 21.00 35.53
N TRP E 262 33.69 21.58 35.44
CA TRP E 262 33.32 22.77 36.18
C TRP E 262 32.05 22.51 36.98
N SER E 263 31.70 23.48 37.82
CA SER E 263 30.45 23.43 38.55
C SER E 263 29.29 23.97 37.71
N ARG E 264 28.08 23.63 38.12
CA ARG E 264 26.90 24.01 37.37
C ARG E 264 26.57 25.49 37.53
N HIS E 265 25.98 26.07 36.49
CA HIS E 265 25.35 27.38 36.62
C HIS E 265 24.09 27.25 37.47
N PRO E 266 23.86 28.18 38.39
CA PRO E 266 22.70 28.03 39.30
C PRO E 266 21.35 27.94 38.60
N LEU E 267 21.15 28.65 37.48
CA LEU E 267 19.86 28.61 36.79
C LEU E 267 19.66 27.31 36.02
N ALA E 268 20.72 26.53 35.80
CA ALA E 268 20.56 25.21 35.21
C ALA E 268 19.72 24.31 36.10
N TYR E 269 19.79 24.51 37.42
CA TYR E 269 18.91 23.78 38.33
C TYR E 269 17.45 24.08 38.05
N LEU E 270 17.11 25.35 37.83
CA LEU E 270 15.74 25.72 37.52
C LEU E 270 15.29 25.13 36.19
N VAL E 271 16.17 25.14 35.19
CA VAL E 271 15.85 24.53 33.90
C VAL E 271 15.52 23.05 34.09
N GLU E 272 16.37 22.34 34.83
CA GLU E 272 16.16 20.91 35.07
C GLU E 272 14.87 20.66 35.84
N ALA E 273 14.57 21.51 36.83
CA ALA E 273 13.34 21.35 37.61
C ALA E 273 12.11 21.50 36.73
N ALA E 274 12.10 22.51 35.86
CA ALA E 274 10.97 22.70 34.97
C ALA E 274 10.80 21.53 34.01
N ASP E 275 11.90 21.05 33.43
CA ASP E 275 11.84 19.90 32.53
C ASP E 275 11.21 18.71 33.23
N ASP E 276 11.69 18.42 34.45
CA ASP E 276 11.24 17.26 35.20
C ASP E 276 9.76 17.36 35.54
N ILE E 277 9.33 18.51 36.08
CA ILE E 277 7.92 18.70 36.44
C ILE E 277 7.04 18.46 35.22
N CYS E 278 7.37 19.11 34.11
CA CYS E 278 6.51 19.04 32.94
C CYS E 278 6.38 17.61 32.44
N TYR E 279 7.50 16.93 32.21
CA TYR E 279 7.36 15.62 31.58
C TYR E 279 6.74 14.62 32.55
N THR E 280 7.06 14.71 33.85
CA THR E 280 6.48 13.78 34.82
C THR E 280 4.96 13.89 34.87
N ILE E 281 4.40 15.10 34.89
CA ILE E 281 2.95 15.20 34.97
C ILE E 281 2.29 14.91 33.61
N ILE E 282 2.83 15.47 32.53
CA ILE E 282 2.14 15.37 31.25
C ILE E 282 2.18 13.95 30.69
N ASP E 283 3.20 13.18 31.02
CA ASP E 283 3.26 11.79 30.55
C ASP E 283 2.10 11.02 31.15
N PHE E 284 1.88 11.19 32.45
CA PHE E 284 0.77 10.56 33.16
C PHE E 284 -0.57 10.96 32.55
N GLU E 285 -0.76 12.26 32.32
CA GLU E 285 -2.02 12.72 31.76
C GLU E 285 -2.27 12.14 30.36
N ASP E 286 -1.23 12.12 29.53
CA ASP E 286 -1.36 11.58 28.18
C ASP E 286 -1.65 10.10 28.20
N GLY E 287 -1.02 9.36 29.10
CA GLY E 287 -1.33 7.94 29.22
C GLY E 287 -2.76 7.70 29.66
N ILE E 288 -3.27 8.55 30.55
CA ILE E 288 -4.67 8.42 30.96
C ILE E 288 -5.60 8.69 29.78
N ASN E 289 -5.32 9.74 29.01
CA ASN E 289 -6.19 10.09 27.90
C ASN E 289 -6.14 9.06 26.76
N LEU E 290 -5.06 8.30 26.65
CA LEU E 290 -4.92 7.32 25.58
C LEU E 290 -5.64 6.01 25.87
N GLY E 291 -6.00 5.76 27.12
CA GLY E 291 -6.60 4.51 27.51
C GLY E 291 -5.66 3.49 28.10
N LEU E 292 -4.39 3.83 28.29
CA LEU E 292 -3.43 2.91 28.88
C LEU E 292 -3.42 2.93 30.40
N ILE E 293 -4.00 3.94 31.03
CA ILE E 293 -4.07 4.01 32.49
C ILE E 293 -5.51 4.28 32.91
N PRO E 294 -6.05 3.52 33.86
CA PRO E 294 -7.40 3.81 34.37
C PRO E 294 -7.47 5.18 35.04
N GLU E 295 -8.65 5.79 34.95
CA GLU E 295 -8.84 7.14 35.48
C GLU E 295 -8.75 7.19 37.00
N GLU E 296 -9.04 6.07 37.67
CA GLU E 296 -9.04 6.06 39.14
C GLU E 296 -7.68 6.46 39.68
N TYR E 297 -6.60 5.95 39.09
CA TYR E 297 -5.26 6.29 39.52
C TYR E 297 -5.04 7.79 39.51
N ALA E 298 -5.73 8.51 38.60
CA ALA E 298 -5.58 9.95 38.51
C ALA E 298 -5.86 10.63 39.84
N LEU E 299 -6.78 10.09 40.63
CA LEU E 299 -7.06 10.64 41.94
C LEU E 299 -6.37 9.86 43.06
N GLU E 300 -5.87 8.65 42.79
CA GLU E 300 -5.19 7.90 43.82
C GLU E 300 -3.81 8.45 44.11
N TYR E 301 -3.15 9.01 43.09
CA TYR E 301 -1.77 9.46 43.21
C TYR E 301 -1.62 10.98 43.25
N MET E 302 -2.66 11.72 42.90
CA MET E 302 -2.53 13.15 42.67
C MET E 302 -3.16 13.98 43.78
N VAL E 303 -4.00 13.36 44.63
CA VAL E 303 -4.83 14.12 45.57
C VAL E 303 -3.98 14.91 46.54
N LYS E 304 -2.93 14.28 47.09
CA LYS E 304 -2.07 14.98 48.03
C LYS E 304 -1.42 16.20 47.40
N LEU E 305 -1.21 16.17 46.08
CA LEU E 305 -0.66 17.32 45.38
C LEU E 305 -1.69 18.41 45.18
N VAL E 306 -2.95 18.04 44.99
CA VAL E 306 -4.00 18.99 44.64
C VAL E 306 -5.01 19.18 45.75
N GLY E 307 -4.88 18.47 46.87
CA GLY E 307 -5.90 18.50 47.90
C GLY E 307 -6.04 19.84 48.61
N GLN E 308 -5.02 20.67 48.55
CA GLN E 308 -5.04 21.94 49.28
C GLN E 308 -5.64 23.09 48.49
N THR E 309 -5.97 22.89 47.21
CA THR E 309 -6.52 23.97 46.41
C THR E 309 -7.65 23.51 45.48
N ILE E 310 -8.06 22.26 45.54
CA ILE E 310 -9.09 21.74 44.63
C ILE E 310 -10.46 22.24 45.06
N ASP E 311 -11.25 22.69 44.10
CA ASP E 311 -12.65 23.03 44.33
C ASP E 311 -13.51 21.83 43.97
N ARG E 312 -14.20 21.28 44.98
CA ARG E 312 -14.90 20.01 44.78
C ARG E 312 -16.12 20.18 43.88
N ASN E 313 -16.82 21.31 44.00
CA ASN E 313 -18.00 21.51 43.16
C ASN E 313 -17.62 21.59 41.68
N LYS E 314 -16.55 22.32 41.36
CA LYS E 314 -16.10 22.40 39.98
C LYS E 314 -15.63 21.04 39.47
N TYR E 315 -14.94 20.28 40.31
CA TYR E 315 -14.49 18.96 39.90
C TYR E 315 -15.66 18.04 39.62
N ASN E 316 -16.70 18.09 40.45
CA ASN E 316 -17.86 17.23 40.29
C ASN E 316 -18.76 17.67 39.14
N ALA E 317 -18.74 18.95 38.77
CA ALA E 317 -19.59 19.44 37.69
C ALA E 317 -19.09 19.03 36.31
N LEU E 318 -17.83 18.65 36.17
CA LEU E 318 -17.30 18.24 34.89
C LEU E 318 -17.81 16.86 34.50
N GLN E 319 -17.85 16.60 33.19
CA GLN E 319 -18.52 15.40 32.69
C GLN E 319 -17.66 14.57 31.73
N GLU E 320 -16.38 14.88 31.59
CA GLU E 320 -15.50 14.10 30.74
C GLU E 320 -14.16 13.92 31.44
N THR E 321 -13.46 12.84 31.08
CA THR E 321 -12.16 12.55 31.68
C THR E 321 -11.14 13.64 31.36
N SER E 322 -11.22 14.19 30.14
CA SER E 322 -10.24 15.18 29.70
C SER E 322 -10.28 16.42 30.60
N ASP E 323 -11.48 16.91 30.92
CA ASP E 323 -11.58 18.11 31.75
C ASP E 323 -11.02 17.86 33.14
N ARG E 324 -11.33 16.71 33.74
CA ARG E 324 -10.87 16.41 35.08
C ARG E 324 -9.35 16.29 35.13
N VAL E 325 -8.77 15.57 34.17
CA VAL E 325 -7.32 15.42 34.17
C VAL E 325 -6.62 16.75 33.89
N SER E 326 -7.20 17.61 33.05
CA SER E 326 -6.60 18.92 32.81
C SER E 326 -6.62 19.78 34.07
N TYR E 327 -7.74 19.77 34.80
CA TYR E 327 -7.82 20.49 36.06
C TYR E 327 -6.77 20.01 37.05
N LEU E 328 -6.65 18.69 37.20
CA LEU E 328 -5.67 18.14 38.13
C LEU E 328 -4.26 18.51 37.71
N ARG E 329 -3.97 18.47 36.40
CA ARG E 329 -2.65 18.82 35.90
C ARG E 329 -2.29 20.26 36.23
N ALA E 330 -3.23 21.18 36.02
CA ALA E 330 -2.96 22.59 36.32
C ALA E 330 -2.64 22.79 37.79
N LEU E 331 -3.47 22.20 38.67
CA LEU E 331 -3.25 22.37 40.10
C LEU E 331 -1.90 21.79 40.54
N ALA E 332 -1.57 20.60 40.04
CA ALA E 332 -0.30 19.97 40.40
C ALA E 332 0.88 20.80 39.95
N ILE E 333 0.83 21.34 38.74
CA ILE E 333 1.95 22.14 38.24
C ILE E 333 2.15 23.36 39.12
N GLY E 334 1.05 24.03 39.50
CA GLY E 334 1.21 25.18 40.39
C GLY E 334 1.85 24.83 41.70
N THR E 335 1.38 23.76 42.34
CA THR E 335 1.94 23.35 43.63
C THR E 335 3.43 23.04 43.53
N LEU E 336 3.81 22.26 42.51
CA LEU E 336 5.20 21.87 42.35
C LEU E 336 6.09 23.08 42.07
N ILE E 337 5.60 24.05 41.29
CA ILE E 337 6.38 25.24 41.02
C ILE E 337 6.67 25.99 42.31
N ASN E 338 5.65 26.18 43.15
CA ASN E 338 5.86 26.90 44.40
C ASN E 338 6.87 26.17 45.29
N GLU E 339 6.73 24.84 45.40
CA GLU E 339 7.64 24.08 46.25
C GLU E 339 9.08 24.17 45.72
N SER E 340 9.25 24.13 44.41
CA SER E 340 10.60 24.22 43.83
C SER E 340 11.23 25.58 44.12
N VAL E 341 10.44 26.66 44.05
CA VAL E 341 10.99 27.98 44.37
C VAL E 341 11.44 28.01 45.82
N ASP E 342 10.62 27.48 46.73
CA ASP E 342 11.01 27.47 48.14
C ASP E 342 12.28 26.68 48.37
N THR E 343 12.39 25.50 47.76
CA THR E 343 13.58 24.67 47.91
C THR E 343 14.83 25.37 47.39
N PHE E 344 14.72 26.02 46.22
CA PHE E 344 15.87 26.73 45.68
C PHE E 344 16.31 27.84 46.62
N MET E 345 15.35 28.62 47.12
CA MET E 345 15.74 29.71 48.01
C MET E 345 16.32 29.20 49.33
N LYS E 346 15.98 27.99 49.74
CA LYS E 346 16.54 27.45 50.98
C LYS E 346 18.04 27.17 50.85
N TYR E 347 18.45 26.47 49.79
CA TYR E 347 19.82 26.00 49.63
C TYR E 347 20.64 26.88 48.70
N GLU E 348 20.40 28.19 48.70
CA GLU E 348 21.03 29.06 47.72
C GLU E 348 22.54 29.11 47.91
N GLU E 349 23.01 29.24 49.16
CA GLU E 349 24.43 29.41 49.40
C GLU E 349 25.22 28.17 48.97
N GLU E 350 24.68 26.98 49.22
CA GLU E 350 25.35 25.76 48.80
C GLU E 350 25.43 25.65 47.29
N ILE E 351 24.36 26.05 46.58
CA ILE E 351 24.39 26.01 45.12
C ILE E 351 25.42 27.00 44.59
N LEU E 352 25.48 28.20 45.17
CA LEU E 352 26.49 29.17 44.74
C LEU E 352 27.90 28.66 45.01
N ALA E 353 28.09 27.98 46.15
CA ALA E 353 29.41 27.45 46.48
C ALA E 353 29.78 26.24 45.66
N GLY E 354 28.80 25.48 45.18
CA GLY E 354 29.05 24.31 44.36
C GLY E 354 28.93 22.98 45.09
N THR E 355 28.52 22.98 46.36
CA THR E 355 28.47 21.77 47.15
C THR E 355 27.16 21.02 47.04
N PHE E 356 26.14 21.58 46.40
CA PHE E 356 24.87 20.88 46.25
C PHE E 356 25.04 19.70 45.32
N ASP E 357 24.46 18.56 45.70
CA ASP E 357 24.70 17.31 45.01
C ASP E 357 23.45 16.66 44.43
N GLN E 358 22.26 17.15 44.75
CA GLN E 358 21.02 16.59 44.26
C GLN E 358 20.29 17.63 43.41
N SER E 359 19.17 17.22 42.84
CA SER E 359 18.28 18.13 42.15
C SER E 359 17.28 18.71 43.13
N LEU E 360 16.65 19.82 42.73
CA LEU E 360 15.65 20.46 43.57
C LEU E 360 14.43 19.58 43.78
N ILE E 361 14.20 18.60 42.91
CA ILE E 361 13.02 17.75 43.01
C ILE E 361 13.20 16.63 44.03
N ASP E 362 14.44 16.27 44.36
CA ASP E 362 14.69 15.23 45.34
C ASP E 362 14.60 15.74 46.78
N LYS E 363 14.59 17.06 46.97
CA LYS E 363 14.38 17.66 48.28
C LYS E 363 12.93 18.08 48.48
N SER E 364 12.00 17.33 47.92
CA SER E 364 10.59 17.65 47.94
C SER E 364 9.83 16.73 48.89
N ASN E 365 8.65 17.19 49.31
CA ASN E 365 7.78 16.45 50.21
C ASN E 365 6.90 15.43 49.50
N TYR E 366 6.82 15.47 48.18
CA TYR E 366 5.97 14.58 47.40
C TYR E 366 6.79 13.64 46.55
N GLN E 367 7.95 13.22 47.06
CA GLN E 367 8.81 12.33 46.30
C GLN E 367 8.18 10.96 46.10
N ALA E 368 7.45 10.45 47.09
CA ALA E 368 6.81 9.15 46.94
C ALA E 368 5.77 9.16 45.83
N GLN E 369 4.96 10.23 45.76
CA GLN E 369 3.95 10.33 44.71
C GLN E 369 4.59 10.42 43.33
N ILE E 370 5.65 11.22 43.19
CA ILE E 370 6.35 11.31 41.92
C ILE E 370 6.94 9.96 41.53
N THR E 371 7.53 9.25 42.49
CA THR E 371 8.10 7.94 42.22
C THR E 371 7.03 6.95 41.76
N ASP E 372 5.87 6.97 42.42
CA ASP E 372 4.78 6.09 42.01
C ASP E 372 4.29 6.41 40.60
N ILE E 373 4.14 7.70 40.29
CA ILE E 373 3.71 8.11 38.95
C ILE E 373 4.70 7.63 37.90
N ILE E 374 6.00 7.82 38.16
CA ILE E 374 7.02 7.43 37.21
C ILE E 374 7.04 5.92 37.01
N ASN E 375 6.92 5.16 38.10
CA ASN E 375 6.92 3.70 37.98
C ASN E 375 5.72 3.21 37.19
N LEU E 376 4.54 3.80 37.42
CA LEU E 376 3.36 3.42 36.65
C LEU E 376 3.55 3.76 35.17
N SER E 377 4.15 4.92 34.88
CA SER E 377 4.40 5.28 33.49
C SER E 377 5.34 4.30 32.82
N ILE E 378 6.39 3.87 33.53
CA ILE E 378 7.32 2.90 32.97
C ILE E 378 6.61 1.58 32.71
N GLU E 379 5.79 1.12 33.65
CA GLU E 379 5.11 -0.17 33.48
C GLU E 379 4.10 -0.13 32.34
N ARG E 380 3.38 0.99 32.19
CA ARG E 380 2.24 1.02 31.29
C ARG E 380 2.53 1.64 29.93
N ILE E 381 3.33 2.69 29.85
CA ILE E 381 3.51 3.43 28.61
C ILE E 381 4.81 3.04 27.90
N TYR E 382 5.93 3.04 28.61
CA TYR E 382 7.20 2.79 27.95
C TYR E 382 7.30 1.37 27.43
N ASN E 383 6.61 0.43 28.08
CA ASN E 383 6.70 -0.98 27.72
C ASN E 383 5.45 -1.49 27.00
N SER E 384 4.62 -0.59 26.48
CA SER E 384 3.47 -1.01 25.69
C SER E 384 3.93 -1.54 24.34
N ARG E 385 3.08 -2.37 23.73
CA ARG E 385 3.49 -3.11 22.54
C ARG E 385 3.82 -2.17 21.38
N GLU E 386 2.98 -1.18 21.14
CA GLU E 386 3.19 -0.27 20.01
C GLU E 386 4.51 0.48 20.13
N VAL E 387 4.81 0.97 21.34
CA VAL E 387 6.05 1.70 21.56
C VAL E 387 7.26 0.82 21.26
N ILE E 388 7.22 -0.43 21.72
CA ILE E 388 8.32 -1.35 21.47
C ILE E 388 8.48 -1.59 19.97
N GLU E 389 7.36 -1.75 19.25
CA GLU E 389 7.44 -1.97 17.81
C GLU E 389 8.13 -0.80 17.12
N LYS E 390 7.73 0.42 17.46
CA LYS E 390 8.35 1.58 16.84
C LYS E 390 9.83 1.68 17.16
N GLU E 391 10.22 1.40 18.41
CA GLU E 391 11.63 1.46 18.75
C GLU E 391 12.44 0.42 17.97
N ILE E 392 11.91 -0.79 17.83
CA ILE E 392 12.61 -1.83 17.08
C ILE E 392 12.81 -1.40 15.64
N ALA E 393 11.79 -0.80 15.04
CA ALA E 393 11.95 -0.31 13.66
C ALA E 393 13.00 0.80 13.57
N GLY E 394 13.00 1.70 14.55
CA GLY E 394 13.95 2.81 14.51
C GLY E 394 15.39 2.35 14.59
N TYR E 395 15.66 1.29 15.35
CA TYR E 395 17.01 0.73 15.39
C TYR E 395 17.51 0.40 13.99
N GLU E 396 16.71 -0.34 13.22
CA GLU E 396 17.10 -0.74 11.87
C GLU E 396 17.27 0.46 10.96
N ILE E 397 16.36 1.44 11.04
CA ILE E 397 16.45 2.60 10.17
C ILE E 397 17.75 3.36 10.41
N LEU E 398 18.05 3.65 11.69
CA LEU E 398 19.25 4.42 11.99
C LEU E 398 20.52 3.66 11.61
N SER E 399 20.55 2.34 11.86
CA SER E 399 21.73 1.57 11.50
C SER E 399 21.98 1.60 9.99
N THR E 400 20.92 1.44 9.20
CA THR E 400 21.10 1.45 7.74
C THR E 400 21.64 2.79 7.26
N LEU E 401 21.04 3.89 7.72
CA LEU E 401 21.49 5.21 7.27
C LEU E 401 22.94 5.49 7.67
N LEU E 402 23.29 5.17 8.91
CA LEU E 402 24.66 5.39 9.37
C LEU E 402 25.67 4.56 8.57
N GLU E 403 25.34 3.29 8.30
CA GLU E 403 26.27 2.45 7.55
C GLU E 403 26.47 2.98 6.14
N ALA E 404 25.39 3.44 5.49
CA ALA E 404 25.55 4.01 4.16
C ALA E 404 26.47 5.23 4.18
N ARG E 405 26.25 6.13 5.14
CA ARG E 405 27.09 7.32 5.21
C ARG E 405 28.55 6.96 5.46
N CYS E 406 28.81 6.03 6.38
CA CYS E 406 30.18 5.67 6.70
C CYS E 406 30.89 5.00 5.53
N ARG E 407 30.19 4.11 4.82
CA ARG E 407 30.80 3.44 3.67
C ARG E 407 31.09 4.44 2.56
N ALA E 408 30.19 5.40 2.33
CA ALA E 408 30.50 6.45 1.37
C ALA E 408 31.70 7.27 1.81
N LEU E 409 31.88 7.46 3.12
CA LEU E 409 33.05 8.19 3.61
C LEU E 409 34.34 7.43 3.34
N ASP E 410 34.34 6.11 3.55
CA ASP E 410 35.57 5.33 3.41
C ASP E 410 36.10 5.37 1.98
N ASN E 411 35.24 5.04 1.01
CA ASN E 411 35.62 5.06 -0.40
C ASN E 411 34.77 6.10 -1.11
N ASN E 412 35.43 7.01 -1.83
CA ASN E 412 34.75 8.10 -2.50
C ASN E 412 34.96 8.09 -4.00
N ASP E 413 35.46 6.98 -4.56
CA ASP E 413 35.71 6.89 -6.00
C ASP E 413 34.62 6.13 -6.75
N THR E 414 33.85 5.30 -6.06
CA THR E 414 32.83 4.50 -6.73
C THR E 414 31.64 5.37 -7.15
N HIS E 415 30.90 4.88 -8.14
CA HIS E 415 29.70 5.57 -8.61
C HIS E 415 28.62 5.57 -7.55
N TYR E 416 28.47 4.45 -6.84
CA TYR E 416 27.43 4.34 -5.82
C TYR E 416 27.66 5.32 -4.68
N ASN E 417 28.92 5.47 -4.24
CA ASN E 417 29.22 6.40 -3.16
C ASN E 417 28.98 7.85 -3.59
N GLN E 418 29.26 8.18 -4.84
CA GLN E 418 28.92 9.50 -5.36
C GLN E 418 27.41 9.73 -5.34
N LEU E 419 26.63 8.72 -5.72
CA LEU E 419 25.18 8.85 -5.62
C LEU E 419 24.72 9.05 -4.19
N ILE E 420 25.30 8.30 -3.25
CA ILE E 420 24.93 8.43 -1.85
C ILE E 420 25.25 9.83 -1.34
N GLN E 421 26.41 10.35 -1.71
CA GLN E 421 26.77 11.70 -1.30
C GLN E 421 25.82 12.73 -1.88
N GLN E 422 25.43 12.56 -3.15
CA GLN E 422 24.50 13.50 -3.77
C GLN E 422 23.13 13.46 -3.10
N LEU E 423 22.67 12.28 -2.71
CA LEU E 423 21.35 12.19 -2.09
C LEU E 423 21.35 12.71 -0.66
N LEU E 424 22.27 12.21 0.17
CA LEU E 424 22.15 12.43 1.61
C LEU E 424 22.87 13.69 2.09
N ALA E 425 24.10 13.92 1.64
CA ALA E 425 24.92 15.03 2.12
C ALA E 425 25.49 15.82 0.96
N PRO E 426 24.69 16.73 0.37
CA PRO E 426 25.23 17.63 -0.66
C PRO E 426 25.89 18.87 -0.06
N GLU E 431 38.14 18.79 3.37
CA GLU E 431 39.28 19.00 4.26
C GLU E 431 38.83 18.92 5.71
N LYS E 432 38.98 17.75 6.31
CA LYS E 432 38.66 17.55 7.72
C LYS E 432 39.32 16.25 8.18
N SER E 433 39.44 16.10 9.50
CA SER E 433 39.98 14.89 10.07
C SER E 433 38.91 13.80 10.13
N LEU E 434 39.35 12.59 10.50
CA LEU E 434 38.40 11.48 10.61
C LEU E 434 37.37 11.73 11.71
N TYR E 435 37.80 12.24 12.86
CA TYR E 435 36.88 12.49 13.95
C TYR E 435 35.86 13.55 13.58
N GLU E 436 36.30 14.61 12.90
CA GLU E 436 35.38 15.65 12.46
C GLU E 436 34.36 15.10 11.48
N ASN E 437 34.78 14.25 10.55
CA ASN E 437 33.86 13.67 9.59
C ASN E 437 32.83 12.76 10.27
N LEU E 438 33.28 11.94 11.24
CA LEU E 438 32.34 11.07 11.94
C LEU E 438 31.34 11.88 12.75
N ILE E 439 31.80 12.94 13.41
CA ILE E 439 30.89 13.80 14.17
C ILE E 439 29.90 14.47 13.23
N GLN E 440 30.36 14.89 12.05
CA GLN E 440 29.46 15.52 11.08
C GLN E 440 28.40 14.53 10.62
N ILE E 441 28.77 13.27 10.39
CA ILE E 441 27.79 12.26 9.99
C ILE E 441 26.75 12.06 11.08
N CYS E 442 27.20 11.93 12.33
CA CYS E 442 26.25 11.76 13.43
C CYS E 442 25.31 12.96 13.54
N ALA E 443 25.85 14.17 13.34
CA ALA E 443 25.01 15.37 13.41
C ALA E 443 24.00 15.41 12.27
N GLU E 444 24.41 15.04 11.06
CA GLU E 444 23.51 15.11 9.92
C GLU E 444 22.40 14.06 10.01
N VAL E 445 22.67 12.90 10.61
CA VAL E 445 21.60 11.94 10.81
C VAL E 445 20.60 12.45 11.86
N SER E 446 21.07 13.17 12.87
CA SER E 446 20.21 13.59 13.97
C SER E 446 19.36 14.82 13.67
N THR E 447 19.56 15.48 12.52
CA THR E 447 18.70 16.60 12.15
C THR E 447 17.41 16.17 11.46
N MET E 448 17.28 14.89 11.13
CA MET E 448 16.12 14.41 10.39
C MET E 448 14.95 14.17 11.35
N THR E 449 13.76 14.33 10.81
CA THR E 449 12.56 13.93 11.53
C THR E 449 12.34 12.43 11.36
N ASP E 450 11.36 11.90 12.09
CA ASP E 450 11.03 10.48 11.97
C ASP E 450 10.53 10.16 10.57
N GLY E 451 9.67 11.01 10.02
CA GLY E 451 9.14 10.77 8.69
C GLY E 451 10.20 10.85 7.61
N LYS E 452 11.07 11.86 7.69
CA LYS E 452 12.15 11.98 6.71
C LYS E 452 13.09 10.79 6.77
N ALA E 453 13.44 10.35 7.99
CA ALA E 453 14.31 9.19 8.15
C ALA E 453 13.67 7.94 7.56
N LEU E 454 12.38 7.72 7.83
CA LEU E 454 11.69 6.55 7.29
C LEU E 454 11.61 6.61 5.76
N ARG E 455 11.30 7.78 5.21
CA ARG E 455 11.22 7.93 3.76
C ARG E 455 12.57 7.67 3.09
N ASN E 456 13.65 8.20 3.67
CA ASN E 456 14.97 7.96 3.12
C ASN E 456 15.36 6.49 3.22
N TYR E 457 15.00 5.84 4.33
CA TYR E 457 15.29 4.41 4.48
C TYR E 457 14.56 3.60 3.41
N LYS E 458 13.30 3.93 3.15
CA LYS E 458 12.56 3.21 2.10
C LYS E 458 13.17 3.48 0.73
N LYS E 459 13.62 4.72 0.48
CA LYS E 459 14.22 5.05 -0.81
C LYS E 459 15.53 4.30 -1.02
N ILE E 460 16.33 4.16 0.03
CA ILE E 460 17.58 3.42 -0.08
C ILE E 460 17.32 1.97 -0.49
N LYS E 461 16.29 1.37 0.08
CA LYS E 461 15.94 -0.01 -0.23
C LYS E 461 14.97 -0.16 -1.39
N GLY E 462 14.56 0.94 -2.02
CA GLY E 462 13.70 0.86 -3.18
C GLY E 462 12.30 0.34 -2.93
N LEU E 463 11.65 0.77 -1.85
CA LEU E 463 10.29 0.37 -1.55
C LEU E 463 9.36 1.57 -1.40
N ASN F 25 -10.93 56.36 24.81
CA ASN F 25 -10.16 56.42 26.06
C ASN F 25 -9.37 55.14 26.29
N TRP F 26 -8.06 55.30 26.51
CA TRP F 26 -7.19 54.14 26.65
C TRP F 26 -7.36 53.43 28.00
N GLU F 27 -7.90 54.11 29.01
CA GLU F 27 -8.10 53.47 30.29
C GLU F 27 -9.14 52.37 30.23
N HIS F 28 -10.07 52.46 29.27
CA HIS F 28 -11.09 51.44 29.11
C HIS F 28 -10.73 50.38 28.09
N LEU F 29 -9.76 50.66 27.21
CA LEU F 29 -9.36 49.67 26.22
C LEU F 29 -8.47 48.59 26.82
N LEU F 30 -7.73 48.91 27.89
CA LEU F 30 -6.84 47.96 28.54
C LEU F 30 -7.51 47.35 29.77
N SER F 31 -8.59 46.63 29.54
CA SER F 31 -9.42 46.09 30.60
C SER F 31 -8.93 44.72 31.03
N LEU F 32 -9.05 44.44 32.33
CA LEU F 32 -8.62 43.17 32.92
C LEU F 32 -9.78 42.29 33.34
N LYS F 33 -10.97 42.55 32.83
CA LYS F 33 -12.14 41.80 33.26
C LYS F 33 -12.12 40.40 32.67
N ARG F 34 -12.75 39.47 33.38
CA ARG F 34 -12.91 38.11 32.92
C ARG F 34 -14.37 37.72 33.04
N GLN F 35 -14.78 36.72 32.26
CA GLN F 35 -16.18 36.36 32.18
C GLN F 35 -16.68 35.86 33.52
N GLY F 36 -17.81 36.42 33.97
CA GLY F 36 -18.39 36.06 35.25
C GLY F 36 -17.71 36.72 36.44
N ASP F 37 -17.49 38.04 36.36
CA ASP F 37 -16.84 38.79 37.42
C ASP F 37 -17.73 39.94 37.86
N THR F 38 -17.73 40.22 39.16
CA THR F 38 -18.54 41.30 39.73
C THR F 38 -17.73 42.41 40.36
N ALA F 39 -16.48 42.16 40.75
CA ALA F 39 -15.61 43.17 41.33
C ALA F 39 -14.57 43.58 40.30
N LYS F 40 -14.44 44.89 40.08
CA LYS F 40 -13.57 45.39 39.03
C LYS F 40 -12.10 45.22 39.42
N ARG F 41 -11.35 44.48 38.61
CA ARG F 41 -9.92 44.32 38.83
C ARG F 41 -9.18 45.59 38.43
N LEU F 42 -8.17 45.94 39.21
CA LEU F 42 -7.39 47.14 38.98
C LEU F 42 -5.93 46.79 38.72
N ARG F 43 -5.27 47.63 37.93
CA ARG F 43 -3.88 47.38 37.57
C ARG F 43 -2.95 47.56 38.76
N ILE F 44 -3.26 48.49 39.66
CA ILE F 44 -2.40 48.73 40.83
C ILE F 44 -2.40 47.50 41.75
N GLU F 45 -3.54 46.81 41.84
CA GLU F 45 -3.70 45.68 42.75
C GLU F 45 -3.27 44.36 42.14
N GLN F 46 -2.39 44.38 41.14
CA GLN F 46 -1.91 43.15 40.51
C GLN F 46 -0.51 42.80 40.97
N LEU F 51 0.56 38.45 36.66
CA LEU F 51 -0.08 39.50 35.87
C LEU F 51 -1.14 38.90 34.95
N GLY F 52 -2.19 39.67 34.69
CA GLY F 52 -3.34 39.14 33.97
C GLY F 52 -3.05 38.80 32.52
N PHE F 53 -2.21 39.60 31.85
CA PHE F 53 -1.99 39.44 30.42
C PHE F 53 -0.98 38.34 30.08
N GLU F 54 -0.31 37.76 31.06
CA GLU F 54 0.61 36.65 30.82
C GLU F 54 -0.04 35.29 31.06
N VAL F 55 -1.00 35.24 31.98
CA VAL F 55 -1.78 34.03 32.19
C VAL F 55 -2.53 33.65 30.91
N ASP F 56 -2.88 34.63 30.08
CA ASP F 56 -3.52 34.33 28.81
C ASP F 56 -2.59 33.54 27.90
N TYR F 57 -1.33 33.97 27.81
CA TYR F 57 -0.33 33.25 27.04
C TYR F 57 -0.16 31.82 27.56
N ASP F 58 -0.03 31.69 28.88
CA ASP F 58 0.15 30.36 29.46
C ASP F 58 -1.06 29.46 29.21
N ARG F 59 -2.26 30.00 29.35
CA ARG F 59 -3.47 29.21 29.17
C ARG F 59 -3.65 28.76 27.73
N ILE F 60 -3.30 29.63 26.77
CA ILE F 60 -3.37 29.22 25.37
C ILE F 60 -2.34 28.15 25.07
N ILE F 61 -1.15 28.25 25.69
CA ILE F 61 -0.09 27.29 25.38
C ILE F 61 -0.49 25.87 25.78
N PHE F 62 -1.19 25.73 26.91
CA PHE F 62 -1.48 24.43 27.49
C PHE F 62 -2.79 23.81 27.01
N SER F 63 -3.49 24.43 26.07
CA SER F 63 -4.81 23.96 25.67
C SER F 63 -4.74 23.05 24.45
N ALA F 64 -5.70 22.14 24.37
CA ALA F 64 -5.77 21.21 23.24
C ALA F 64 -6.00 21.90 21.89
N PRO F 65 -6.88 22.90 21.75
CA PRO F 65 -7.01 23.56 20.44
C PRO F 65 -5.72 24.14 19.90
N PHE F 66 -4.87 24.68 20.76
CA PHE F 66 -3.57 25.17 20.30
C PHE F 66 -2.68 24.02 19.85
N ARG F 67 -2.76 22.89 20.55
CA ARG F 67 -1.93 21.74 20.19
C ARG F 67 -2.37 21.11 18.88
N SER F 68 -3.64 21.26 18.51
CA SER F 68 -4.10 20.71 17.24
C SER F 68 -3.55 21.45 16.03
N LEU F 69 -2.90 22.59 16.24
CA LEU F 69 -2.39 23.40 15.15
C LEU F 69 -1.11 22.85 14.51
N GLN F 70 -0.51 21.81 15.10
CA GLN F 70 0.75 21.32 14.57
C GLN F 70 0.60 20.62 13.22
N ASP F 71 -0.58 20.10 12.91
CA ASP F 71 -0.80 19.39 11.66
C ASP F 71 -1.99 19.99 10.92
N LYS F 72 -2.00 21.31 10.79
CA LYS F 72 -2.99 22.01 10.00
C LYS F 72 -2.30 22.84 8.92
N THR F 73 -2.95 22.94 7.77
CA THR F 73 -2.33 23.52 6.60
C THR F 73 -2.13 25.02 6.76
N GLN F 74 -0.95 25.51 6.37
CA GLN F 74 -0.66 26.94 6.26
C GLN F 74 -0.80 27.27 4.73
N VAL F 75 0.03 26.69 3.86
CA VAL F 75 -0.06 26.88 2.42
C VAL F 75 -0.13 25.53 1.73
N ILE F 76 0.80 24.63 2.05
CA ILE F 76 0.92 23.34 1.40
C ILE F 76 0.26 22.29 2.28
N PRO F 77 -0.84 21.68 1.86
CA PRO F 77 -1.47 20.64 2.68
C PRO F 77 -0.61 19.37 2.74
N LEU F 78 -0.76 18.64 3.84
CA LEU F 78 -0.04 17.39 4.06
C LEU F 78 1.46 17.59 3.88
N SER F 79 2.01 18.39 4.78
CA SER F 79 3.36 18.95 4.64
C SER F 79 4.45 17.90 4.45
N LYS F 80 4.16 16.62 4.71
CA LYS F 80 5.13 15.54 4.52
C LYS F 80 6.37 15.72 5.41
N THR F 81 6.19 16.34 6.57
CA THR F 81 7.25 16.52 7.57
C THR F 81 8.48 17.19 6.96
N ASP F 82 8.24 18.20 6.12
CA ASP F 82 9.32 18.92 5.45
C ASP F 82 9.71 20.14 6.28
N PHE F 83 10.50 21.04 5.69
CA PHE F 83 10.92 22.27 6.35
C PHE F 83 9.89 23.39 6.23
N VAL F 84 8.80 23.17 5.50
CA VAL F 84 7.79 24.19 5.29
C VAL F 84 7.00 24.41 6.58
N HIS F 85 6.25 25.50 6.64
CA HIS F 85 5.57 25.91 7.85
C HIS F 85 4.23 25.23 8.01
N THR F 86 3.78 25.12 9.25
CA THR F 86 2.42 24.75 9.61
C THR F 86 1.76 25.94 10.29
N ARG F 87 0.52 25.74 10.75
CA ARG F 87 -0.18 26.80 11.45
C ARG F 87 0.51 27.17 12.76
N LEU F 88 1.06 26.16 13.46
CA LEU F 88 1.64 26.40 14.78
C LEU F 88 2.89 27.27 14.69
N THR F 89 3.82 26.92 13.81
CA THR F 89 5.05 27.70 13.67
C THR F 89 4.77 29.10 13.15
N HIS F 90 3.81 29.22 12.23
CA HIS F 90 3.37 30.54 11.75
C HIS F 90 2.84 31.38 12.91
N SER F 91 2.03 30.78 13.78
CA SER F 91 1.49 31.51 14.91
C SER F 91 2.59 31.96 15.87
N LEU F 92 3.60 31.10 16.07
CA LEU F 92 4.71 31.47 16.93
C LEU F 92 5.48 32.67 16.39
N GLU F 93 5.78 32.67 15.08
CA GLU F 93 6.49 33.79 14.50
C GLU F 93 5.66 35.07 14.56
N VAL F 94 4.35 34.96 14.30
CA VAL F 94 3.49 36.12 14.40
C VAL F 94 3.48 36.65 15.82
N SER F 95 3.54 35.76 16.81
CA SER F 95 3.58 36.18 18.21
C SER F 95 4.86 36.94 18.55
N VAL F 96 6.00 36.49 18.05
CA VAL F 96 7.26 37.20 18.32
C VAL F 96 7.21 38.60 17.70
N VAL F 97 6.80 38.68 16.44
CA VAL F 97 6.73 39.98 15.76
C VAL F 97 5.72 40.89 16.44
N GLY F 98 4.61 40.32 16.91
CA GLY F 98 3.61 41.12 17.62
C GLY F 98 4.12 41.64 18.94
N ARG F 99 4.88 40.83 19.67
CA ARG F 99 5.47 41.32 20.91
C ARG F 99 6.38 42.50 20.66
N SER F 100 7.21 42.42 19.60
CA SER F 100 8.09 43.55 19.29
C SER F 100 7.28 44.81 18.96
N LEU F 101 6.27 44.67 18.08
CA LEU F 101 5.47 45.83 17.69
C LEU F 101 4.77 46.44 18.90
N GLY F 102 4.19 45.59 19.76
CA GLY F 102 3.48 46.09 20.91
C GLY F 102 4.38 46.80 21.89
N ARG F 103 5.59 46.27 22.10
CA ARG F 103 6.53 46.94 23.00
C ARG F 103 6.89 48.32 22.50
N MET F 104 7.20 48.45 21.21
CA MET F 104 7.57 49.76 20.67
C MET F 104 6.40 50.75 20.76
N VAL F 105 5.21 50.30 20.36
CA VAL F 105 4.05 51.19 20.37
C VAL F 105 3.70 51.59 21.80
N GLY F 106 3.84 50.66 22.75
CA GLY F 106 3.56 50.98 24.13
C GLY F 106 4.53 51.98 24.71
N LYS F 107 5.81 51.89 24.35
CA LYS F 107 6.77 52.90 24.75
C LYS F 107 6.35 54.28 24.25
N LYS F 108 6.01 54.37 22.97
CA LYS F 108 5.64 55.68 22.42
C LYS F 108 4.33 56.21 23.03
N LEU F 109 3.37 55.32 23.26
CA LEU F 109 2.11 55.73 23.87
C LEU F 109 2.30 56.24 25.28
N LEU F 110 3.08 55.51 26.09
CA LEU F 110 3.36 55.97 27.43
C LEU F 110 4.12 57.30 27.42
N GLU F 111 4.95 57.53 26.40
CA GLU F 111 5.56 58.84 26.25
C GLU F 111 4.50 59.91 25.98
N LYS F 112 3.49 59.59 25.16
CA LYS F 112 2.51 60.59 24.77
C LYS F 112 1.54 60.93 25.90
N TYR F 113 1.04 59.92 26.61
CA TYR F 113 0.08 60.12 27.70
C TYR F 113 0.73 59.73 29.02
N PRO F 114 1.37 60.66 29.73
CA PRO F 114 2.04 60.29 30.99
C PRO F 114 1.10 59.72 32.04
N HIS F 115 -0.13 60.22 32.12
CA HIS F 115 -1.03 59.80 33.19
C HIS F 115 -1.38 58.32 33.10
N LEU F 116 -1.15 57.68 31.96
CA LEU F 116 -1.38 56.25 31.84
C LEU F 116 -0.46 55.45 32.76
N GLU F 117 0.67 56.02 33.16
CA GLU F 117 1.63 55.34 34.03
C GLU F 117 1.68 55.91 35.43
N GLN F 118 1.55 57.22 35.59
CA GLN F 118 1.71 57.85 36.89
C GLN F 118 0.48 57.73 37.77
N VAL F 119 -0.67 57.33 37.23
CA VAL F 119 -1.90 57.22 38.00
C VAL F 119 -2.43 55.80 37.94
N TYR F 120 -2.72 55.32 36.73
CA TYR F 120 -3.27 53.99 36.57
C TYR F 120 -2.23 52.90 36.81
N GLY F 121 -1.03 53.07 36.27
CA GLY F 121 0.05 52.14 36.51
C GLY F 121 0.29 51.12 35.42
N TYR F 122 0.32 51.56 34.17
CA TYR F 122 0.53 50.69 33.03
C TYR F 122 1.97 50.83 32.54
N LYS F 123 2.62 49.70 32.30
CA LYS F 123 3.99 49.66 31.80
C LYS F 123 3.98 49.21 30.34
N PHE F 124 5.12 49.40 29.67
CA PHE F 124 5.18 49.11 28.25
C PHE F 124 5.21 47.61 27.94
N ASN F 125 5.32 46.76 28.95
CA ASN F 125 5.26 45.32 28.72
C ASN F 125 3.83 44.80 28.59
N ASP F 126 2.84 45.53 29.14
CA ASP F 126 1.46 45.08 29.05
C ASP F 126 0.96 45.09 27.61
N PHE F 127 1.32 46.11 26.83
CA PHE F 127 0.94 46.15 25.43
C PHE F 127 1.55 44.97 24.66
N GLY F 128 2.82 44.68 24.92
CA GLY F 128 3.44 43.54 24.29
C GLY F 128 2.77 42.23 24.66
N ALA F 129 2.39 42.08 25.93
CA ALA F 129 1.69 40.88 26.35
C ALA F 129 0.34 40.74 25.66
N ILE F 130 -0.42 41.83 25.56
CA ILE F 130 -1.73 41.77 24.92
C ILE F 130 -1.59 41.38 23.46
N VAL F 131 -0.66 42.04 22.75
CA VAL F 131 -0.51 41.77 21.33
C VAL F 131 0.04 40.37 21.08
N ALA F 132 0.96 39.91 21.93
CA ALA F 132 1.50 38.55 21.80
C ALA F 132 0.41 37.50 22.04
N ALA F 133 -0.39 37.68 23.09
CA ALA F 133 -1.47 36.73 23.35
C ALA F 133 -2.50 36.71 22.23
N ALA F 134 -2.87 37.88 21.73
CA ALA F 134 -3.83 37.93 20.63
C ALA F 134 -3.27 37.31 19.36
N ALA F 135 -1.98 37.53 19.09
CA ALA F 135 -1.38 37.00 17.87
C ALA F 135 -1.14 35.51 17.95
N LEU F 136 -0.92 34.98 19.15
CA LEU F 136 -0.76 33.53 19.30
C LEU F 136 -2.04 32.79 18.96
N ALA F 137 -3.19 33.35 19.30
CA ALA F 137 -4.49 32.70 19.10
C ALA F 137 -5.22 33.22 17.87
N HIS F 138 -4.58 34.03 17.03
CA HIS F 138 -5.28 34.70 15.94
C HIS F 138 -5.81 33.75 14.89
N ASP F 139 -5.40 32.49 14.91
CA ASP F 139 -5.59 31.62 13.75
C ASP F 139 -6.08 30.25 14.19
N ILE F 140 -6.62 30.15 15.41
CA ILE F 140 -6.94 28.90 16.08
C ILE F 140 -8.22 28.25 15.60
N GLY F 141 -9.12 28.99 14.98
CA GLY F 141 -10.36 28.44 14.50
C GLY F 141 -10.34 27.89 13.09
N ASN F 142 -9.17 27.85 12.46
CA ASN F 142 -9.09 27.44 11.08
C ASN F 142 -9.33 25.94 10.94
N PRO F 143 -10.04 25.51 9.90
CA PRO F 143 -10.27 24.09 9.68
C PRO F 143 -9.09 23.44 8.99
N PRO F 144 -9.08 22.11 8.89
CA PRO F 144 -8.07 21.45 8.05
C PRO F 144 -8.17 21.87 6.60
N PHE F 145 -7.02 21.84 5.93
CA PHE F 145 -6.83 22.15 4.51
C PHE F 145 -6.95 23.64 4.21
N GLY F 146 -6.98 24.50 5.22
CA GLY F 146 -6.81 25.93 4.99
C GLY F 146 -8.03 26.59 4.36
N ALA F 147 -7.76 27.49 3.41
CA ALA F 147 -8.82 28.25 2.78
C ALA F 147 -9.76 27.34 2.00
N SER F 148 -9.21 26.36 1.30
CA SER F 148 -10.04 25.41 0.56
C SER F 148 -11.00 24.67 1.49
N GLY F 149 -10.60 24.43 2.73
CA GLY F 149 -11.50 23.80 3.68
C GLY F 149 -12.70 24.66 4.01
N GLU F 150 -12.47 25.95 4.25
CA GLU F 150 -13.59 26.86 4.51
C GLU F 150 -14.52 26.94 3.30
N LYS F 151 -13.93 27.01 2.10
CA LYS F 151 -14.76 27.04 0.90
C LYS F 151 -15.58 25.77 0.75
N ALA F 152 -15.00 24.62 1.08
CA ALA F 152 -15.74 23.36 0.99
C ALA F 152 -16.89 23.31 1.99
N ILE F 153 -16.65 23.75 3.23
CA ILE F 153 -17.70 23.74 4.24
C ILE F 153 -18.84 24.67 3.82
N GLY F 154 -18.52 25.81 3.22
CA GLY F 154 -19.57 26.68 2.71
C GLY F 154 -20.32 26.08 1.54
N GLU F 155 -19.60 25.49 0.58
CA GLU F 155 -20.26 24.93 -0.59
C GLU F 155 -21.15 23.75 -0.25
N PHE F 156 -20.84 23.05 0.84
CA PHE F 156 -21.70 21.94 1.27
C PHE F 156 -23.11 22.43 1.59
N PHE F 157 -23.23 23.54 2.30
CA PHE F 157 -24.54 24.09 2.59
C PHE F 157 -25.13 24.85 1.41
N LYS F 158 -24.27 25.41 0.55
CA LYS F 158 -24.77 26.20 -0.57
C LYS F 158 -25.37 25.32 -1.67
N ASN F 159 -24.56 24.44 -2.26
CA ASN F 159 -24.98 23.63 -3.40
C ASN F 159 -24.81 22.14 -3.13
N GLY F 160 -25.05 21.71 -1.91
CA GLY F 160 -24.89 20.32 -1.54
C GLY F 160 -26.08 19.82 -0.73
N TYR F 161 -25.81 18.86 0.15
CA TYR F 161 -26.85 18.28 0.97
C TYR F 161 -27.47 19.32 1.89
N GLY F 162 -26.65 20.04 2.65
CA GLY F 162 -27.11 20.99 3.65
C GLY F 162 -28.10 22.03 3.15
N LYS F 163 -28.19 22.16 1.83
CA LYS F 163 -29.16 23.07 1.23
C LYS F 163 -30.56 22.81 1.73
N ARG F 164 -30.87 21.56 2.07
CA ARG F 164 -32.23 21.23 2.50
C ARG F 164 -32.64 22.01 3.74
N TYR F 165 -31.71 22.54 4.52
CA TYR F 165 -32.05 23.24 5.74
C TYR F 165 -32.36 24.71 5.52
N LYS F 166 -32.28 25.21 4.28
CA LYS F 166 -32.43 26.64 4.05
C LYS F 166 -33.77 27.17 4.55
N ASP F 167 -34.83 26.41 4.35
CA ASP F 167 -36.16 26.87 4.75
C ASP F 167 -36.38 26.85 6.26
N SER F 168 -35.50 26.22 7.03
CA SER F 168 -35.73 26.04 8.46
C SER F 168 -34.91 27.00 9.32
N LEU F 169 -34.21 27.95 8.72
CA LEU F 169 -33.29 28.81 9.45
C LEU F 169 -33.52 30.26 9.08
N THR F 170 -33.20 31.16 10.02
CA THR F 170 -33.22 32.58 9.77
C THR F 170 -32.12 32.96 8.77
N ALA F 171 -32.31 33.99 7.95
CA ALA F 171 -31.34 34.49 6.98
C ALA F 171 -29.97 34.83 7.55
N LYS F 172 -29.92 35.18 8.81
CA LYS F 172 -28.67 35.48 9.46
C LYS F 172 -28.00 34.17 9.83
N GLU F 173 -28.78 33.15 10.09
CA GLU F 173 -28.25 31.85 10.47
C GLU F 173 -27.76 31.09 9.27
N TYR F 174 -28.41 31.26 8.14
CA TYR F 174 -28.03 30.66 6.86
C TYR F 174 -26.78 31.32 6.29
N GLN F 175 -26.68 32.64 6.42
CA GLN F 175 -25.47 33.33 5.97
C GLN F 175 -24.26 32.98 6.84
N ASP F 176 -24.50 32.67 8.11
CA ASP F 176 -23.42 32.09 8.91
C ASP F 176 -22.97 30.76 8.33
N LEU F 177 -23.92 29.93 7.91
CA LEU F 177 -23.57 28.58 7.47
C LEU F 177 -22.86 28.59 6.11
N ILE F 178 -23.30 29.44 5.19
CA ILE F 178 -22.77 29.39 3.83
C ILE F 178 -21.55 30.27 3.60
N LYS F 179 -21.14 31.04 4.60
CA LYS F 179 -19.94 31.86 4.51
C LYS F 179 -19.08 31.64 5.74
N PHE F 180 -18.87 30.38 6.07
CA PHE F 180 -18.11 29.98 7.25
C PHE F 180 -16.69 30.50 7.18
N GLU F 181 -16.26 31.26 8.18
CA GLU F 181 -14.86 31.63 8.31
C GLU F 181 -14.32 31.21 9.66
N GLY F 182 -13.00 31.12 9.72
CA GLY F 182 -12.29 30.70 10.91
C GLY F 182 -12.17 31.74 12.00
N ASN F 183 -12.48 32.97 11.63
CA ASN F 183 -12.48 34.06 12.54
C ASN F 183 -13.57 33.97 13.60
N ALA F 184 -14.80 33.64 13.23
CA ALA F 184 -15.93 33.38 14.12
C ALA F 184 -15.74 32.08 14.88
N ASN F 185 -15.22 31.04 14.21
CA ASN F 185 -14.95 29.78 14.88
C ASN F 185 -13.89 29.94 15.96
N GLY F 186 -12.89 30.78 15.71
CA GLY F 186 -11.88 31.03 16.73
C GLY F 186 -12.45 31.73 17.96
N PHE F 187 -13.31 32.72 17.76
CA PHE F 187 -13.95 33.36 18.90
C PHE F 187 -14.79 32.35 19.69
N LYS F 188 -15.55 31.52 19.01
CA LYS F 188 -16.34 30.52 19.67
C LYS F 188 -15.47 29.56 20.44
N VAL F 189 -14.37 29.09 19.86
CA VAL F 189 -13.48 28.17 20.55
C VAL F 189 -12.90 28.83 21.80
N LEU F 190 -12.56 30.11 21.71
CA LEU F 190 -11.98 30.79 22.86
C LEU F 190 -13.00 31.02 23.99
N SER F 191 -14.28 31.17 23.66
CA SER F 191 -15.26 31.57 24.66
C SER F 191 -16.41 30.57 24.78
N GLN F 192 -16.11 29.28 24.84
CA GLN F 192 -17.12 28.24 24.82
C GLN F 192 -17.45 27.77 26.23
N SER F 193 -18.73 27.82 26.58
CA SER F 193 -19.20 27.39 27.90
C SER F 193 -19.56 25.91 27.87
N LYS F 194 -19.10 25.18 28.87
CA LYS F 194 -19.38 23.76 29.04
C LYS F 194 -19.79 23.52 30.48
N PRO F 195 -20.51 22.44 30.77
CA PRO F 195 -20.91 22.16 32.16
C PRO F 195 -19.70 22.05 33.08
N GLY F 196 -19.67 22.91 34.09
CA GLY F 196 -18.58 22.95 35.03
C GLY F 196 -17.45 23.89 34.68
N ALA F 197 -17.47 24.48 33.49
CA ALA F 197 -16.41 25.39 33.07
C ALA F 197 -17.04 26.47 32.20
N GLN F 198 -17.41 27.58 32.83
CA GLN F 198 -18.01 28.71 32.13
C GLN F 198 -16.92 29.63 31.60
N GLY F 199 -17.13 30.14 30.40
CA GLY F 199 -16.22 31.08 29.79
C GLY F 199 -15.10 30.48 28.97
N GLY F 200 -15.00 29.17 28.91
CA GLY F 200 -13.94 28.54 28.14
C GLY F 200 -12.58 28.82 28.77
N LEU F 201 -11.69 29.41 27.99
CA LEU F 201 -10.36 29.73 28.48
C LEU F 201 -10.33 30.96 29.39
N ARG F 202 -11.39 31.77 29.37
CA ARG F 202 -11.55 32.90 30.27
C ARG F 202 -10.40 33.90 30.15
N LEU F 203 -10.16 34.36 28.93
CA LEU F 203 -9.13 35.34 28.67
C LEU F 203 -9.65 36.75 28.99
N SER F 204 -8.72 37.68 29.10
CA SER F 204 -9.06 39.04 29.46
C SER F 204 -9.76 39.73 28.31
N TYR F 205 -10.53 40.77 28.63
CA TYR F 205 -11.34 41.43 27.62
C TYR F 205 -10.48 42.20 26.62
N ALA F 206 -9.34 42.73 27.08
CA ALA F 206 -8.42 43.40 26.16
C ALA F 206 -7.90 42.43 25.10
N THR F 207 -7.56 41.21 25.51
CA THR F 207 -7.08 40.22 24.55
C THR F 207 -8.17 39.86 23.55
N LEU F 208 -9.41 39.73 24.00
CA LEU F 208 -10.51 39.42 23.09
C LEU F 208 -10.75 40.57 22.11
N GLY F 209 -10.62 41.81 22.58
CA GLY F 209 -10.78 42.94 21.68
C GLY F 209 -9.67 43.03 20.64
N ALA F 210 -8.42 42.78 21.05
CA ALA F 210 -7.31 42.78 20.11
C ALA F 210 -7.37 41.59 19.16
N PHE F 211 -8.03 40.51 19.54
CA PHE F 211 -8.15 39.35 18.67
C PHE F 211 -9.15 39.58 17.55
N MET F 212 -10.20 40.37 17.78
CA MET F 212 -11.27 40.57 16.82
C MET F 212 -10.89 41.67 15.82
N LYS F 213 -11.04 41.35 14.53
CA LYS F 213 -10.73 42.28 13.45
C LYS F 213 -11.96 42.68 12.62
N TYR F 214 -13.04 41.90 12.72
CA TYR F 214 -14.28 42.21 12.00
C TYR F 214 -15.42 42.19 13.01
N PRO F 215 -15.62 43.27 13.76
CA PRO F 215 -16.68 43.28 14.79
C PRO F 215 -18.07 43.53 14.20
N LYS F 216 -18.57 42.55 13.47
CA LYS F 216 -19.88 42.66 12.84
C LYS F 216 -20.44 41.26 12.59
N GLU F 217 -21.75 41.21 12.31
CA GLU F 217 -22.43 39.97 12.00
C GLU F 217 -22.31 39.64 10.51
N SER F 218 -22.96 38.56 10.10
CA SER F 218 -22.85 38.06 8.74
C SER F 218 -23.78 38.77 7.75
N LEU F 219 -24.69 39.61 8.22
CA LEU F 219 -25.54 40.39 7.34
C LEU F 219 -25.59 41.83 7.83
N PRO F 220 -25.51 42.83 6.93
CA PRO F 220 -25.38 42.70 5.48
C PRO F 220 -24.00 42.29 5.01
N HIS F 221 -23.91 41.75 3.80
CA HIS F 221 -22.66 41.26 3.24
C HIS F 221 -21.95 42.40 2.52
N LYS F 222 -20.76 42.76 3.00
CA LYS F 222 -19.90 43.79 2.43
C LYS F 222 -20.65 45.10 2.24
N PRO F 223 -21.06 45.77 3.32
CA PRO F 223 -21.80 47.03 3.16
C PRO F 223 -20.98 48.17 2.56
N SER F 224 -19.66 48.10 2.58
CA SER F 224 -18.83 49.21 2.14
C SER F 224 -17.46 48.71 1.73
N ASP F 225 -16.52 49.64 1.56
CA ASP F 225 -15.14 49.34 1.20
C ASP F 225 -14.19 49.48 2.37
N HIS F 226 -14.73 49.54 3.59
CA HIS F 226 -13.90 49.59 4.79
C HIS F 226 -13.13 48.29 4.97
N ILE F 227 -11.96 48.38 5.61
CA ILE F 227 -11.16 47.19 5.86
C ILE F 227 -11.84 46.29 6.88
N ALA F 228 -12.60 46.87 7.80
CA ALA F 228 -13.25 46.12 8.87
C ALA F 228 -14.61 45.57 8.47
N ASP F 229 -14.90 45.50 7.16
CA ASP F 229 -16.19 45.05 6.68
C ASP F 229 -16.08 43.93 5.64
N LYS F 230 -14.90 43.34 5.48
CA LYS F 230 -14.73 42.30 4.47
C LYS F 230 -15.46 41.02 4.87
N LYS F 231 -15.43 40.66 6.15
CA LYS F 231 -16.04 39.43 6.64
C LYS F 231 -16.74 39.74 7.96
N TYR F 232 -17.08 38.71 8.72
CA TYR F 232 -17.69 38.87 10.02
C TYR F 232 -16.86 38.14 11.07
N GLY F 233 -17.13 38.46 12.34
CA GLY F 233 -16.27 38.01 13.41
C GLY F 233 -16.90 37.11 14.46
N PHE F 234 -18.22 37.07 14.54
CA PHE F 234 -18.88 36.19 15.49
C PHE F 234 -20.17 35.63 14.91
N PHE F 235 -20.55 34.46 15.41
CA PHE F 235 -21.79 33.80 15.04
C PHE F 235 -22.95 34.38 15.84
N GLN F 236 -24.16 33.94 15.50
CA GLN F 236 -25.34 34.37 16.23
C GLN F 236 -25.34 33.84 17.65
N SER F 237 -24.99 32.57 17.83
CA SER F 237 -25.02 31.97 19.17
C SER F 237 -24.06 32.65 20.12
N GLU F 238 -22.97 33.23 19.60
CA GLU F 238 -22.02 33.96 20.43
C GLU F 238 -22.30 35.46 20.46
N ARG F 239 -23.28 35.94 19.70
CA ARG F 239 -23.46 37.38 19.50
C ARG F 239 -23.57 38.11 20.83
N ALA F 240 -24.48 37.65 21.70
CA ALA F 240 -24.68 38.30 22.99
C ALA F 240 -23.37 38.45 23.74
N LEU F 241 -22.53 37.41 23.75
CA LEU F 241 -21.26 37.47 24.44
C LEU F 241 -20.47 38.68 24.00
N PHE F 242 -20.30 38.86 22.68
CA PHE F 242 -19.46 39.95 22.22
C PHE F 242 -20.01 41.29 22.65
N GLU F 243 -21.34 41.44 22.69
CA GLU F 243 -21.92 42.69 23.14
C GLU F 243 -21.35 43.09 24.49
N ASP F 244 -21.32 42.14 25.43
CA ASP F 244 -20.73 42.40 26.73
C ASP F 244 -19.33 42.97 26.60
N VAL F 245 -18.49 42.28 25.83
CA VAL F 245 -17.12 42.74 25.63
C VAL F 245 -17.13 44.15 25.05
N ALA F 246 -17.94 44.35 24.01
CA ALA F 246 -17.98 45.65 23.35
C ALA F 246 -18.52 46.73 24.27
N GLN F 247 -19.29 46.35 25.29
CA GLN F 247 -19.74 47.34 26.26
C GLN F 247 -18.62 47.72 27.22
N GLU F 248 -17.77 46.75 27.59
CA GLU F 248 -16.75 46.99 28.60
C GLU F 248 -15.58 47.81 28.05
N LEU F 249 -15.19 47.57 26.80
CA LEU F 249 -14.05 48.25 26.23
C LEU F 249 -14.38 49.65 25.71
N GLY F 250 -15.67 50.00 25.66
CA GLY F 250 -16.04 51.28 25.09
C GLY F 250 -15.79 51.40 23.60
N LEU F 251 -16.06 50.36 22.84
CA LEU F 251 -15.96 50.45 21.39
C LEU F 251 -17.08 51.31 20.84
N LEU F 252 -16.83 51.87 19.65
CA LEU F 252 -17.74 52.84 19.05
C LEU F 252 -18.67 52.16 18.07
N LYS F 253 -19.97 52.42 18.22
CA LYS F 253 -20.97 51.77 17.39
C LYS F 253 -20.94 52.30 15.97
N ARG F 254 -21.38 51.46 15.03
CA ARG F 254 -21.47 51.85 13.63
C ARG F 254 -22.74 51.33 12.97
N SER F 255 -23.69 50.80 13.75
CA SER F 255 -24.85 50.11 13.21
C SER F 255 -25.74 51.02 12.37
N THR F 256 -26.35 52.02 13.02
CA THR F 256 -27.36 52.87 12.38
C THR F 256 -28.48 52.04 11.76
N THR F 257 -28.68 50.82 12.26
CA THR F 257 -29.67 49.90 11.75
C THR F 257 -29.99 48.88 12.83
N ASP F 258 -30.67 47.80 12.45
CA ASP F 258 -30.98 46.72 13.39
C ASP F 258 -29.89 45.67 13.48
N ASP F 259 -28.86 45.76 12.64
CA ASP F 259 -27.72 44.84 12.68
C ASP F 259 -26.54 45.55 13.33
N VAL F 260 -25.95 44.90 14.33
CA VAL F 260 -24.94 45.54 15.17
C VAL F 260 -23.57 45.46 14.49
N SER F 261 -22.78 46.52 14.65
CA SER F 261 -21.40 46.55 14.21
C SER F 261 -20.68 47.65 14.98
N TRP F 262 -19.41 47.40 15.31
CA TRP F 262 -18.60 48.30 16.11
C TRP F 262 -17.32 48.64 15.39
N SER F 263 -16.57 49.58 15.96
CA SER F 263 -15.26 49.92 15.43
C SER F 263 -14.20 48.97 15.98
N ARG F 264 -13.05 48.95 15.30
CA ARG F 264 -11.98 48.05 15.66
C ARG F 264 -11.25 48.50 16.93
N HIS F 265 -10.75 47.53 17.68
CA HIS F 265 -9.79 47.83 18.74
C HIS F 265 -8.46 48.25 18.11
N PRO F 266 -7.82 49.30 18.63
CA PRO F 266 -6.59 49.79 17.99
C PRO F 266 -5.47 48.77 17.87
N LEU F 267 -5.31 47.86 18.84
CA LEU F 267 -4.25 46.88 18.78
C LEU F 267 -4.53 45.76 17.77
N ALA F 268 -5.78 45.64 17.32
CA ALA F 268 -6.08 44.69 16.26
C ALA F 268 -5.35 45.07 14.96
N TYR F 269 -5.11 46.37 14.75
CA TYR F 269 -4.30 46.80 13.61
C TYR F 269 -2.89 46.23 13.70
N LEU F 270 -2.28 46.27 14.88
CA LEU F 270 -0.95 45.72 15.07
C LEU F 270 -0.93 44.20 14.86
N VAL F 271 -1.96 43.51 15.35
CA VAL F 271 -2.06 42.07 15.13
C VAL F 271 -2.11 41.76 13.63
N GLU F 272 -2.95 42.50 12.89
CA GLU F 272 -3.07 42.29 11.46
C GLU F 272 -1.76 42.60 10.73
N ALA F 273 -1.07 43.67 11.15
CA ALA F 273 0.19 44.03 10.52
C ALA F 273 1.23 42.93 10.70
N ALA F 274 1.33 42.38 11.91
CA ALA F 274 2.28 41.30 12.16
C ALA F 274 1.96 40.07 11.34
N ASP F 275 0.67 39.68 11.29
CA ASP F 275 0.26 38.53 10.49
C ASP F 275 0.68 38.72 9.03
N ASP F 276 0.38 39.89 8.48
CA ASP F 276 0.66 40.17 7.07
C ASP F 276 2.15 40.12 6.78
N ILE F 277 2.96 40.81 7.60
CA ILE F 277 4.40 40.83 7.39
C ILE F 277 4.94 39.41 7.37
N CYS F 278 4.58 38.63 8.39
CA CYS F 278 5.15 37.30 8.54
C CYS F 278 4.81 36.42 7.35
N TYR F 279 3.53 36.32 7.00
CA TYR F 279 3.20 35.36 5.95
C TYR F 279 3.71 35.84 4.60
N THR F 280 3.69 37.16 4.33
CA THR F 280 4.18 37.66 3.06
C THR F 280 5.65 37.33 2.85
N ILE F 281 6.50 37.53 3.86
CA ILE F 281 7.92 37.25 3.65
C ILE F 281 8.21 35.75 3.68
N ILE F 282 7.63 35.02 4.64
CA ILE F 282 8.01 33.63 4.82
C ILE F 282 7.50 32.74 3.69
N ASP F 283 6.39 33.11 3.06
CA ASP F 283 5.88 32.33 1.94
C ASP F 283 6.90 32.38 0.80
N PHE F 284 7.40 33.58 0.52
CA PHE F 284 8.42 33.78 -0.51
C PHE F 284 9.67 32.97 -0.20
N GLU F 285 10.15 33.05 1.04
CA GLU F 285 11.35 32.31 1.41
C GLU F 285 11.16 30.81 1.26
N ASP F 286 10.02 30.30 1.70
CA ASP F 286 9.74 28.86 1.61
C ASP F 286 9.63 28.42 0.16
N GLY F 287 9.02 29.23 -0.69
CA GLY F 287 8.96 28.90 -2.10
C GLY F 287 10.34 28.86 -2.75
N ILE F 288 11.21 29.78 -2.34
CA ILE F 288 12.58 29.76 -2.86
C ILE F 288 13.30 28.49 -2.41
N ASN F 289 13.17 28.12 -1.12
CA ASN F 289 13.87 26.94 -0.62
C ASN F 289 13.34 25.64 -1.20
N LEU F 290 12.09 25.62 -1.67
CA LEU F 290 11.50 24.40 -2.22
C LEU F 290 11.89 24.15 -3.65
N GLY F 291 12.41 25.15 -4.36
CA GLY F 291 12.74 25.02 -5.76
C GLY F 291 11.69 25.55 -6.72
N LEU F 292 10.61 26.16 -6.21
CA LEU F 292 9.57 26.70 -7.07
C LEU F 292 9.86 28.13 -7.53
N ILE F 293 10.80 28.83 -6.90
CA ILE F 293 11.17 30.18 -7.31
C ILE F 293 12.68 30.25 -7.47
N PRO F 294 13.17 30.81 -8.58
CA PRO F 294 14.62 31.00 -8.72
C PRO F 294 15.17 31.97 -7.69
N GLU F 295 16.43 31.74 -7.31
CA GLU F 295 17.07 32.53 -6.26
C GLU F 295 17.29 33.97 -6.68
N GLU F 296 17.40 34.23 -8.00
CA GLU F 296 17.68 35.59 -8.45
C GLU F 296 16.60 36.56 -7.99
N TYR F 297 15.34 36.15 -8.08
CA TYR F 297 14.24 37.00 -7.64
C TYR F 297 14.43 37.44 -6.19
N ALA F 298 15.08 36.61 -5.39
CA ALA F 298 15.29 36.94 -3.98
C ALA F 298 15.99 38.27 -3.82
N LEU F 299 16.88 38.62 -4.75
CA LEU F 299 17.53 39.92 -4.71
C LEU F 299 16.90 40.93 -5.65
N GLU F 300 16.07 40.49 -6.60
CA GLU F 300 15.42 41.43 -7.50
C GLU F 300 14.31 42.20 -6.80
N TYR F 301 13.64 41.58 -5.84
CA TYR F 301 12.48 42.17 -5.19
C TYR F 301 12.73 42.64 -3.77
N MET F 302 13.85 42.23 -3.16
CA MET F 302 14.05 42.44 -1.74
C MET F 302 15.09 43.52 -1.44
N VAL F 303 15.88 43.92 -2.44
CA VAL F 303 17.04 44.77 -2.20
C VAL F 303 16.63 46.10 -1.60
N LYS F 304 15.58 46.73 -2.15
CA LYS F 304 15.14 48.01 -1.64
C LYS F 304 14.71 47.91 -0.18
N LEU F 305 14.25 46.74 0.24
CA LEU F 305 13.89 46.54 1.64
C LEU F 305 15.11 46.36 2.53
N VAL F 306 16.18 45.76 2.00
CA VAL F 306 17.35 45.41 2.78
C VAL F 306 18.57 46.22 2.42
N GLY F 307 18.48 47.11 1.42
CA GLY F 307 19.65 47.81 0.94
C GLY F 307 20.26 48.77 1.93
N GLN F 308 19.50 49.21 2.93
CA GLN F 308 19.98 50.21 3.86
C GLN F 308 20.70 49.63 5.07
N THR F 309 20.72 48.30 5.23
CA THR F 309 21.37 47.69 6.37
C THR F 309 22.13 46.42 6.03
N ILE F 310 22.21 46.03 4.76
CA ILE F 310 22.87 44.79 4.38
C ILE F 310 24.38 44.96 4.44
N ASP F 311 25.06 43.96 5.00
CA ASP F 311 26.52 43.91 4.99
C ASP F 311 26.95 43.04 3.82
N ARG F 312 27.65 43.65 2.85
CA ARG F 312 27.95 42.96 1.61
C ARG F 312 28.97 41.85 1.80
N ASN F 313 29.96 42.05 2.68
CA ASN F 313 30.96 41.03 2.92
C ASN F 313 30.33 39.77 3.52
N LYS F 314 29.45 39.95 4.50
CA LYS F 314 28.77 38.81 5.11
C LYS F 314 27.88 38.10 4.11
N TYR F 315 27.18 38.86 3.26
CA TYR F 315 26.34 38.25 2.24
C TYR F 315 27.15 37.44 1.25
N ASN F 316 28.31 37.96 0.84
CA ASN F 316 29.15 37.27 -0.12
C ASN F 316 29.91 36.09 0.47
N ALA F 317 30.15 36.09 1.78
CA ALA F 317 30.86 34.99 2.41
C ALA F 317 30.03 33.72 2.56
N LEU F 318 28.70 33.83 2.49
CA LEU F 318 27.84 32.67 2.62
C LEU F 318 27.89 31.81 1.36
N GLN F 319 27.61 30.52 1.52
CA GLN F 319 27.83 29.56 0.44
C GLN F 319 26.64 28.69 0.14
N GLU F 320 25.46 28.97 0.71
CA GLU F 320 24.26 28.20 0.42
C GLU F 320 23.08 29.15 0.30
N THR F 321 22.08 28.72 -0.46
CA THR F 321 20.88 29.54 -0.67
C THR F 321 20.14 29.80 0.64
N SER F 322 20.12 28.79 1.52
CA SER F 322 19.38 28.91 2.77
C SER F 322 19.90 30.04 3.63
N ASP F 323 21.22 30.15 3.76
CA ASP F 323 21.80 31.22 4.58
C ASP F 323 21.47 32.59 4.02
N ARG F 324 21.58 32.76 2.70
CA ARG F 324 21.32 34.06 2.09
C ARG F 324 19.86 34.47 2.26
N VAL F 325 18.94 33.53 2.01
CA VAL F 325 17.53 33.88 2.14
C VAL F 325 17.17 34.16 3.60
N SER F 326 17.78 33.43 4.54
CA SER F 326 17.50 33.72 5.95
C SER F 326 17.99 35.11 6.35
N TYR F 327 19.18 35.48 5.90
CA TYR F 327 19.69 36.82 6.15
C TYR F 327 18.76 37.89 5.60
N LEU F 328 18.34 37.73 4.35
CA LEU F 328 17.45 38.70 3.73
C LEU F 328 16.13 38.78 4.48
N ARG F 329 15.59 37.63 4.91
CA ARG F 329 14.33 37.59 5.64
C ARG F 329 14.44 38.37 6.95
N ALA F 330 15.52 38.16 7.70
CA ALA F 330 15.69 38.89 8.95
C ALA F 330 15.73 40.39 8.73
N LEU F 331 16.53 40.83 7.76
CA LEU F 331 16.64 42.28 7.51
C LEU F 331 15.30 42.87 7.09
N ALA F 332 14.57 42.18 6.20
CA ALA F 332 13.29 42.69 5.74
C ALA F 332 12.29 42.79 6.88
N ILE F 333 12.25 41.79 7.76
CA ILE F 333 11.30 41.84 8.87
C ILE F 333 11.60 43.02 9.77
N GLY F 334 12.88 43.27 10.05
CA GLY F 334 13.21 44.43 10.88
C GLY F 334 12.76 45.74 10.27
N THR F 335 13.05 45.92 8.97
CA THR F 335 12.67 47.16 8.30
C THR F 335 11.15 47.37 8.32
N LEU F 336 10.40 46.32 8.00
CA LEU F 336 8.95 46.45 7.96
C LEU F 336 8.36 46.73 9.33
N ILE F 337 8.94 46.13 10.38
CA ILE F 337 8.45 46.39 11.73
C ILE F 337 8.62 47.86 12.08
N ASN F 338 9.80 48.42 11.79
CA ASN F 338 10.03 49.83 12.10
C ASN F 338 9.06 50.74 11.33
N GLU F 339 8.87 50.45 10.05
CA GLU F 339 7.96 51.27 9.24
C GLU F 339 6.53 51.19 9.76
N SER F 340 6.10 50.00 10.17
CA SER F 340 4.74 49.84 10.70
C SER F 340 4.56 50.63 11.99
N VAL F 341 5.56 50.63 12.86
CA VAL F 341 5.46 51.43 14.09
C VAL F 341 5.31 52.91 13.77
N ASP F 342 6.13 53.40 12.82
CA ASP F 342 6.03 54.81 12.43
C ASP F 342 4.66 55.14 11.87
N THR F 343 4.14 54.28 10.99
CA THR F 343 2.82 54.53 10.40
C THR F 343 1.73 54.55 11.46
N PHE F 344 1.77 53.61 12.40
CA PHE F 344 0.77 53.60 13.46
C PHE F 344 0.82 54.87 14.27
N MET F 345 2.02 55.30 14.66
CA MET F 345 2.11 56.50 15.47
C MET F 345 1.68 57.75 14.70
N LYS F 346 1.77 57.73 13.37
CA LYS F 346 1.34 58.88 12.58
C LYS F 346 -0.18 59.08 12.65
N TYR F 347 -0.95 58.02 12.41
CA TYR F 347 -2.40 58.11 12.29
C TYR F 347 -3.12 57.69 13.56
N GLU F 348 -2.56 57.97 14.73
CA GLU F 348 -3.12 57.45 15.97
C GLU F 348 -4.50 58.03 16.25
N GLU F 349 -4.67 59.35 16.06
CA GLU F 349 -5.93 59.99 16.41
C GLU F 349 -7.07 59.47 15.55
N GLU F 350 -6.82 59.24 14.26
CA GLU F 350 -7.86 58.72 13.38
C GLU F 350 -8.25 57.31 13.77
N ILE F 351 -7.28 56.48 14.16
CA ILE F 351 -7.59 55.13 14.60
C ILE F 351 -8.41 55.14 15.88
N LEU F 352 -8.05 56.02 16.82
CA LEU F 352 -8.82 56.14 18.05
C LEU F 352 -10.24 56.63 17.76
N ALA F 353 -10.39 57.55 16.82
CA ALA F 353 -11.71 58.08 16.47
C ALA F 353 -12.53 57.08 15.66
N GLY F 354 -11.89 56.18 14.93
CA GLY F 354 -12.59 55.18 14.15
C GLY F 354 -12.68 55.48 12.66
N THR F 355 -12.05 56.55 12.19
CA THR F 355 -12.17 56.96 10.79
C THR F 355 -11.14 56.32 9.87
N PHE F 356 -10.16 55.61 10.41
CA PHE F 356 -9.16 54.95 9.57
C PHE F 356 -9.81 53.82 8.79
N ASP F 357 -9.50 53.72 7.50
CA ASP F 357 -10.18 52.81 6.60
C ASP F 357 -9.27 51.78 5.94
N GLN F 358 -7.96 51.90 6.07
CA GLN F 358 -7.02 50.97 5.47
C GLN F 358 -6.23 50.26 6.57
N SER F 359 -5.39 49.33 6.14
CA SER F 359 -4.44 48.70 7.04
C SER F 359 -3.15 49.49 7.08
N LEU F 360 -2.34 49.24 8.12
CA LEU F 360 -1.06 49.94 8.25
C LEU F 360 -0.10 49.58 7.14
N ILE F 361 -0.31 48.45 6.46
CA ILE F 361 0.60 48.02 5.41
C ILE F 361 0.34 48.71 4.08
N ASP F 362 -0.87 49.25 3.88
CA ASP F 362 -1.18 49.97 2.65
C ASP F 362 -0.68 51.40 2.66
N LYS F 363 -0.29 51.93 3.81
CA LYS F 363 0.31 53.25 3.93
C LYS F 363 1.83 53.17 3.97
N SER F 364 2.40 52.20 3.27
CA SER F 364 3.84 51.93 3.29
C SER F 364 4.49 52.38 1.99
N ASN F 365 5.81 52.57 2.06
CA ASN F 365 6.60 53.00 0.92
C ASN F 365 7.04 51.85 0.03
N TYR F 366 6.88 50.61 0.47
CA TYR F 366 7.30 49.43 -0.27
C TYR F 366 6.10 48.60 -0.72
N GLN F 367 5.00 49.28 -1.05
CA GLN F 367 3.81 48.57 -1.48
C GLN F 367 4.00 47.85 -2.80
N ALA F 368 4.77 48.45 -3.73
CA ALA F 368 5.00 47.80 -5.02
C ALA F 368 5.78 46.50 -4.85
N GLN F 369 6.80 46.50 -3.99
CA GLN F 369 7.57 45.29 -3.76
C GLN F 369 6.73 44.19 -3.12
N ILE F 370 5.91 44.55 -2.14
CA ILE F 370 5.02 43.58 -1.51
C ILE F 370 4.05 43.01 -2.53
N THR F 371 3.49 43.88 -3.39
CA THR F 371 2.55 43.42 -4.40
C THR F 371 3.22 42.46 -5.37
N ASP F 372 4.45 42.77 -5.79
CA ASP F 372 5.17 41.88 -6.70
C ASP F 372 5.45 40.53 -6.04
N ILE F 373 5.86 40.53 -4.77
CA ILE F 373 6.12 39.28 -4.06
C ILE F 373 4.85 38.45 -3.97
N ILE F 374 3.73 39.09 -3.63
CA ILE F 374 2.47 38.36 -3.50
C ILE F 374 2.03 37.78 -4.84
N ASN F 375 2.16 38.56 -5.91
CA ASN F 375 1.75 38.08 -7.22
C ASN F 375 2.61 36.89 -7.67
N LEU F 376 3.91 36.97 -7.42
CA LEU F 376 4.77 35.83 -7.75
C LEU F 376 4.41 34.60 -6.93
N SER F 377 4.09 34.79 -5.65
CA SER F 377 3.67 33.66 -4.82
C SER F 377 2.39 33.03 -5.34
N ILE F 378 1.44 33.85 -5.77
CA ILE F 378 0.19 33.32 -6.32
C ILE F 378 0.48 32.53 -7.60
N GLU F 379 1.31 33.08 -8.48
CA GLU F 379 1.58 32.42 -9.75
C GLU F 379 2.33 31.10 -9.54
N ARG F 380 3.27 31.06 -8.61
CA ARG F 380 4.18 29.93 -8.51
C ARG F 380 3.81 28.90 -7.45
N ILE F 381 3.31 29.32 -6.29
CA ILE F 381 3.09 28.41 -5.17
C ILE F 381 1.63 27.99 -5.06
N TYR F 382 0.70 28.94 -5.08
CA TYR F 382 -0.70 28.60 -4.86
C TYR F 382 -1.26 27.76 -6.00
N ASN F 383 -0.73 27.94 -7.21
CA ASN F 383 -1.25 27.26 -8.38
C ASN F 383 -0.34 26.13 -8.87
N SER F 384 0.58 25.68 -8.03
CA SER F 384 1.41 24.53 -8.38
C SER F 384 0.57 23.25 -8.37
N ARG F 385 1.04 22.25 -9.11
CA ARG F 385 0.24 21.05 -9.34
C ARG F 385 -0.06 20.31 -8.04
N GLU F 386 0.96 20.13 -7.20
CA GLU F 386 0.76 19.36 -5.97
C GLU F 386 -0.26 20.02 -5.05
N VAL F 387 -0.18 21.35 -4.92
CA VAL F 387 -1.12 22.07 -4.07
C VAL F 387 -2.55 21.88 -4.57
N ILE F 388 -2.76 21.97 -5.88
CA ILE F 388 -4.09 21.78 -6.44
C ILE F 388 -4.59 20.36 -6.18
N GLU F 389 -3.71 19.37 -6.31
CA GLU F 389 -4.11 17.99 -6.03
C GLU F 389 -4.60 17.83 -4.60
N LYS F 390 -3.84 18.37 -3.64
CA LYS F 390 -4.23 18.25 -2.24
C LYS F 390 -5.55 18.97 -1.97
N GLU F 391 -5.75 20.15 -2.56
CA GLU F 391 -7.01 20.85 -2.34
C GLU F 391 -8.19 20.07 -2.90
N ILE F 392 -8.03 19.49 -4.09
CA ILE F 392 -9.11 18.70 -4.69
C ILE F 392 -9.47 17.53 -3.79
N ALA F 393 -8.46 16.85 -3.23
CA ALA F 393 -8.75 15.75 -2.32
C ALA F 393 -9.47 16.23 -1.05
N GLY F 394 -9.05 17.38 -0.53
CA GLY F 394 -9.66 17.88 0.69
C GLY F 394 -11.14 18.21 0.53
N TYR F 395 -11.51 18.70 -0.66
CA TYR F 395 -12.93 18.96 -0.93
C TYR F 395 -13.77 17.69 -0.70
N GLU F 396 -13.36 16.58 -1.29
CA GLU F 396 -14.08 15.31 -1.17
C GLU F 396 -14.11 14.84 0.28
N ILE F 397 -12.98 14.92 0.97
CA ILE F 397 -12.92 14.44 2.35
C ILE F 397 -13.91 15.20 3.23
N LEU F 398 -13.88 16.54 3.15
CA LEU F 398 -14.75 17.34 4.00
C LEU F 398 -16.22 17.12 3.65
N SER F 399 -16.54 17.01 2.36
CA SER F 399 -17.94 16.80 1.99
C SER F 399 -18.45 15.47 2.54
N THR F 400 -17.65 14.40 2.43
CA THR F 400 -18.09 13.10 2.94
C THR F 400 -18.36 13.15 4.44
N LEU F 401 -17.41 13.72 5.21
CA LEU F 401 -17.58 13.75 6.65
C LEU F 401 -18.80 14.57 7.07
N LEU F 402 -18.98 15.74 6.44
CA LEU F 402 -20.12 16.57 6.77
C LEU F 402 -21.44 15.88 6.44
N GLU F 403 -21.51 15.21 5.29
CA GLU F 403 -22.75 14.54 4.92
C GLU F 403 -23.08 13.42 5.89
N ALA F 404 -22.08 12.65 6.32
CA ALA F 404 -22.33 11.61 7.31
C ALA F 404 -22.87 12.18 8.61
N ARG F 405 -22.25 13.25 9.10
CA ARG F 405 -22.72 13.85 10.35
C ARG F 405 -24.15 14.37 10.21
N CYS F 406 -24.46 15.05 9.10
CA CYS F 406 -25.79 15.62 8.93
C CYS F 406 -26.85 14.54 8.81
N ARG F 407 -26.56 13.47 8.07
CA ARG F 407 -27.54 12.39 7.93
C ARG F 407 -27.77 11.69 9.27
N ALA F 408 -26.71 11.49 10.06
CA ALA F 408 -26.91 10.95 11.39
C ALA F 408 -27.75 11.89 12.25
N LEU F 409 -27.61 13.20 12.04
CA LEU F 409 -28.43 14.15 12.79
C LEU F 409 -29.91 14.04 12.42
N ASP F 410 -30.21 13.90 11.13
CA ASP F 410 -31.60 13.88 10.68
C ASP F 410 -32.37 12.70 11.28
N ASN F 411 -31.83 11.49 11.11
CA ASN F 411 -32.45 10.28 11.64
C ASN F 411 -31.53 9.66 12.67
N ASN F 412 -32.05 9.42 13.87
CA ASN F 412 -31.24 8.89 14.96
C ASN F 412 -31.74 7.55 15.46
N ASP F 413 -32.61 6.88 14.72
CA ASP F 413 -33.14 5.59 15.13
C ASP F 413 -32.46 4.40 14.45
N THR F 414 -31.81 4.61 13.31
CA THR F 414 -31.19 3.52 12.59
C THR F 414 -29.92 3.06 13.30
N HIS F 415 -29.54 1.80 13.02
CA HIS F 415 -28.32 1.24 13.58
C HIS F 415 -27.07 1.95 13.04
N TYR F 416 -27.09 2.27 11.74
CA TYR F 416 -25.94 2.92 11.11
C TYR F 416 -25.69 4.30 11.71
N ASN F 417 -26.75 5.06 11.96
CA ASN F 417 -26.58 6.39 12.54
C ASN F 417 -26.07 6.32 13.96
N GLN F 418 -26.49 5.30 14.73
CA GLN F 418 -25.92 5.09 16.06
C GLN F 418 -24.43 4.78 15.97
N LEU F 419 -24.03 3.95 15.00
CA LEU F 419 -22.60 3.68 14.81
C LEU F 419 -21.84 4.96 14.47
N ILE F 420 -22.40 5.78 13.58
CA ILE F 420 -21.75 7.02 13.18
C ILE F 420 -21.58 7.94 14.39
N GLN F 421 -22.63 8.05 15.22
CA GLN F 421 -22.54 8.87 16.41
C GLN F 421 -21.48 8.34 17.36
N GLN F 422 -21.40 7.02 17.52
CA GLN F 422 -20.40 6.46 18.42
C GLN F 422 -18.98 6.70 17.92
N LEU F 423 -18.77 6.64 16.60
CA LEU F 423 -17.43 6.85 16.07
C LEU F 423 -17.02 8.31 16.10
N LEU F 424 -17.85 9.19 15.55
CA LEU F 424 -17.41 10.56 15.28
C LEU F 424 -17.67 11.51 16.43
N ALA F 425 -18.87 11.49 17.02
CA ALA F 425 -19.25 12.44 18.06
C ALA F 425 -19.80 11.70 19.27
N PRO F 426 -18.93 11.20 20.15
CA PRO F 426 -19.40 10.61 21.43
C PRO F 426 -19.59 11.67 22.51
N GLU F 431 -30.54 18.04 23.69
CA GLU F 431 -31.39 19.21 23.82
C GLU F 431 -30.70 20.42 23.21
N LYS F 432 -31.03 20.72 21.96
CA LYS F 432 -30.51 21.89 21.26
C LYS F 432 -31.38 22.15 20.05
N SER F 433 -31.28 23.37 19.51
CA SER F 433 -32.01 23.73 18.30
C SER F 433 -31.27 23.20 17.08
N LEU F 434 -31.92 23.35 15.91
CA LEU F 434 -31.29 22.92 14.67
C LEU F 434 -30.03 23.73 14.36
N TYR F 435 -30.10 25.05 14.55
CA TYR F 435 -28.94 25.89 14.26
C TYR F 435 -27.77 25.55 15.17
N GLU F 436 -28.04 25.31 16.46
CA GLU F 436 -27.00 24.94 17.38
C GLU F 436 -26.35 23.61 16.99
N ASN F 437 -27.16 22.64 16.57
CA ASN F 437 -26.62 21.35 16.15
C ASN F 437 -25.76 21.48 14.90
N LEU F 438 -26.21 22.28 13.91
CA LEU F 438 -25.41 22.47 12.70
C LEU F 438 -24.08 23.17 13.01
N ILE F 439 -24.12 24.17 13.88
CA ILE F 439 -22.89 24.86 14.27
C ILE F 439 -21.96 23.90 15.00
N GLN F 440 -22.52 23.04 15.85
CA GLN F 440 -21.69 22.07 16.56
C GLN F 440 -21.03 21.09 15.58
N ILE F 441 -21.76 20.67 14.55
CA ILE F 441 -21.18 19.77 13.55
C ILE F 441 -20.02 20.46 12.82
N CYS F 442 -20.24 21.70 12.39
CA CYS F 442 -19.18 22.44 11.71
C CYS F 442 -17.97 22.60 12.62
N ALA F 443 -18.18 22.87 13.90
CA ALA F 443 -17.07 23.03 14.83
C ALA F 443 -16.32 21.72 15.05
N GLU F 444 -17.05 20.61 15.15
CA GLU F 444 -16.39 19.32 15.41
C GLU F 444 -15.58 18.86 14.20
N VAL F 445 -16.04 19.17 12.99
CA VAL F 445 -15.23 18.84 11.81
C VAL F 445 -13.96 19.67 11.77
N SER F 446 -14.02 20.93 12.21
CA SER F 446 -12.88 21.83 12.08
C SER F 446 -11.82 21.65 13.16
N THR F 447 -12.05 20.81 14.17
CA THR F 447 -11.01 20.53 15.17
C THR F 447 -10.06 19.44 14.74
N MET F 448 -10.33 18.77 13.63
CA MET F 448 -9.49 17.66 13.20
C MET F 448 -8.28 18.17 12.45
N THR F 449 -7.20 17.40 12.53
CA THR F 449 -6.03 17.65 11.70
C THR F 449 -6.25 17.05 10.32
N ASP F 450 -5.32 17.33 9.41
CA ASP F 450 -5.40 16.76 8.07
C ASP F 450 -5.28 15.25 8.12
N GLY F 451 -4.35 14.73 8.91
CA GLY F 451 -4.17 13.30 9.01
C GLY F 451 -5.36 12.59 9.63
N LYS F 452 -5.91 13.16 10.70
CA LYS F 452 -7.08 12.56 11.33
C LYS F 452 -8.28 12.55 10.39
N ALA F 453 -8.47 13.66 9.67
CA ALA F 453 -9.57 13.72 8.71
C ALA F 453 -9.40 12.69 7.60
N LEU F 454 -8.19 12.55 7.07
CA LEU F 454 -7.95 11.56 6.03
C LEU F 454 -8.15 10.13 6.54
N ARG F 455 -7.66 9.84 7.75
CA ARG F 455 -7.82 8.51 8.32
C ARG F 455 -9.30 8.18 8.55
N ASN F 456 -10.06 9.14 9.07
CA ASN F 456 -11.50 8.91 9.27
C ASN F 456 -12.22 8.73 7.95
N TYR F 457 -11.84 9.48 6.93
CA TYR F 457 -12.45 9.32 5.61
C TYR F 457 -12.18 7.93 5.06
N LYS F 458 -10.95 7.44 5.19
CA LYS F 458 -10.65 6.10 4.73
C LYS F 458 -11.41 5.04 5.52
N LYS F 459 -11.56 5.25 6.83
CA LYS F 459 -12.29 4.30 7.66
C LYS F 459 -13.76 4.25 7.29
N ILE F 460 -14.36 5.40 6.97
CA ILE F 460 -15.77 5.43 6.56
C ILE F 460 -15.97 4.60 5.30
N LYS F 461 -15.03 4.70 4.36
CA LYS F 461 -15.13 3.97 3.11
C LYS F 461 -14.48 2.59 3.15
N GLY F 462 -13.93 2.19 4.29
CA GLY F 462 -13.34 0.86 4.42
C GLY F 462 -12.11 0.59 3.59
N LEU F 463 -11.18 1.54 3.53
CA LEU F 463 -9.94 1.35 2.80
C LEU F 463 -8.72 1.56 3.69
#